data_6E9B
#
_entry.id   6E9B
#
_cell.length_a   156.292
_cell.length_b   242.207
_cell.length_c   75.227
_cell.angle_alpha   90.000
_cell.angle_beta   90.000
_cell.angle_gamma   90.000
#
_symmetry.space_group_name_H-M   'P 21 21 21'
#
loop_
_entity.id
_entity.type
_entity.pdbx_description
1 polymer 'Mixed-linkage glucan utilization locus (MLGUL) SGBP-B'
2 branched beta-D-glucopyranose-(1-4)-beta-D-glucopyranose-(1-3)-beta-D-glucopyranose-(1-4)-beta-D-glucopyranose-(1-4)-beta-D-glucopyranose-(1-4)-beta-D-glucopyranose-(1-3)-beta-D-glucopyranose
3 non-polymer 'SULFATE ION'
4 water water
#
_entity_poly.entity_id   1
_entity_poly.type   'polypeptide(L)'
_entity_poly.pdbx_seq_one_letter_code
;MGSSHHHHHHSSGLVPRGSHMTEEEPFATVTENDDPHILAPVFPDRTNGQLATFANISRDANLSIALTVTPKDYTTVTWF
IDGQEVESGTDSDKEINRSLKAGTYNLKIEVETVKGKKTSREGLVVVNPLADDPQSKEVAFERIVSPGKTARLYGSNLQN
VTAILLGGNTITDPTYVESADENYLEYTIPTGVSEGDYRIVLQDADGNQYGADMVKVTNASLVISGANRATANVDWTISG
INLENIASLTIGGQTVSQFSNQSSTEITLTCPDLSDGSYTMTGKTRSGEAVQFLNDNITTTEQTVTVSTEITLWSGHHYV
SWDKPDGDPNKTFGLIPMDVFAGITAGSTLKVVYSIEPTAEYHKMQLATGYWTGLASEMEFTENGEYTLILTQDMLNKIQ
AEAGFLCVGHGYYVDLVTVK
;
_entity_poly.pdbx_strand_id   A,B,C,D
#
# COMPACT_ATOMS: atom_id res chain seq x y z
N ASN A 33 -2.57 23.70 -76.15
CA ASN A 33 -1.42 24.57 -75.89
C ASN A 33 -1.83 25.92 -75.26
N ASP A 34 -2.32 25.86 -73.99
CA ASP A 34 -2.82 27.01 -73.20
C ASP A 34 -2.33 26.96 -71.73
N ASP A 35 -3.24 27.25 -70.74
CA ASP A 35 -2.96 27.24 -69.28
C ASP A 35 -4.17 26.73 -68.43
N PRO A 36 -4.03 25.62 -67.65
CA PRO A 36 -5.18 25.11 -66.88
C PRO A 36 -5.21 25.52 -65.39
N HIS A 37 -6.17 24.95 -64.60
CA HIS A 37 -6.31 25.13 -63.14
C HIS A 37 -7.13 24.02 -62.45
N ILE A 38 -8.44 23.86 -62.76
CA ILE A 38 -9.31 22.86 -62.11
C ILE A 38 -9.64 21.65 -63.04
N LEU A 39 -8.77 20.62 -63.01
CA LEU A 39 -9.01 19.36 -63.73
C LEU A 39 -9.95 18.57 -62.80
N ALA A 40 -10.81 17.68 -63.34
CA ALA A 40 -11.74 16.88 -62.50
C ALA A 40 -10.96 15.93 -61.54
N PRO A 41 -11.39 15.64 -60.26
CA PRO A 41 -12.66 16.00 -59.60
C PRO A 41 -12.68 17.35 -58.86
N VAL A 42 -13.80 17.60 -58.14
CA VAL A 42 -14.06 18.81 -57.37
C VAL A 42 -13.53 18.71 -55.92
N PHE A 43 -12.56 19.59 -55.58
CA PHE A 43 -11.88 19.62 -54.28
C PHE A 43 -12.35 20.76 -53.37
N PRO A 44 -12.64 20.48 -52.09
CA PRO A 44 -13.10 21.55 -51.18
C PRO A 44 -11.94 22.40 -50.66
N ASP A 45 -12.23 23.66 -50.29
CA ASP A 45 -11.21 24.60 -49.80
C ASP A 45 -11.36 24.94 -48.31
N ARG A 46 -10.29 25.52 -47.73
CA ARG A 46 -10.18 25.93 -46.32
C ARG A 46 -11.25 26.93 -45.87
N THR A 47 -11.80 26.68 -44.66
CA THR A 47 -12.83 27.47 -43.98
C THR A 47 -12.19 28.57 -43.11
N ASN A 48 -11.09 28.23 -42.42
CA ASN A 48 -10.37 29.10 -41.49
C ASN A 48 -8.89 29.25 -41.89
N GLY A 49 -8.04 29.60 -40.91
CA GLY A 49 -6.60 29.71 -41.07
C GLY A 49 -5.95 28.36 -40.81
N GLN A 50 -6.54 27.29 -41.41
CA GLN A 50 -6.10 25.89 -41.33
C GLN A 50 -6.57 25.11 -42.57
N LEU A 51 -5.67 24.22 -43.07
CA LEU A 51 -5.75 23.40 -44.28
C LEU A 51 -7.05 22.62 -44.51
N ALA A 52 -7.29 22.26 -45.80
CA ALA A 52 -8.46 21.57 -46.34
C ALA A 52 -8.65 20.16 -45.80
N THR A 53 -9.93 19.82 -45.51
CA THR A 53 -10.37 18.54 -44.93
C THR A 53 -9.86 17.34 -45.75
N PHE A 54 -10.24 17.25 -47.04
CA PHE A 54 -9.88 16.20 -48.04
C PHE A 54 -10.29 14.76 -47.63
N ALA A 55 -9.44 13.75 -47.95
CA ALA A 55 -9.68 12.34 -47.72
C ALA A 55 -9.55 11.88 -46.27
N ASN A 56 -10.52 11.02 -45.84
CA ASN A 56 -10.68 10.36 -44.53
C ASN A 56 -11.14 8.90 -44.82
N ILE A 57 -10.32 7.91 -44.44
CA ILE A 57 -10.58 6.50 -44.76
C ILE A 57 -10.35 5.54 -43.56
N SER A 58 -9.55 4.45 -43.78
CA SER A 58 -9.22 3.42 -42.80
C SER A 58 -7.77 2.97 -42.99
N ARG A 59 -7.17 2.33 -41.95
CA ARG A 59 -5.78 1.85 -41.93
C ARG A 59 -5.44 0.92 -43.10
N ASP A 60 -6.38 -0.01 -43.41
CA ASP A 60 -6.25 -0.97 -44.50
C ASP A 60 -6.50 -0.31 -45.87
N ALA A 61 -7.51 0.59 -45.94
CA ALA A 61 -8.00 1.33 -47.12
C ALA A 61 -6.91 2.04 -47.94
N ASN A 62 -7.21 2.25 -49.25
CA ASN A 62 -6.30 2.89 -50.20
C ASN A 62 -6.83 4.22 -50.71
N LEU A 63 -5.98 5.24 -50.65
CA LEU A 63 -6.22 6.62 -51.08
C LEU A 63 -6.41 6.68 -52.61
N SER A 64 -7.68 6.77 -53.09
CA SER A 64 -7.98 6.81 -54.52
C SER A 64 -8.76 8.08 -54.98
N ILE A 65 -8.00 9.05 -55.55
CA ILE A 65 -8.51 10.34 -56.07
C ILE A 65 -7.59 10.91 -57.14
N PRO A 71 -5.49 21.59 -70.31
CA PRO A 71 -4.40 20.73 -69.85
C PRO A 71 -3.95 19.67 -70.86
N LYS A 72 -4.92 18.85 -71.38
CA LYS A 72 -4.77 17.72 -72.33
C LYS A 72 -3.70 16.71 -71.86
N ASP A 73 -2.90 16.14 -72.79
CA ASP A 73 -1.81 15.21 -72.42
C ASP A 73 -0.44 15.83 -72.70
N TYR A 74 -0.27 17.07 -72.22
CA TYR A 74 0.95 17.87 -72.25
C TYR A 74 1.30 18.14 -70.79
N THR A 75 0.53 17.50 -69.88
CA THR A 75 0.61 17.59 -68.42
C THR A 75 1.14 16.27 -67.85
N THR A 78 2.41 15.40 -59.99
CA THR A 78 3.28 14.74 -59.00
C THR A 78 2.61 14.70 -57.59
N TRP A 79 2.87 13.62 -56.83
CA TRP A 79 2.30 13.41 -55.50
C TRP A 79 3.31 13.57 -54.37
N PHE A 80 2.91 14.27 -53.30
CA PHE A 80 3.75 14.59 -52.13
C PHE A 80 3.05 14.32 -50.80
N ILE A 81 3.75 13.66 -49.88
CA ILE A 81 3.26 13.33 -48.54
C ILE A 81 4.22 13.88 -47.51
N ASP A 82 3.73 14.84 -46.70
CA ASP A 82 4.47 15.53 -45.64
C ASP A 82 5.77 16.21 -46.17
N GLY A 83 5.80 16.53 -47.46
CA GLY A 83 6.93 17.18 -48.13
C GLY A 83 7.93 16.21 -48.75
N GLN A 84 7.43 15.12 -49.36
CA GLN A 84 8.26 14.10 -50.00
C GLN A 84 7.60 13.55 -51.27
N GLU A 85 8.37 13.55 -52.39
CA GLU A 85 7.95 13.04 -53.69
C GLU A 85 7.67 11.56 -53.60
N VAL A 86 6.46 11.16 -54.01
CA VAL A 86 6.05 9.77 -53.94
C VAL A 86 5.48 9.28 -55.29
N GLU A 87 5.53 7.97 -55.51
CA GLU A 87 5.04 7.32 -56.71
C GLU A 87 3.52 7.26 -56.72
N SER A 88 2.94 7.40 -57.92
CA SER A 88 1.52 7.23 -58.14
C SER A 88 1.35 5.72 -58.19
N GLY A 89 0.32 5.21 -57.52
CA GLY A 89 0.04 3.77 -57.46
C GLY A 89 -0.05 3.06 -58.79
N THR A 90 -0.80 3.67 -59.74
CA THR A 90 -1.02 3.16 -61.09
C THR A 90 0.09 3.60 -62.06
N ASP A 91 -0.26 3.90 -63.34
CA ASP A 91 0.68 4.36 -64.35
C ASP A 91 0.50 5.88 -64.61
N SER A 92 -0.77 6.36 -64.57
CA SER A 92 -1.17 7.77 -64.73
C SER A 92 -0.70 8.66 -63.55
N ASP A 93 -0.43 9.96 -63.84
CA ASP A 93 -0.01 10.98 -62.85
C ASP A 93 -1.24 11.75 -62.26
N LYS A 94 -2.46 11.21 -62.48
CA LYS A 94 -3.74 11.74 -61.99
C LYS A 94 -4.49 10.68 -61.14
N GLU A 95 -4.23 9.38 -61.40
CA GLU A 95 -4.81 8.25 -60.66
C GLU A 95 -3.87 7.81 -59.55
N ILE A 96 -4.20 8.17 -58.30
CA ILE A 96 -3.44 7.82 -57.10
C ILE A 96 -4.09 6.65 -56.36
N ASN A 97 -3.25 5.69 -55.96
CA ASN A 97 -3.57 4.50 -55.16
C ASN A 97 -2.50 4.48 -54.07
N ARG A 98 -2.90 4.84 -52.83
CA ARG A 98 -1.95 4.92 -51.73
C ARG A 98 -2.43 4.31 -50.41
N SER A 99 -1.69 3.29 -49.92
CA SER A 99 -2.00 2.66 -48.63
C SER A 99 -0.87 2.98 -47.66
N LEU A 100 -1.14 3.97 -46.81
CA LEU A 100 -0.22 4.43 -45.80
C LEU A 100 -0.77 4.10 -44.43
N LYS A 101 0.11 4.14 -43.42
CA LYS A 101 -0.20 3.87 -42.01
C LYS A 101 -1.14 4.93 -41.44
N ALA A 102 -1.89 4.59 -40.39
CA ALA A 102 -2.86 5.48 -39.77
C ALA A 102 -2.28 6.80 -39.27
N GLY A 103 -3.11 7.82 -39.31
CA GLY A 103 -2.74 9.16 -38.89
C GLY A 103 -3.13 10.21 -39.90
N THR A 104 -3.00 11.49 -39.49
CA THR A 104 -3.29 12.66 -40.31
C THR A 104 -2.02 13.08 -41.07
N TYR A 105 -2.16 13.36 -42.37
CA TYR A 105 -1.07 13.68 -43.29
C TYR A 105 -1.30 14.96 -44.10
N ASN A 106 -0.21 15.48 -44.71
CA ASN A 106 -0.25 16.63 -45.61
C ASN A 106 0.00 16.15 -47.05
N LEU A 107 -1.06 16.22 -47.87
CA LEU A 107 -1.07 15.80 -49.27
C LEU A 107 -0.91 17.00 -50.19
N LYS A 108 -0.09 16.84 -51.24
CA LYS A 108 0.15 17.89 -52.24
C LYS A 108 0.07 17.31 -53.65
N ILE A 109 -0.83 17.85 -54.46
CA ILE A 109 -1.03 17.47 -55.84
C ILE A 109 -0.51 18.61 -56.72
N GLU A 110 0.84 18.78 -56.77
CA GLU A 110 1.51 19.83 -57.55
C GLU A 110 1.84 19.31 -58.97
N VAL A 111 0.96 19.69 -59.94
CA VAL A 111 1.03 19.29 -61.35
C VAL A 111 1.58 20.41 -62.25
N GLU A 112 2.56 20.06 -63.12
CA GLU A 112 3.25 20.94 -64.07
C GLU A 112 3.13 20.43 -65.52
N THR A 113 2.82 21.35 -66.45
CA THR A 113 2.69 21.07 -67.88
C THR A 113 4.05 21.16 -68.59
N VAL A 114 4.09 20.93 -69.92
CA VAL A 114 5.32 21.01 -70.74
C VAL A 114 5.94 22.41 -70.74
N LYS A 115 5.09 23.46 -70.76
CA LYS A 115 5.54 24.86 -70.76
C LYS A 115 6.00 25.33 -69.37
N GLY A 116 5.10 25.23 -68.39
CA GLY A 116 5.35 25.65 -67.01
C GLY A 116 4.18 26.35 -66.36
N LYS A 117 2.95 25.83 -66.59
CA LYS A 117 1.73 26.37 -65.98
C LYS A 117 1.72 25.91 -64.52
N LYS A 118 1.47 26.85 -63.58
CA LYS A 118 1.52 26.53 -62.16
C LYS A 118 0.14 26.50 -61.47
N THR A 119 -0.36 25.25 -61.24
CA THR A 119 -1.62 24.93 -60.56
C THR A 119 -1.41 23.74 -59.62
N SER A 120 -1.35 24.04 -58.30
CA SER A 120 -1.11 23.06 -57.22
C SER A 120 -2.24 23.02 -56.15
N ARG A 121 -2.53 21.80 -55.65
CA ARG A 121 -3.54 21.54 -54.63
C ARG A 121 -2.90 21.00 -53.32
N GLU A 122 -3.05 21.74 -52.20
CA GLU A 122 -2.54 21.37 -50.89
C GLU A 122 -3.74 21.08 -49.95
N GLY A 123 -3.75 19.87 -49.37
CA GLY A 123 -4.79 19.39 -48.46
C GLY A 123 -4.35 18.34 -47.44
N LEU A 124 -5.30 17.89 -46.59
CA LEU A 124 -5.04 16.91 -45.53
C LEU A 124 -5.62 15.54 -45.79
N VAL A 125 -4.87 14.47 -45.46
CA VAL A 125 -5.39 13.11 -45.62
C VAL A 125 -5.33 12.39 -44.27
N VAL A 126 -6.52 12.04 -43.76
CA VAL A 126 -6.72 11.36 -42.48
C VAL A 126 -6.93 9.85 -42.62
N VAL A 127 -6.09 9.07 -41.97
CA VAL A 127 -6.17 7.60 -42.00
C VAL A 127 -6.57 7.11 -40.60
N ASN A 128 -7.83 6.67 -40.43
CA ASN A 128 -8.36 6.17 -39.15
C ASN A 128 -7.88 4.74 -38.88
N PRO A 129 -7.36 4.38 -37.67
CA PRO A 129 -6.89 2.99 -37.48
C PRO A 129 -8.05 2.07 -37.13
N LEU A 130 -7.77 0.77 -37.06
CA LEU A 130 -8.83 -0.19 -36.73
C LEU A 130 -8.94 -0.36 -35.22
N ALA A 131 -10.19 -0.45 -34.70
CA ALA A 131 -10.49 -0.59 -33.26
C ALA A 131 -9.53 -1.55 -32.53
N ASP A 132 -9.37 -2.77 -33.08
CA ASP A 132 -8.51 -3.81 -32.52
C ASP A 132 -7.02 -3.55 -32.72
N ASP A 133 -6.69 -2.46 -33.42
CA ASP A 133 -5.30 -2.07 -33.70
C ASP A 133 -4.74 -1.19 -32.62
N PRO A 134 -3.42 -1.35 -32.28
CA PRO A 134 -2.75 -0.42 -31.35
C PRO A 134 -2.76 1.05 -31.83
N GLN A 135 -3.83 1.79 -31.43
CA GLN A 135 -4.08 3.19 -31.72
C GLN A 135 -3.31 4.07 -30.71
N SER A 136 -3.04 5.33 -31.10
CA SER A 136 -2.43 6.38 -30.29
C SER A 136 -2.51 7.71 -31.01
N LYS A 137 -3.03 8.70 -30.29
CA LYS A 137 -3.15 10.08 -30.72
C LYS A 137 -2.56 10.91 -29.57
N GLU A 138 -2.44 12.24 -29.77
CA GLU A 138 -1.99 13.13 -28.72
C GLU A 138 -3.23 13.66 -27.99
N VAL A 139 -3.19 13.61 -26.66
CA VAL A 139 -4.25 14.16 -25.84
C VAL A 139 -3.85 15.59 -25.41
N ALA A 140 -2.54 15.84 -25.05
CA ALA A 140 -2.03 17.19 -24.72
C ALA A 140 -0.53 17.26 -24.30
N PHE A 141 0.35 17.65 -25.24
CA PHE A 141 1.79 17.91 -25.05
C PHE A 141 2.73 16.73 -24.68
N GLU A 142 2.21 15.49 -24.55
CA GLU A 142 3.05 14.33 -24.20
C GLU A 142 3.96 13.93 -25.36
N ARG A 143 3.56 14.33 -26.61
CA ARG A 143 4.28 14.09 -27.86
C ARG A 143 5.54 14.95 -27.98
N ILE A 144 5.61 16.08 -27.26
CA ILE A 144 6.84 16.88 -27.22
C ILE A 144 7.79 16.02 -26.37
N VAL A 145 8.86 15.52 -27.01
CA VAL A 145 9.79 14.60 -26.36
C VAL A 145 11.23 15.10 -26.35
N SER A 146 12.06 14.49 -25.49
CA SER A 146 13.45 14.87 -25.39
C SER A 146 14.44 13.70 -25.53
N PRO A 147 15.53 13.91 -26.31
CA PRO A 147 16.54 12.84 -26.48
C PRO A 147 17.30 12.42 -25.21
N GLY A 148 17.32 11.09 -25.01
CA GLY A 148 17.94 10.41 -23.88
C GLY A 148 16.94 10.11 -22.77
N LYS A 149 15.72 10.70 -22.88
CA LYS A 149 14.65 10.67 -21.88
C LYS A 149 13.47 9.77 -22.22
N THR A 150 12.66 9.47 -21.18
CA THR A 150 11.42 8.72 -21.27
C THR A 150 10.37 9.60 -21.95
N ALA A 151 9.27 8.99 -22.42
CA ALA A 151 8.14 9.66 -23.08
C ALA A 151 6.96 8.72 -23.03
N ARG A 152 5.72 9.21 -23.31
CA ARG A 152 4.57 8.32 -23.24
C ARG A 152 3.55 8.46 -24.36
N LEU A 153 2.74 7.40 -24.58
CA LEU A 153 1.66 7.39 -25.58
C LEU A 153 0.36 6.91 -24.99
N TYR A 154 -0.70 7.73 -25.18
CA TYR A 154 -2.06 7.49 -24.74
C TYR A 154 -2.95 7.11 -25.92
N GLY A 155 -3.58 5.94 -25.85
CA GLY A 155 -4.48 5.48 -26.89
C GLY A 155 -5.29 4.25 -26.49
N SER A 156 -5.13 3.16 -27.28
CA SER A 156 -5.77 1.85 -27.09
C SER A 156 -4.80 0.76 -27.53
N ASN A 157 -5.00 -0.47 -27.05
CA ASN A 157 -4.27 -1.68 -27.40
C ASN A 157 -2.74 -1.55 -27.39
N LEU A 158 -2.19 -0.52 -26.73
CA LEU A 158 -0.73 -0.34 -26.66
C LEU A 158 -0.01 -1.43 -25.87
N GLN A 159 -0.80 -2.39 -25.31
CA GLN A 159 -0.33 -3.55 -24.56
C GLN A 159 0.43 -4.47 -25.52
N ASN A 160 0.08 -4.40 -26.85
CA ASN A 160 0.57 -5.18 -27.99
C ASN A 160 1.94 -4.74 -28.51
N VAL A 161 2.21 -3.44 -28.44
CA VAL A 161 3.41 -2.79 -28.96
C VAL A 161 4.73 -3.32 -28.35
N THR A 162 5.35 -4.33 -29.01
CA THR A 162 6.63 -4.94 -28.60
C THR A 162 7.85 -4.02 -28.84
N ALA A 163 7.69 -3.04 -29.77
CA ALA A 163 8.69 -2.04 -30.16
C ALA A 163 8.08 -0.78 -30.84
N ILE A 164 8.82 0.34 -30.79
CA ILE A 164 8.41 1.63 -31.37
C ILE A 164 9.45 2.07 -32.39
N LEU A 165 9.02 2.67 -33.53
CA LEU A 165 9.99 3.12 -34.53
C LEU A 165 9.90 4.63 -34.75
N LEU A 166 11.03 5.34 -34.48
CA LEU A 166 11.14 6.79 -34.61
C LEU A 166 12.35 7.21 -35.48
N GLY A 167 12.07 7.44 -36.77
CA GLY A 167 13.02 7.87 -37.80
C GLY A 167 14.44 7.32 -37.72
N GLY A 168 14.65 6.15 -38.33
CA GLY A 168 15.95 5.48 -38.35
C GLY A 168 16.41 4.94 -37.01
N ASN A 169 15.43 4.52 -36.17
CA ASN A 169 15.63 3.97 -34.82
C ASN A 169 14.53 2.99 -34.45
N THR A 170 14.92 1.98 -33.65
CA THR A 170 14.05 0.97 -33.05
C THR A 170 14.15 1.10 -31.54
N ILE A 171 12.99 1.31 -30.86
CA ILE A 171 12.86 1.40 -29.42
C ILE A 171 12.57 -0.01 -28.90
N THR A 172 13.61 -0.63 -28.31
CA THR A 172 13.61 -2.01 -27.77
C THR A 172 12.83 -2.18 -26.46
N ASP A 173 12.79 -1.13 -25.57
CA ASP A 173 12.11 -1.21 -24.27
C ASP A 173 10.78 -0.34 -24.11
N PRO A 174 9.64 -0.76 -24.72
CA PRO A 174 8.37 -0.06 -24.47
C PRO A 174 7.63 -0.76 -23.32
N THR A 175 7.42 -0.03 -22.21
CA THR A 175 6.79 -0.49 -20.98
C THR A 175 5.38 0.09 -20.83
N TYR A 176 4.34 -0.75 -20.78
CA TYR A 176 2.96 -0.28 -20.63
C TYR A 176 2.72 -0.06 -19.13
N VAL A 177 2.52 1.21 -18.71
CA VAL A 177 2.39 1.51 -17.28
C VAL A 177 0.92 1.65 -16.85
N GLU A 178 0.59 0.97 -15.72
CA GLU A 178 -0.72 0.88 -15.05
C GLU A 178 -1.02 2.06 -14.10
N SER A 179 -2.09 2.82 -14.40
CA SER A 179 -2.44 4.04 -13.64
C SER A 179 -3.83 4.09 -13.05
N ALA A 180 -3.97 4.97 -12.02
CA ALA A 180 -5.20 5.33 -11.31
C ALA A 180 -6.01 6.25 -12.22
N ASP A 181 -5.34 6.77 -13.26
CA ASP A 181 -5.90 7.63 -14.28
C ASP A 181 -5.77 6.89 -15.62
N GLU A 182 -5.65 7.61 -16.75
CA GLU A 182 -5.50 6.97 -18.05
C GLU A 182 -4.19 6.20 -18.09
N ASN A 183 -4.24 5.00 -18.65
CA ASN A 183 -3.04 4.16 -18.80
C ASN A 183 -2.21 4.70 -19.99
N TYR A 184 -0.91 4.37 -20.02
CA TYR A 184 -0.05 4.87 -21.10
C TYR A 184 1.11 3.92 -21.40
N LEU A 185 1.75 4.11 -22.57
CA LEU A 185 2.90 3.29 -22.93
C LEU A 185 4.10 4.17 -22.92
N GLU A 186 5.08 3.83 -22.07
CA GLU A 186 6.33 4.56 -21.88
C GLU A 186 7.37 4.12 -22.88
N TYR A 187 8.24 5.04 -23.33
CA TYR A 187 9.34 4.77 -24.25
C TYR A 187 10.54 5.69 -24.02
N THR A 188 11.77 5.23 -24.32
CA THR A 188 12.95 6.07 -24.08
C THR A 188 13.61 6.56 -25.39
N ILE A 189 13.36 7.85 -25.72
CA ILE A 189 13.87 8.58 -26.89
C ILE A 189 15.40 8.47 -26.96
N PRO A 190 15.98 7.88 -28.02
CA PRO A 190 17.45 7.74 -28.08
C PRO A 190 18.21 9.05 -28.16
N THR A 191 19.44 9.06 -27.60
CA THR A 191 20.35 10.22 -27.55
C THR A 191 20.70 10.78 -28.94
N GLY A 192 21.03 9.86 -29.86
CA GLY A 192 21.41 10.13 -31.25
C GLY A 192 20.41 10.92 -32.08
N VAL A 193 19.11 10.91 -31.66
CA VAL A 193 18.04 11.61 -32.36
C VAL A 193 18.27 13.10 -32.23
N SER A 194 18.32 13.76 -33.39
CA SER A 194 18.53 15.20 -33.49
C SER A 194 17.14 15.81 -33.43
N GLU A 195 17.06 17.13 -33.20
CA GLU A 195 15.76 17.84 -33.10
C GLU A 195 14.91 17.63 -34.35
N GLY A 196 13.61 17.84 -34.23
CA GLY A 196 12.72 17.72 -35.37
C GLY A 196 11.42 16.98 -35.18
N ASP A 197 10.57 17.06 -36.18
CA ASP A 197 9.28 16.41 -36.24
C ASP A 197 9.45 15.06 -36.90
N TYR A 198 8.86 14.05 -36.29
CA TYR A 198 8.97 12.66 -36.74
C TYR A 198 7.62 11.96 -36.64
N ARG A 199 7.37 11.07 -37.60
CA ARG A 199 6.20 10.22 -37.54
C ARG A 199 6.70 8.93 -36.89
N ILE A 200 5.90 8.33 -36.00
CA ILE A 200 6.33 7.15 -35.26
C ILE A 200 5.54 5.91 -35.67
N VAL A 201 6.14 4.73 -35.46
CA VAL A 201 5.52 3.44 -35.79
C VAL A 201 5.32 2.60 -34.53
N LEU A 202 4.25 1.82 -34.52
CA LEU A 202 3.91 0.92 -33.42
C LEU A 202 3.97 -0.52 -33.93
N GLN A 203 5.13 -1.18 -33.76
CA GLN A 203 5.34 -2.56 -34.24
C GLN A 203 5.03 -3.59 -33.16
N ASP A 204 4.19 -4.59 -33.51
CA ASP A 204 3.78 -5.65 -32.60
C ASP A 204 4.76 -6.86 -32.62
N ALA A 205 4.29 -8.02 -32.14
CA ALA A 205 5.03 -9.28 -32.01
C ALA A 205 5.51 -9.84 -33.35
N ASP A 206 4.54 -10.11 -34.24
CA ASP A 206 4.72 -10.63 -35.60
C ASP A 206 5.57 -9.63 -36.42
N GLY A 207 5.26 -8.34 -36.24
CA GLY A 207 5.96 -7.21 -36.85
C GLY A 207 5.05 -6.26 -37.63
N ASN A 208 3.73 -6.51 -37.58
CA ASN A 208 2.65 -5.87 -38.34
C ASN A 208 2.73 -4.33 -38.55
N GLN A 209 3.42 -3.53 -37.66
CA GLN A 209 3.60 -2.06 -37.81
C GLN A 209 2.29 -1.25 -38.00
N TYR A 210 1.89 -0.44 -37.01
CA TYR A 210 0.64 0.33 -37.04
C TYR A 210 0.83 1.86 -36.91
N GLY A 211 -0.24 2.58 -37.24
CA GLY A 211 -0.26 4.03 -37.30
C GLY A 211 -0.26 4.87 -36.04
N ALA A 212 0.95 5.35 -35.64
CA ALA A 212 1.12 6.29 -34.53
C ALA A 212 1.43 7.63 -35.16
N ASP A 213 0.68 8.67 -34.76
CA ASP A 213 0.76 10.03 -35.32
C ASP A 213 2.13 10.73 -35.12
N MET A 214 2.12 12.08 -35.00
CA MET A 214 3.35 12.87 -34.93
C MET A 214 3.94 13.11 -33.55
N VAL A 215 5.30 13.15 -33.48
CA VAL A 215 6.10 13.41 -32.28
C VAL A 215 7.14 14.54 -32.53
N LYS A 216 7.19 15.58 -31.68
CA LYS A 216 8.15 16.69 -31.82
C LYS A 216 9.32 16.44 -30.89
N VAL A 217 10.54 16.42 -31.41
CA VAL A 217 11.74 16.16 -30.59
C VAL A 217 12.53 17.44 -30.33
N THR A 218 12.85 17.73 -29.03
CA THR A 218 13.60 18.94 -28.65
C THR A 218 14.52 18.72 -27.45
N ASN A 219 15.65 19.45 -27.44
CA ASN A 219 16.64 19.48 -26.37
C ASN A 219 16.53 20.82 -25.63
N ALA A 220 15.78 21.75 -26.23
CA ALA A 220 15.56 23.09 -25.71
C ALA A 220 14.75 23.09 -24.44
N SER A 221 15.06 24.02 -23.52
CA SER A 221 14.27 24.15 -22.31
C SER A 221 12.99 24.87 -22.71
N LEU A 222 11.89 24.10 -22.95
CA LEU A 222 10.62 24.67 -23.43
C LEU A 222 9.46 24.63 -22.40
N VAL A 223 9.02 25.80 -21.94
CA VAL A 223 7.91 26.01 -21.01
C VAL A 223 6.61 25.81 -21.78
N ILE A 224 5.86 24.76 -21.45
CA ILE A 224 4.63 24.43 -22.19
C ILE A 224 3.36 24.95 -21.52
N SER A 225 3.33 25.06 -20.17
CA SER A 225 2.11 25.55 -19.51
C SER A 225 2.26 26.22 -18.13
N GLY A 226 1.17 26.86 -17.74
CA GLY A 226 0.98 27.52 -16.45
C GLY A 226 1.84 28.73 -16.19
N ALA A 227 2.17 29.47 -17.27
CA ALA A 227 3.00 30.67 -17.26
C ALA A 227 2.17 31.91 -17.53
N ASN A 228 1.04 31.74 -18.22
CA ASN A 228 0.12 32.81 -18.62
C ASN A 228 -0.29 33.67 -17.44
N ARG A 229 -0.58 33.04 -16.29
CA ARG A 229 -1.06 33.71 -15.07
C ARG A 229 -0.14 33.28 -13.94
N ALA A 230 0.19 34.24 -13.02
CA ALA A 230 1.05 34.04 -11.84
C ALA A 230 0.64 34.97 -10.69
N THR A 231 0.90 34.56 -9.42
CA THR A 231 0.57 35.37 -8.24
C THR A 231 1.80 35.84 -7.54
N ALA A 232 1.88 37.17 -7.38
CA ALA A 232 2.98 37.87 -6.72
C ALA A 232 3.20 37.39 -5.28
N ASN A 233 4.40 36.79 -5.05
CA ASN A 233 4.99 36.30 -3.80
C ASN A 233 4.54 34.91 -3.40
N VAL A 234 3.72 34.25 -4.21
CA VAL A 234 3.33 32.88 -3.88
C VAL A 234 4.11 31.94 -4.81
N ASP A 235 4.10 30.63 -4.53
CA ASP A 235 4.81 29.72 -5.39
C ASP A 235 4.17 29.74 -6.76
N TRP A 236 5.01 29.65 -7.78
CA TRP A 236 4.60 29.62 -9.16
C TRP A 236 5.23 28.40 -9.80
N THR A 237 4.37 27.50 -10.26
CA THR A 237 4.79 26.23 -10.83
C THR A 237 4.45 26.19 -12.28
N ILE A 238 5.52 26.10 -13.07
CA ILE A 238 5.61 26.12 -14.52
C ILE A 238 6.00 24.73 -14.93
N SER A 239 5.38 24.26 -16.04
CA SER A 239 5.60 22.93 -16.62
C SER A 239 6.02 23.04 -18.08
N GLY A 240 6.99 22.19 -18.44
CA GLY A 240 7.60 22.11 -19.77
C GLY A 240 8.46 20.88 -20.02
N ILE A 241 9.53 21.01 -20.85
CA ILE A 241 10.36 19.85 -21.23
C ILE A 241 11.83 19.87 -20.74
N ASN A 242 12.68 20.84 -21.05
CA ASN A 242 14.04 20.61 -20.56
C ASN A 242 14.40 21.57 -19.45
N LEU A 243 13.41 21.81 -18.59
CA LEU A 243 13.43 22.76 -17.51
C LEU A 243 14.49 22.51 -16.46
N GLU A 244 15.07 21.29 -16.42
CA GLU A 244 16.14 20.97 -15.46
C GLU A 244 17.44 21.74 -15.78
N ASN A 245 17.47 22.36 -16.99
CA ASN A 245 18.56 23.18 -17.52
C ASN A 245 18.32 24.69 -17.37
N ILE A 246 17.11 25.14 -16.95
CA ILE A 246 16.84 26.57 -16.73
C ILE A 246 17.74 27.04 -15.61
N ALA A 247 18.54 28.10 -15.86
CA ALA A 247 19.43 28.67 -14.87
C ALA A 247 18.76 29.84 -14.16
N SER A 248 17.99 30.64 -14.93
CA SER A 248 17.27 31.81 -14.44
C SER A 248 16.08 32.16 -15.29
N LEU A 249 15.06 32.79 -14.67
CA LEU A 249 13.85 33.30 -15.30
C LEU A 249 13.69 34.76 -14.86
N THR A 250 13.32 35.62 -15.80
CA THR A 250 13.15 37.05 -15.55
C THR A 250 11.72 37.50 -15.82
N ILE A 251 11.01 37.98 -14.78
CA ILE A 251 9.64 38.51 -14.90
C ILE A 251 9.66 39.96 -14.47
N GLY A 252 9.15 40.86 -15.33
CA GLY A 252 9.15 42.29 -15.06
C GLY A 252 10.52 42.85 -14.66
N GLY A 253 11.58 42.28 -15.25
CA GLY A 253 12.96 42.63 -14.96
C GLY A 253 13.55 41.80 -13.83
N GLN A 254 12.72 41.51 -12.79
CA GLN A 254 13.15 40.74 -11.64
C GLN A 254 13.58 39.38 -12.08
N THR A 255 14.74 38.97 -11.58
CA THR A 255 15.34 37.70 -11.91
C THR A 255 15.24 36.74 -10.73
N VAL A 256 14.99 35.47 -11.05
CA VAL A 256 14.90 34.36 -10.10
C VAL A 256 15.86 33.26 -10.60
N SER A 257 16.78 32.82 -9.71
CA SER A 257 17.78 31.77 -9.96
C SER A 257 17.54 30.61 -9.00
N GLN A 258 16.94 30.89 -7.83
CA GLN A 258 16.65 29.85 -6.86
C GLN A 258 15.24 29.26 -7.04
N PHE A 259 15.17 27.91 -7.22
CA PHE A 259 13.92 27.19 -7.44
C PHE A 259 13.58 26.14 -6.39
N SER A 260 12.28 26.13 -5.95
CA SER A 260 11.71 25.23 -4.94
C SER A 260 11.79 23.77 -5.39
N ASN A 261 11.45 23.48 -6.67
CA ASN A 261 11.53 22.13 -7.32
C ASN A 261 12.08 22.34 -8.71
N GLN A 262 12.91 21.39 -9.24
CA GLN A 262 13.45 21.46 -10.60
C GLN A 262 13.74 20.10 -11.22
N SER A 263 13.09 19.85 -12.37
CA SER A 263 13.19 18.61 -13.15
C SER A 263 12.78 18.89 -14.58
N SER A 264 13.09 17.94 -15.47
CA SER A 264 12.72 17.96 -16.88
C SER A 264 11.31 18.57 -17.06
N THR A 265 10.27 17.95 -16.48
CA THR A 265 8.88 18.40 -16.57
C THR A 265 8.52 19.70 -15.89
N GLU A 266 8.95 19.92 -14.63
CA GLU A 266 8.45 21.08 -13.91
C GLU A 266 9.47 21.90 -13.14
N ILE A 267 9.04 23.09 -12.72
CA ILE A 267 9.84 24.04 -11.95
C ILE A 267 8.93 24.92 -11.11
N THR A 268 9.29 25.10 -9.85
CA THR A 268 8.54 25.94 -8.91
C THR A 268 9.46 27.09 -8.50
N LEU A 269 8.93 28.31 -8.47
CA LEU A 269 9.70 29.51 -8.12
C LEU A 269 8.81 30.44 -7.32
N THR A 270 9.32 31.53 -6.82
CA THR A 270 8.40 32.43 -6.13
C THR A 270 8.21 33.70 -6.98
N CYS A 271 7.05 33.82 -7.66
CA CYS A 271 6.76 34.95 -8.53
C CYS A 271 7.04 36.26 -7.85
N PRO A 272 7.99 37.04 -8.39
CA PRO A 272 8.41 38.30 -7.72
C PRO A 272 7.31 39.28 -7.31
N ASP A 273 7.65 40.14 -6.37
CA ASP A 273 6.79 41.14 -5.79
C ASP A 273 6.62 42.26 -6.82
N LEU A 274 5.71 42.01 -7.75
CA LEU A 274 5.35 42.89 -8.86
C LEU A 274 3.94 43.39 -8.64
N SER A 275 3.68 44.64 -9.07
CA SER A 275 2.37 45.26 -9.02
C SER A 275 1.43 44.42 -9.91
N ASP A 276 0.10 44.58 -9.74
CA ASP A 276 -0.82 43.82 -10.58
C ASP A 276 -0.61 44.35 -12.02
N GLY A 277 -0.53 43.43 -13.00
CA GLY A 277 -0.33 43.76 -14.40
C GLY A 277 0.24 42.68 -15.28
N SER A 278 0.45 43.00 -16.56
CA SER A 278 1.01 42.10 -17.58
C SER A 278 2.48 42.36 -17.71
N TYR A 279 3.28 41.32 -17.51
CA TYR A 279 4.72 41.40 -17.54
C TYR A 279 5.30 40.53 -18.61
N THR A 280 6.63 40.57 -18.76
CA THR A 280 7.33 39.80 -19.78
C THR A 280 8.21 38.89 -19.00
N MET A 281 8.19 37.64 -19.39
CA MET A 281 9.06 36.64 -18.82
C MET A 281 9.95 36.07 -19.89
N THR A 282 11.22 36.09 -19.60
CA THR A 282 12.27 35.54 -20.41
C THR A 282 13.03 34.64 -19.45
N GLY A 283 13.98 33.90 -19.97
CA GLY A 283 14.75 32.98 -19.16
C GLY A 283 15.90 32.48 -19.98
N LYS A 284 16.96 32.08 -19.28
CA LYS A 284 18.18 31.60 -19.90
C LYS A 284 18.64 30.29 -19.25
N THR A 285 19.25 29.40 -20.05
CA THR A 285 19.74 28.08 -19.62
C THR A 285 21.07 28.16 -18.85
N ARG A 286 21.59 26.99 -18.38
CA ARG A 286 22.89 26.87 -17.70
C ARG A 286 23.94 27.22 -18.75
N SER A 287 23.70 26.74 -20.01
CA SER A 287 24.52 26.96 -21.20
C SER A 287 24.52 28.44 -21.62
N GLY A 288 23.33 29.04 -21.68
CA GLY A 288 23.19 30.45 -22.04
C GLY A 288 22.09 30.78 -23.03
N GLU A 289 21.51 29.74 -23.67
CA GLU A 289 20.43 29.86 -24.66
C GLU A 289 19.11 30.34 -24.00
N ALA A 290 18.27 31.04 -24.78
CA ALA A 290 16.99 31.53 -24.31
C ALA A 290 16.01 30.40 -24.12
N VAL A 291 15.28 30.45 -23.00
CA VAL A 291 14.23 29.50 -22.67
C VAL A 291 13.04 29.86 -23.58
N GLN A 292 12.54 28.88 -24.33
CA GLN A 292 11.43 29.05 -25.23
C GLN A 292 10.07 28.95 -24.52
N PHE A 293 9.00 29.42 -25.18
CA PHE A 293 7.66 29.42 -24.62
C PHE A 293 6.58 29.06 -25.66
N LEU A 294 6.01 27.86 -25.52
CA LEU A 294 4.91 27.35 -26.35
C LEU A 294 3.63 27.99 -25.83
N ASN A 295 2.79 28.47 -26.77
CA ASN A 295 1.51 29.15 -26.50
C ASN A 295 0.63 29.11 -27.74
N ASP A 296 -0.44 28.28 -27.73
CA ASP A 296 -1.34 28.07 -28.89
C ASP A 296 -0.49 27.63 -30.10
N ASN A 297 0.42 26.67 -29.81
CA ASN A 297 1.43 25.99 -30.65
C ASN A 297 2.57 26.89 -31.16
N ILE A 298 2.51 28.21 -30.86
CA ILE A 298 3.46 29.22 -31.31
C ILE A 298 4.60 29.37 -30.34
N THR A 299 5.76 28.82 -30.70
CA THR A 299 6.95 28.91 -29.85
C THR A 299 7.51 30.35 -29.90
N THR A 300 7.95 30.84 -28.74
CA THR A 300 8.48 32.19 -28.62
C THR A 300 9.69 32.13 -27.72
N THR A 301 10.26 33.29 -27.44
CA THR A 301 11.42 33.50 -26.60
C THR A 301 11.00 34.42 -25.38
N GLU A 302 9.77 34.99 -25.46
CA GLU A 302 9.17 35.88 -24.46
C GLU A 302 7.76 35.39 -24.11
N GLN A 303 7.40 35.47 -22.81
CA GLN A 303 6.08 35.06 -22.31
C GLN A 303 5.38 36.19 -21.58
N THR A 304 4.09 36.42 -21.89
CA THR A 304 3.27 37.41 -21.19
C THR A 304 2.62 36.75 -20.00
N VAL A 305 2.99 37.24 -18.79
CA VAL A 305 2.56 36.73 -17.50
C VAL A 305 1.64 37.73 -16.86
N THR A 306 0.47 37.29 -16.39
CA THR A 306 -0.42 38.25 -15.75
C THR A 306 -0.35 38.07 -14.27
N VAL A 307 0.33 39.02 -13.63
CA VAL A 307 0.52 38.99 -12.19
C VAL A 307 -0.68 39.63 -11.48
N SER A 308 -1.10 38.95 -10.42
CA SER A 308 -2.27 39.27 -9.61
C SER A 308 -1.89 39.11 -8.15
N THR A 309 -2.51 39.88 -7.25
CA THR A 309 -2.19 39.76 -5.83
C THR A 309 -3.42 39.21 -5.09
N GLU A 310 -3.19 38.15 -4.29
CA GLU A 310 -4.17 37.39 -3.54
C GLU A 310 -4.44 37.98 -2.12
N ILE A 311 -5.60 38.65 -2.02
CA ILE A 311 -6.09 39.36 -0.84
C ILE A 311 -6.98 38.44 -0.03
N THR A 312 -6.56 38.14 1.22
CA THR A 312 -7.28 37.27 2.16
C THR A 312 -8.49 37.97 2.76
N LEU A 313 -9.66 37.41 2.53
CA LEU A 313 -10.89 37.98 3.03
C LEU A 313 -11.25 37.37 4.36
N TRP A 314 -10.75 36.14 4.66
CA TRP A 314 -11.03 35.49 5.93
C TRP A 314 -10.16 34.28 6.19
N SER A 315 -9.77 34.05 7.45
CA SER A 315 -9.01 32.90 7.87
C SER A 315 -9.55 32.38 9.18
N GLY A 316 -9.57 31.05 9.32
CA GLY A 316 -10.05 30.36 10.51
C GLY A 316 -10.37 28.92 10.21
N HIS A 317 -11.26 28.30 11.02
CA HIS A 317 -11.66 26.89 10.82
C HIS A 317 -13.14 26.78 11.19
N HIS A 318 -14.00 27.21 10.24
CA HIS A 318 -15.44 27.28 10.46
C HIS A 318 -16.22 26.09 9.90
N TYR A 319 -16.76 25.27 10.79
CA TYR A 319 -17.56 24.15 10.34
C TYR A 319 -18.92 24.57 9.81
N VAL A 320 -19.37 23.88 8.74
CA VAL A 320 -20.64 24.10 8.04
C VAL A 320 -21.50 22.86 8.05
N SER A 321 -22.70 22.91 8.65
CA SER A 321 -23.71 21.84 8.58
C SER A 321 -25.13 22.39 8.52
N TRP A 322 -25.79 22.27 7.35
CA TRP A 322 -27.18 22.73 7.14
C TRP A 322 -28.18 21.95 8.01
N ASP A 323 -27.70 20.87 8.63
CA ASP A 323 -28.52 20.09 9.56
C ASP A 323 -28.71 20.89 10.90
N LYS A 324 -27.76 21.84 11.27
CA LYS A 324 -27.81 22.68 12.49
C LYS A 324 -29.08 23.55 12.51
N PRO A 325 -29.55 24.06 13.68
CA PRO A 325 -30.76 24.87 13.66
C PRO A 325 -30.54 26.24 13.05
N ASP A 326 -31.63 26.82 12.54
CA ASP A 326 -31.61 28.17 12.00
C ASP A 326 -31.19 29.07 13.13
N GLY A 327 -30.21 29.92 12.83
CA GLY A 327 -29.62 30.80 13.82
C GLY A 327 -28.33 30.26 14.37
N ASP A 328 -28.04 28.97 14.14
CA ASP A 328 -26.77 28.41 14.58
C ASP A 328 -25.68 28.96 13.66
N PRO A 329 -24.61 29.57 14.27
CA PRO A 329 -23.52 30.17 13.46
C PRO A 329 -22.87 29.26 12.44
N ASN A 330 -22.95 27.92 12.68
CA ASN A 330 -22.33 26.87 11.89
C ASN A 330 -23.29 26.17 10.95
N LYS A 331 -24.49 26.75 10.71
CA LYS A 331 -25.41 26.17 9.74
C LYS A 331 -24.83 26.50 8.36
N THR A 332 -24.17 27.68 8.27
CA THR A 332 -23.50 28.19 7.08
C THR A 332 -22.29 29.03 7.47
N PHE A 333 -21.44 29.26 6.45
CA PHE A 333 -20.32 30.18 6.54
C PHE A 333 -20.76 31.47 5.85
N GLY A 334 -20.80 32.55 6.63
CA GLY A 334 -21.16 33.87 6.15
C GLY A 334 -20.49 34.95 6.97
N LEU A 335 -19.20 34.79 7.21
CA LEU A 335 -18.42 35.69 8.03
C LEU A 335 -17.78 36.81 7.23
N ILE A 336 -17.99 36.84 5.89
CA ILE A 336 -17.44 37.91 5.04
C ILE A 336 -18.57 38.83 4.72
N PRO A 337 -18.55 40.01 5.38
CA PRO A 337 -19.63 40.98 5.20
C PRO A 337 -19.81 41.47 3.78
N MET A 338 -21.03 41.91 3.48
CA MET A 338 -21.48 42.43 2.17
C MET A 338 -20.58 43.51 1.61
N ASP A 339 -20.21 44.50 2.45
CA ASP A 339 -19.33 45.61 2.06
C ASP A 339 -18.05 45.11 1.39
N VAL A 340 -17.49 43.96 1.84
CA VAL A 340 -16.29 43.35 1.26
C VAL A 340 -16.56 42.92 -0.17
N PHE A 341 -17.66 42.17 -0.37
CA PHE A 341 -18.06 41.66 -1.67
C PHE A 341 -18.47 42.74 -2.65
N ALA A 342 -18.77 43.94 -2.14
CA ALA A 342 -19.16 45.05 -2.97
C ALA A 342 -17.87 45.54 -3.63
N GLY A 343 -16.78 45.58 -2.83
CA GLY A 343 -15.45 45.99 -3.24
C GLY A 343 -14.88 45.25 -4.44
N ILE A 344 -15.01 43.91 -4.41
CA ILE A 344 -14.53 43.01 -5.45
C ILE A 344 -15.01 43.44 -6.85
N THR A 345 -14.04 43.53 -7.76
CA THR A 345 -14.22 43.92 -9.14
C THR A 345 -14.59 42.70 -9.96
N ALA A 346 -15.44 42.88 -11.01
CA ALA A 346 -15.84 41.75 -11.89
C ALA A 346 -14.63 41.10 -12.56
N GLY A 347 -14.53 39.78 -12.42
CA GLY A 347 -13.44 38.99 -12.96
C GLY A 347 -12.50 38.46 -11.91
N SER A 348 -12.64 38.97 -10.67
CA SER A 348 -11.79 38.53 -9.55
C SER A 348 -11.94 37.02 -9.27
N THR A 349 -10.96 36.40 -8.65
CA THR A 349 -11.08 34.95 -8.48
C THR A 349 -11.15 34.58 -7.01
N LEU A 350 -12.36 34.20 -6.58
CA LEU A 350 -12.64 33.76 -5.22
C LEU A 350 -12.21 32.32 -5.05
N LYS A 351 -11.59 32.03 -3.90
CA LYS A 351 -11.05 30.74 -3.53
C LYS A 351 -11.45 30.52 -2.10
N VAL A 352 -12.02 29.34 -1.84
CA VAL A 352 -12.48 28.92 -0.51
C VAL A 352 -11.70 27.66 -0.18
N VAL A 353 -10.77 27.76 0.75
CA VAL A 353 -9.98 26.59 1.14
C VAL A 353 -10.81 25.84 2.15
N TYR A 354 -11.23 24.64 1.75
CA TYR A 354 -12.07 23.77 2.58
C TYR A 354 -11.30 22.55 3.10
N SER A 355 -11.70 22.04 4.28
CA SER A 355 -11.13 20.83 4.88
C SER A 355 -12.23 20.00 5.46
N ILE A 356 -12.16 18.69 5.26
CA ILE A 356 -13.21 17.73 5.63
C ILE A 356 -13.35 17.52 7.12
N GLU A 357 -14.51 17.04 7.55
CA GLU A 357 -14.68 16.64 8.93
C GLU A 357 -14.74 15.12 8.87
N PRO A 358 -13.59 14.45 9.15
CA PRO A 358 -13.55 12.97 9.08
C PRO A 358 -14.75 12.25 9.65
N THR A 359 -15.31 12.68 10.82
CA THR A 359 -16.47 12.02 11.42
C THR A 359 -17.74 12.11 10.59
N ALA A 360 -17.75 12.98 9.59
CA ALA A 360 -18.90 13.18 8.74
C ALA A 360 -19.19 12.04 7.82
N GLU A 361 -20.48 11.68 7.77
CA GLU A 361 -21.07 10.65 6.90
C GLU A 361 -20.99 11.04 5.36
N TYR A 362 -20.89 12.37 5.04
CA TYR A 362 -20.79 12.94 3.69
C TYR A 362 -20.20 14.34 3.70
N HIS A 363 -19.58 14.73 2.56
CA HIS A 363 -19.00 16.06 2.40
C HIS A 363 -19.52 16.63 1.10
N LYS A 364 -20.34 17.69 1.22
CA LYS A 364 -20.94 18.47 0.13
C LYS A 364 -20.91 19.98 0.51
N MET A 365 -20.70 20.86 -0.47
CA MET A 365 -20.60 22.31 -0.20
C MET A 365 -21.13 23.08 -1.41
N GLN A 366 -21.35 24.41 -1.26
CA GLN A 366 -21.79 25.24 -2.37
C GLN A 366 -21.63 26.69 -2.01
N LEU A 367 -21.22 27.51 -3.01
CA LEU A 367 -21.04 28.95 -2.86
C LEU A 367 -22.35 29.60 -3.30
N ALA A 368 -23.00 30.29 -2.36
CA ALA A 368 -24.32 30.89 -2.57
C ALA A 368 -24.39 32.29 -2.07
N THR A 369 -25.53 32.95 -2.34
CA THR A 369 -25.82 34.26 -1.81
C THR A 369 -26.43 34.05 -0.41
N GLY A 370 -26.93 35.12 0.17
CA GLY A 370 -27.56 35.08 1.48
C GLY A 370 -28.94 34.49 1.41
N TYR A 371 -29.54 34.53 0.19
CA TYR A 371 -30.88 34.00 -0.11
C TYR A 371 -30.69 32.57 -0.49
N TRP A 372 -29.42 32.09 -0.43
CA TRP A 372 -28.98 30.72 -0.72
C TRP A 372 -29.00 30.39 -2.18
N THR A 373 -28.97 31.40 -3.05
CA THR A 373 -28.93 31.18 -4.49
C THR A 373 -27.52 30.75 -4.83
N GLY A 374 -27.39 29.60 -5.46
CA GLY A 374 -26.09 29.09 -5.81
C GLY A 374 -25.46 29.91 -6.89
N LEU A 375 -24.14 30.19 -6.72
CA LEU A 375 -23.28 30.92 -7.66
C LEU A 375 -22.62 29.91 -8.59
N ALA A 376 -22.58 28.66 -8.16
CA ALA A 376 -22.05 27.49 -8.88
C ALA A 376 -22.74 26.23 -8.38
N SER A 377 -22.43 25.08 -8.98
CA SER A 377 -23.03 23.80 -8.62
C SER A 377 -22.62 23.33 -7.25
N GLU A 378 -23.47 22.45 -6.67
CA GLU A 378 -23.18 21.79 -5.40
C GLU A 378 -21.98 20.84 -5.64
N MET A 379 -21.22 20.51 -4.59
CA MET A 379 -20.08 19.64 -4.75
C MET A 379 -19.94 18.61 -3.67
N GLU A 380 -19.95 17.34 -4.10
CA GLU A 380 -19.74 16.17 -3.27
C GLU A 380 -18.24 15.92 -3.44
N PHE A 381 -17.52 15.89 -2.31
CA PHE A 381 -16.08 15.72 -2.23
C PHE A 381 -15.72 14.82 -1.09
N THR A 382 -14.51 14.26 -1.10
CA THR A 382 -14.14 13.33 -0.04
C THR A 382 -12.88 13.75 0.69
N GLU A 383 -12.01 14.52 0.00
CA GLU A 383 -10.77 15.02 0.59
C GLU A 383 -10.73 16.53 0.55
N ASN A 384 -9.75 17.17 1.23
CA ASN A 384 -9.61 18.64 1.27
C ASN A 384 -9.32 19.26 -0.12
N GLY A 385 -9.28 20.59 -0.18
CA GLY A 385 -9.04 21.27 -1.45
C GLY A 385 -9.40 22.73 -1.44
N GLU A 386 -9.26 23.36 -2.58
CA GLU A 386 -9.53 24.78 -2.74
C GLU A 386 -10.54 25.00 -3.88
N TYR A 387 -11.66 25.70 -3.58
CA TYR A 387 -12.72 25.94 -4.55
C TYR A 387 -12.52 27.27 -5.18
N THR A 388 -12.39 27.31 -6.52
CA THR A 388 -12.17 28.58 -7.19
C THR A 388 -13.34 28.95 -8.08
N LEU A 389 -13.61 30.25 -8.12
CA LEU A 389 -14.74 30.81 -8.85
C LEU A 389 -14.50 32.25 -9.31
N ILE A 390 -14.60 32.44 -10.65
CA ILE A 390 -14.49 33.77 -11.23
C ILE A 390 -15.83 34.47 -10.94
N LEU A 391 -15.80 35.70 -10.39
CA LEU A 391 -16.98 36.41 -9.94
C LEU A 391 -17.53 37.41 -10.94
N THR A 392 -18.54 36.98 -11.72
CA THR A 392 -19.26 37.76 -12.74
C THR A 392 -19.82 39.02 -12.13
N GLN A 393 -20.03 40.06 -12.95
CA GLN A 393 -20.66 41.29 -12.48
C GLN A 393 -22.04 40.97 -11.94
N ASP A 394 -22.74 40.00 -12.60
CA ASP A 394 -24.07 39.48 -12.19
C ASP A 394 -24.01 38.82 -10.82
N MET A 395 -23.04 37.90 -10.62
CA MET A 395 -22.78 37.23 -9.35
C MET A 395 -22.56 38.25 -8.26
N LEU A 396 -21.87 39.36 -8.58
CA LEU A 396 -21.59 40.42 -7.62
C LEU A 396 -22.86 41.20 -7.27
N ASN A 397 -23.75 41.37 -8.28
CA ASN A 397 -25.02 42.07 -8.15
C ASN A 397 -25.98 41.21 -7.31
N LYS A 398 -26.00 39.88 -7.60
CA LYS A 398 -26.85 38.93 -6.88
C LYS A 398 -26.46 38.94 -5.44
N ILE A 399 -25.15 39.04 -5.19
CA ILE A 399 -24.63 39.11 -3.84
C ILE A 399 -25.25 40.31 -3.12
N GLN A 400 -25.28 41.50 -3.74
CA GLN A 400 -25.78 42.68 -3.04
C GLN A 400 -27.27 42.68 -2.90
N ALA A 401 -27.94 42.15 -3.93
CA ALA A 401 -29.39 42.04 -4.00
C ALA A 401 -29.92 41.02 -2.97
N GLU A 402 -29.16 39.94 -2.77
CA GLU A 402 -29.52 38.80 -1.98
C GLU A 402 -28.70 38.56 -0.76
N ALA A 403 -28.61 39.55 0.12
CA ALA A 403 -28.03 39.44 1.46
C ALA A 403 -26.58 38.99 1.62
N GLY A 404 -25.74 39.10 0.60
CA GLY A 404 -24.33 38.78 0.75
C GLY A 404 -23.95 37.39 0.34
N PHE A 405 -22.74 36.95 0.73
CA PHE A 405 -22.20 35.66 0.31
C PHE A 405 -22.22 34.70 1.43
N LEU A 406 -22.52 33.45 1.09
CA LEU A 406 -22.59 32.32 1.99
C LEU A 406 -21.85 31.13 1.39
N CYS A 407 -21.46 30.21 2.30
CA CYS A 407 -20.88 28.90 2.06
C CYS A 407 -21.74 27.94 2.82
N VAL A 408 -22.60 27.30 2.07
CA VAL A 408 -23.64 26.37 2.46
C VAL A 408 -23.13 24.90 2.35
N GLY A 409 -23.79 23.97 3.04
CA GLY A 409 -23.38 22.59 2.86
C GLY A 409 -23.29 21.75 4.10
N HIS A 410 -22.61 20.62 3.97
CA HIS A 410 -22.44 19.74 5.10
C HIS A 410 -21.02 19.14 5.25
N GLY A 411 -20.65 18.91 6.48
CA GLY A 411 -19.45 18.20 6.88
C GLY A 411 -18.09 18.69 6.46
N TYR A 412 -17.89 19.98 6.42
CA TYR A 412 -16.60 20.52 6.04
C TYR A 412 -16.31 21.80 6.82
N TYR A 413 -15.11 22.32 6.62
CA TYR A 413 -14.65 23.49 7.30
C TYR A 413 -14.22 24.47 6.28
N VAL A 414 -14.50 25.75 6.56
CA VAL A 414 -14.04 26.83 5.68
C VAL A 414 -12.84 27.27 6.47
N ASP A 415 -11.70 27.35 5.78
CA ASP A 415 -10.43 27.70 6.41
C ASP A 415 -9.90 29.00 5.89
N LEU A 416 -10.16 29.28 4.62
CA LEU A 416 -9.63 30.47 4.01
C LEU A 416 -10.47 30.92 2.80
N VAL A 417 -10.66 32.21 2.67
CA VAL A 417 -11.34 32.81 1.55
C VAL A 417 -10.38 33.91 1.06
N THR A 418 -10.04 33.88 -0.22
CA THR A 418 -9.10 34.87 -0.81
C THR A 418 -9.67 35.38 -2.11
N VAL A 419 -9.13 36.50 -2.61
CA VAL A 419 -9.58 37.08 -3.87
C VAL A 419 -8.38 37.58 -4.68
N LYS A 420 -8.43 37.38 -6.03
CA LYS A 420 -7.42 37.84 -6.97
C LYS A 420 -7.97 38.01 -8.38
N ASN B 33 -35.05 24.41 -67.08
CA ASN B 33 -33.66 24.88 -67.12
C ASN B 33 -32.70 23.89 -66.40
N ASP B 34 -31.37 24.18 -66.46
CA ASP B 34 -30.27 23.39 -65.86
C ASP B 34 -30.15 23.67 -64.33
N ASP B 35 -29.45 22.78 -63.58
CA ASP B 35 -29.32 22.95 -62.11
C ASP B 35 -27.92 22.61 -61.46
N PRO B 36 -26.72 22.97 -62.03
CA PRO B 36 -25.44 22.64 -61.36
C PRO B 36 -25.20 23.30 -59.99
N HIS B 37 -24.27 22.72 -59.22
CA HIS B 37 -23.91 23.07 -57.83
C HIS B 37 -22.93 24.28 -57.71
N ILE B 38 -23.36 25.37 -57.02
CA ILE B 38 -22.52 26.58 -56.82
C ILE B 38 -21.37 26.26 -55.86
N PRO B 41 -18.17 26.78 -53.39
CA PRO B 41 -17.35 26.35 -52.25
C PRO B 41 -16.79 24.91 -52.35
N VAL B 42 -17.59 23.97 -52.92
CA VAL B 42 -17.31 22.54 -53.11
C VAL B 42 -17.39 21.78 -51.78
N PHE B 43 -18.34 20.84 -51.69
CA PHE B 43 -18.54 19.99 -50.52
C PHE B 43 -17.61 18.76 -50.59
N PRO B 44 -17.02 18.30 -49.45
CA PRO B 44 -16.14 17.12 -49.52
C PRO B 44 -16.92 15.81 -49.59
N ASP B 45 -16.19 14.71 -49.88
CA ASP B 45 -16.72 13.36 -50.00
C ASP B 45 -17.03 12.73 -48.63
N ARG B 46 -18.06 11.87 -48.57
CA ARG B 46 -18.46 11.15 -47.35
C ARG B 46 -17.50 9.95 -47.19
N THR B 47 -16.83 9.85 -46.00
CA THR B 47 -15.84 8.84 -45.60
C THR B 47 -16.21 7.40 -46.03
N ASN B 48 -17.27 6.85 -45.39
CA ASN B 48 -17.83 5.51 -45.62
C ASN B 48 -19.30 5.57 -45.16
N GLY B 49 -19.49 6.09 -43.95
CA GLY B 49 -20.80 6.29 -43.32
C GLY B 49 -20.88 7.64 -42.64
N GLN B 50 -19.71 8.24 -42.35
CA GLN B 50 -19.60 9.55 -41.71
C GLN B 50 -19.48 10.67 -42.74
N LEU B 51 -20.43 11.64 -42.69
CA LEU B 51 -20.46 12.82 -43.58
C LEU B 51 -19.35 13.78 -43.16
N ALA B 52 -18.71 14.46 -44.13
CA ALA B 52 -17.58 15.38 -43.90
C ALA B 52 -17.92 16.63 -43.06
N THR B 53 -16.88 17.33 -42.52
CA THR B 53 -17.04 18.54 -41.70
C THR B 53 -17.02 19.78 -42.61
N PHE B 54 -18.22 20.32 -42.89
CA PHE B 54 -18.47 21.49 -43.71
C PHE B 54 -17.97 22.76 -43.05
N ALA B 55 -18.10 22.83 -41.71
CA ALA B 55 -17.67 23.97 -40.89
C ALA B 55 -17.27 23.58 -39.46
N ASN B 56 -16.18 24.19 -38.95
CA ASN B 56 -15.63 24.00 -37.60
C ASN B 56 -15.35 25.38 -37.01
N ILE B 57 -16.38 25.98 -36.37
CA ILE B 57 -16.34 27.32 -35.78
C ILE B 57 -16.60 27.31 -34.26
N SER B 58 -16.80 28.51 -33.66
CA SER B 58 -17.07 28.69 -32.24
C SER B 58 -18.43 29.37 -31.97
N ARG B 59 -18.96 29.23 -30.73
CA ARG B 59 -20.25 29.81 -30.30
C ARG B 59 -20.33 31.32 -30.51
N ASP B 60 -19.27 32.06 -30.07
CA ASP B 60 -19.13 33.52 -30.19
C ASP B 60 -19.19 33.97 -31.65
N ALA B 61 -18.71 33.07 -32.54
CA ALA B 61 -18.67 33.21 -33.99
C ALA B 61 -19.99 32.75 -34.63
N ASN B 62 -20.18 33.13 -35.90
CA ASN B 62 -21.37 32.82 -36.70
C ASN B 62 -21.06 31.70 -37.72
N LEU B 63 -22.08 31.28 -38.49
CA LEU B 63 -22.01 30.24 -39.52
C LEU B 63 -22.27 30.86 -40.90
N SER B 64 -21.18 31.12 -41.66
CA SER B 64 -21.24 31.75 -42.98
C SER B 64 -21.03 30.72 -44.11
N ILE B 65 -21.63 31.00 -45.29
CA ILE B 65 -21.54 30.17 -46.50
C ILE B 65 -21.42 31.04 -47.77
N THR B 70 -26.87 28.18 -59.61
CA THR B 70 -26.53 28.48 -61.00
C THR B 70 -27.53 29.43 -61.69
N PRO B 71 -28.88 29.14 -61.77
CA PRO B 71 -29.77 30.10 -62.45
C PRO B 71 -30.02 31.35 -61.61
N LYS B 72 -29.44 32.50 -62.04
CA LYS B 72 -29.53 33.82 -61.40
C LYS B 72 -30.98 34.28 -61.16
N ASP B 73 -31.93 33.76 -61.96
CA ASP B 73 -33.36 34.07 -61.85
C ASP B 73 -34.01 33.27 -60.72
N TYR B 74 -33.88 31.92 -60.76
CA TYR B 74 -34.44 31.05 -59.73
C TYR B 74 -33.40 30.04 -59.25
N THR B 75 -33.01 30.15 -57.96
CA THR B 75 -32.01 29.30 -57.31
C THR B 75 -32.61 28.67 -56.05
N THR B 78 -33.33 26.23 -49.24
CA THR B 78 -34.10 25.48 -48.25
C THR B 78 -33.16 24.83 -47.23
N TRP B 79 -32.62 25.67 -46.34
CA TRP B 79 -31.69 25.31 -45.27
C TRP B 79 -32.28 24.34 -44.25
N PHE B 80 -31.41 23.58 -43.55
CA PHE B 80 -31.77 22.59 -42.54
C PHE B 80 -30.74 22.50 -41.42
N ILE B 81 -31.22 22.38 -40.18
CA ILE B 81 -30.40 22.23 -39.00
C ILE B 81 -30.98 21.08 -38.21
N ASP B 82 -30.19 19.99 -38.06
CA ASP B 82 -30.56 18.73 -37.41
C ASP B 82 -31.92 18.20 -37.93
N GLY B 83 -32.10 18.35 -39.25
CA GLY B 83 -33.30 17.94 -39.96
C GLY B 83 -34.53 18.74 -39.61
N GLN B 84 -34.44 20.08 -39.70
CA GLN B 84 -35.57 20.99 -39.42
C GLN B 84 -35.45 22.27 -40.23
N GLU B 85 -36.54 22.67 -40.93
CA GLU B 85 -36.56 23.87 -41.77
C GLU B 85 -36.24 25.09 -40.92
N VAL B 86 -35.18 25.80 -41.30
CA VAL B 86 -34.68 26.97 -40.58
C VAL B 86 -34.40 28.15 -41.55
N GLU B 87 -34.71 29.37 -41.10
CA GLU B 87 -34.51 30.63 -41.82
C GLU B 87 -33.02 30.82 -42.12
N SER B 88 -32.69 31.36 -43.31
CA SER B 88 -31.30 31.69 -43.64
C SER B 88 -30.92 32.83 -42.68
N GLY B 89 -29.70 32.78 -42.16
CA GLY B 89 -29.21 33.80 -41.25
C GLY B 89 -29.55 35.20 -41.70
N THR B 90 -29.10 35.59 -42.93
CA THR B 90 -29.34 36.90 -43.57
C THR B 90 -30.73 37.01 -44.24
N ASP B 91 -31.00 38.16 -44.89
CA ASP B 91 -32.23 38.47 -45.63
C ASP B 91 -32.37 37.55 -46.86
N SER B 92 -31.27 37.43 -47.63
CA SER B 92 -31.20 36.57 -48.82
C SER B 92 -31.26 35.09 -48.42
N ASP B 93 -31.99 34.31 -49.23
CA ASP B 93 -32.15 32.87 -49.08
C ASP B 93 -30.90 32.15 -49.56
N LYS B 94 -30.00 32.91 -50.21
CA LYS B 94 -28.73 32.46 -50.76
C LYS B 94 -27.63 32.41 -49.70
N GLU B 95 -27.67 33.33 -48.70
CA GLU B 95 -26.65 33.40 -47.63
C GLU B 95 -27.16 33.11 -46.21
N ILE B 96 -26.34 32.39 -45.44
CA ILE B 96 -26.59 32.04 -44.06
C ILE B 96 -25.57 32.74 -43.14
N ASN B 97 -26.03 33.13 -41.94
CA ASN B 97 -25.26 33.74 -40.86
C ASN B 97 -25.96 33.37 -39.55
N ARG B 98 -26.00 32.07 -39.27
CA ARG B 98 -26.64 31.61 -38.07
C ARG B 98 -25.64 31.47 -36.92
N SER B 99 -26.15 31.61 -35.70
CA SER B 99 -25.45 31.47 -34.43
C SER B 99 -26.50 30.91 -33.46
N LEU B 100 -26.43 29.58 -33.20
CA LEU B 100 -27.42 28.90 -32.36
C LEU B 100 -26.89 28.55 -30.95
N LYS B 101 -26.12 27.45 -30.83
CA LYS B 101 -25.49 26.96 -29.60
C LYS B 101 -24.16 26.33 -30.01
N ALA B 102 -23.69 25.28 -29.30
CA ALA B 102 -22.44 24.57 -29.61
C ALA B 102 -22.62 23.05 -29.58
N GLY B 103 -21.82 22.36 -30.38
CA GLY B 103 -21.83 20.91 -30.56
C GLY B 103 -21.81 20.53 -32.02
N THR B 104 -22.12 19.25 -32.34
CA THR B 104 -22.12 18.75 -33.72
C THR B 104 -23.53 18.88 -34.33
N TYR B 105 -23.65 19.53 -35.51
CA TYR B 105 -24.92 19.80 -36.19
C TYR B 105 -24.98 19.27 -37.63
N ASN B 106 -26.17 18.75 -38.03
CA ASN B 106 -26.49 18.24 -39.38
C ASN B 106 -26.98 19.42 -40.24
N LEU B 107 -26.23 19.73 -41.31
CA LEU B 107 -26.59 20.82 -42.21
C LEU B 107 -26.97 20.26 -43.59
N LYS B 108 -28.27 20.37 -43.96
CA LYS B 108 -28.75 19.97 -45.29
C LYS B 108 -28.97 21.24 -46.10
N ILE B 109 -28.25 21.36 -47.23
CA ILE B 109 -28.38 22.49 -48.13
C ILE B 109 -29.19 21.98 -49.34
N GLU B 110 -30.21 22.73 -49.80
CA GLU B 110 -31.06 22.33 -50.93
C GLU B 110 -31.33 23.45 -51.92
N VAL B 111 -30.98 23.23 -53.20
CA VAL B 111 -31.19 24.20 -54.30
C VAL B 111 -32.28 23.65 -55.25
N GLU B 112 -33.44 24.33 -55.32
CA GLU B 112 -34.58 23.94 -56.17
C GLU B 112 -34.89 25.06 -57.18
N THR B 113 -35.55 24.74 -58.34
CA THR B 113 -35.95 25.70 -59.38
C THR B 113 -36.84 25.09 -60.49
N VAL B 114 -37.66 25.94 -61.17
CA VAL B 114 -38.61 25.64 -62.28
C VAL B 114 -39.32 24.25 -62.06
N LYS B 115 -40.30 24.24 -61.12
CA LYS B 115 -41.09 23.07 -60.70
C LYS B 115 -40.20 21.86 -60.25
N GLY B 116 -39.02 22.18 -59.69
CA GLY B 116 -38.06 21.20 -59.19
C GLY B 116 -36.92 20.87 -60.12
N LYS B 117 -35.66 20.93 -59.59
CA LYS B 117 -34.37 20.65 -60.24
C LYS B 117 -33.22 20.87 -59.22
N LYS B 118 -32.39 19.82 -58.97
CA LYS B 118 -31.26 19.71 -58.01
C LYS B 118 -31.72 19.51 -56.57
N ARG B 121 -26.08 19.04 -51.00
CA ARG B 121 -24.99 18.52 -50.17
C ARG B 121 -25.40 18.35 -48.68
N GLU B 122 -24.71 17.45 -47.94
CA GLU B 122 -24.97 17.17 -46.52
C GLU B 122 -23.72 16.72 -45.73
N GLY B 123 -23.35 17.54 -44.77
CA GLY B 123 -22.20 17.30 -43.91
C GLY B 123 -22.28 18.05 -42.59
N LEU B 124 -21.48 17.59 -41.60
CA LEU B 124 -21.41 18.10 -40.24
C LEU B 124 -20.92 19.55 -40.09
N VAL B 125 -21.44 20.24 -39.05
CA VAL B 125 -21.11 21.61 -38.59
C VAL B 125 -20.70 21.41 -37.12
N VAL B 126 -19.40 21.57 -36.84
CA VAL B 126 -18.88 21.37 -35.48
C VAL B 126 -18.58 22.73 -34.83
N VAL B 127 -19.53 23.18 -34.00
CA VAL B 127 -19.39 24.42 -33.25
C VAL B 127 -18.75 24.04 -31.93
N ASN B 128 -17.44 24.27 -31.82
CA ASN B 128 -16.65 23.95 -30.62
C ASN B 128 -16.97 24.96 -29.49
N PRO B 129 -17.00 24.53 -28.20
CA PRO B 129 -17.23 25.51 -27.13
C PRO B 129 -15.95 26.31 -26.88
N LEU B 130 -16.07 27.44 -26.16
CA LEU B 130 -14.88 28.21 -25.81
C LEU B 130 -14.25 27.49 -24.62
N ALA B 131 -12.90 27.44 -24.59
CA ALA B 131 -12.09 26.76 -23.56
C ALA B 131 -12.60 26.86 -22.11
N ASP B 132 -13.16 28.03 -21.71
CA ASP B 132 -13.65 28.25 -20.36
C ASP B 132 -15.19 28.36 -20.28
N ASP B 133 -15.89 27.45 -20.98
CA ASP B 133 -17.35 27.34 -21.00
C ASP B 133 -17.78 26.01 -20.38
N PRO B 134 -18.89 25.92 -19.60
CA PRO B 134 -19.37 24.60 -19.17
C PRO B 134 -19.64 23.74 -20.41
N GLN B 135 -19.02 22.56 -20.48
CA GLN B 135 -19.11 21.71 -21.66
C GLN B 135 -19.12 20.22 -21.34
N SER B 136 -19.84 19.41 -22.16
CA SER B 136 -19.93 17.95 -22.01
C SER B 136 -19.98 17.21 -23.35
N LYS B 137 -19.26 16.08 -23.42
CA LYS B 137 -19.19 15.20 -24.58
C LYS B 137 -19.46 13.76 -24.14
N GLU B 138 -20.24 12.99 -24.95
CA GLU B 138 -20.56 11.58 -24.66
C GLU B 138 -19.28 10.70 -24.60
N VAL B 139 -18.85 10.41 -23.39
CA VAL B 139 -17.72 9.52 -23.12
C VAL B 139 -18.40 8.20 -22.77
N ALA B 140 -18.02 7.11 -23.45
CA ALA B 140 -18.66 5.80 -23.25
C ALA B 140 -20.18 5.87 -23.53
N PHE B 141 -21.05 5.36 -22.63
CA PHE B 141 -22.51 5.35 -22.84
C PHE B 141 -23.22 5.95 -21.62
N GLU B 142 -22.75 7.16 -21.23
CA GLU B 142 -23.25 7.88 -20.08
C GLU B 142 -24.53 8.66 -20.37
N ARG B 143 -24.86 8.82 -21.67
CA ARG B 143 -26.03 9.58 -22.08
C ARG B 143 -27.31 8.75 -22.17
N ILE B 144 -27.21 7.41 -22.29
CA ILE B 144 -28.41 6.57 -22.28
C ILE B 144 -28.95 6.69 -20.84
N VAL B 145 -30.01 7.49 -20.67
CA VAL B 145 -30.60 7.86 -19.38
C VAL B 145 -32.00 7.33 -19.17
N SER B 146 -32.51 7.40 -17.92
CA SER B 146 -33.83 6.93 -17.52
C SER B 146 -34.57 7.91 -16.61
N PRO B 147 -35.92 8.02 -16.74
CA PRO B 147 -36.67 8.95 -15.86
C PRO B 147 -36.63 8.62 -14.37
N GLY B 148 -36.63 9.66 -13.54
CA GLY B 148 -36.58 9.58 -12.08
C GLY B 148 -35.25 9.12 -11.54
N LYS B 149 -34.40 8.56 -12.43
CA LYS B 149 -33.09 8.00 -12.11
C LYS B 149 -31.94 9.03 -12.30
N THR B 150 -30.87 8.92 -11.47
CA THR B 150 -29.72 9.81 -11.53
C THR B 150 -28.88 9.54 -12.76
N ALA B 151 -28.40 10.62 -13.38
CA ALA B 151 -27.62 10.61 -14.62
C ALA B 151 -26.21 11.07 -14.38
N ARG B 152 -25.54 11.65 -15.40
CA ARG B 152 -24.13 12.04 -15.34
C ARG B 152 -23.66 12.72 -16.61
N LEU B 153 -22.82 13.75 -16.47
CA LEU B 153 -22.21 14.45 -17.59
C LEU B 153 -20.70 14.55 -17.40
N TYR B 154 -19.93 14.15 -18.41
CA TYR B 154 -18.49 14.24 -18.33
C TYR B 154 -18.00 15.36 -19.21
N GLY B 155 -17.24 16.27 -18.64
CA GLY B 155 -16.72 17.38 -19.42
C GLY B 155 -15.72 18.24 -18.68
N SER B 156 -15.94 19.56 -18.79
CA SER B 156 -15.10 20.61 -18.21
C SER B 156 -15.99 21.79 -17.83
N ASN B 157 -15.56 22.57 -16.82
CA ASN B 157 -16.23 23.77 -16.28
C ASN B 157 -17.63 23.49 -15.75
N LEU B 158 -17.99 22.20 -15.68
CA LEU B 158 -19.27 21.70 -15.21
C LEU B 158 -19.57 21.99 -13.74
N GLN B 159 -18.59 22.49 -12.98
CA GLN B 159 -18.86 22.82 -11.58
C GLN B 159 -19.62 24.15 -11.47
N ASN B 160 -19.74 24.88 -12.61
CA ASN B 160 -20.41 26.17 -12.70
C ASN B 160 -21.85 26.04 -13.12
N VAL B 161 -22.24 24.86 -13.66
CA VAL B 161 -23.59 24.54 -14.16
C VAL B 161 -24.55 24.43 -12.99
N THR B 162 -25.55 25.31 -12.88
CA THR B 162 -26.52 25.30 -11.78
C THR B 162 -27.87 24.70 -12.17
N ALA B 163 -28.03 24.37 -13.46
CA ALA B 163 -29.25 23.77 -14.02
C ALA B 163 -28.97 23.17 -15.38
N ILE B 164 -29.62 22.03 -15.69
CA ILE B 164 -29.54 21.38 -17.00
C ILE B 164 -30.93 21.48 -17.56
N LEU B 165 -31.03 21.78 -18.85
CA LEU B 165 -32.33 21.89 -19.50
C LEU B 165 -32.52 20.75 -20.47
N LEU B 166 -33.50 19.87 -20.14
CA LEU B 166 -33.88 18.69 -20.91
C LEU B 166 -35.32 18.83 -21.38
N GLY B 167 -35.50 18.82 -22.70
CA GLY B 167 -36.79 18.93 -23.37
C GLY B 167 -37.87 19.70 -22.64
N GLY B 168 -37.56 20.93 -22.24
CA GLY B 168 -38.49 21.81 -21.55
C GLY B 168 -38.40 21.79 -20.04
N ASN B 169 -38.00 20.66 -19.46
CA ASN B 169 -37.85 20.56 -18.00
C ASN B 169 -36.55 21.23 -17.52
N THR B 170 -36.64 21.85 -16.35
CA THR B 170 -35.54 22.56 -15.71
C THR B 170 -35.01 21.71 -14.58
N ILE B 171 -33.91 20.97 -14.85
CA ILE B 171 -33.27 20.14 -13.84
C ILE B 171 -32.60 21.12 -12.85
N THR B 172 -33.31 21.40 -11.75
CA THR B 172 -32.91 22.34 -10.73
C THR B 172 -31.56 22.04 -10.13
N ASP B 173 -31.38 20.98 -9.33
CA ASP B 173 -30.07 20.83 -8.71
C ASP B 173 -29.24 19.63 -9.16
N PRO B 174 -28.20 19.95 -9.97
CA PRO B 174 -27.19 18.93 -10.29
C PRO B 174 -26.09 19.01 -9.21
N THR B 175 -25.26 17.97 -9.14
CA THR B 175 -24.19 17.94 -8.16
C THR B 175 -22.90 17.62 -8.86
N TYR B 176 -21.88 18.45 -8.65
CA TYR B 176 -20.54 18.24 -9.19
C TYR B 176 -19.83 17.30 -8.22
N VAL B 177 -19.68 16.03 -8.62
CA VAL B 177 -19.07 15.02 -7.77
C VAL B 177 -17.62 14.87 -8.14
N GLU B 178 -16.73 15.06 -7.17
CA GLU B 178 -15.30 14.85 -7.35
C GLU B 178 -15.03 13.36 -7.14
N SER B 179 -14.43 12.72 -8.17
CA SER B 179 -14.10 11.29 -8.18
C SER B 179 -12.59 11.01 -8.26
N ALA B 180 -12.22 9.77 -7.84
CA ALA B 180 -10.87 9.20 -7.84
C ALA B 180 -10.29 9.39 -9.22
N ASP B 181 -11.10 9.01 -10.22
CA ASP B 181 -10.82 9.14 -11.65
C ASP B 181 -11.36 10.51 -12.10
N GLU B 182 -12.25 10.50 -13.13
CA GLU B 182 -12.84 11.73 -13.64
C GLU B 182 -14.02 12.18 -12.78
N ASN B 183 -14.06 13.51 -12.52
CA ASN B 183 -15.14 14.18 -11.82
C ASN B 183 -16.19 14.50 -12.89
N TYR B 184 -17.45 14.34 -12.51
CA TYR B 184 -18.60 14.51 -13.39
C TYR B 184 -19.70 15.40 -12.75
N LEU B 185 -20.72 15.74 -13.56
CA LEU B 185 -21.88 16.47 -13.09
C LEU B 185 -23.06 15.49 -13.05
N GLU B 186 -23.50 15.14 -11.86
CA GLU B 186 -24.57 14.20 -11.64
C GLU B 186 -25.90 14.93 -11.46
N TYR B 187 -26.85 14.67 -12.35
CA TYR B 187 -28.19 15.30 -12.33
C TYR B 187 -29.28 14.24 -12.31
N THR B 188 -30.52 14.60 -11.92
CA THR B 188 -31.64 13.65 -11.92
C THR B 188 -32.63 13.91 -13.07
N ILE B 189 -32.89 12.87 -13.90
CA ILE B 189 -33.86 12.94 -15.00
C ILE B 189 -35.27 13.06 -14.38
N PRO B 190 -36.11 14.05 -14.80
CA PRO B 190 -37.45 14.22 -14.18
C PRO B 190 -38.35 13.01 -14.34
N THR B 191 -39.23 12.80 -13.35
CA THR B 191 -40.13 11.64 -13.30
C THR B 191 -40.93 11.44 -14.59
N GLY B 192 -41.57 12.48 -15.09
CA GLY B 192 -42.37 12.41 -16.30
C GLY B 192 -41.65 12.88 -17.55
N VAL B 193 -40.84 11.99 -18.16
CA VAL B 193 -40.10 12.30 -19.39
C VAL B 193 -40.33 11.18 -20.40
N SER B 194 -40.68 11.53 -21.63
CA SER B 194 -40.87 10.49 -22.65
C SER B 194 -39.53 10.08 -23.25
N GLU B 195 -39.47 8.83 -23.76
CA GLU B 195 -38.31 8.23 -24.42
C GLU B 195 -37.85 9.09 -25.63
N GLY B 196 -36.62 8.88 -26.09
CA GLY B 196 -36.08 9.58 -27.25
C GLY B 196 -34.80 10.37 -27.08
N ASP B 197 -34.33 10.95 -28.19
CA ASP B 197 -33.13 11.77 -28.27
C ASP B 197 -33.47 13.23 -27.96
N TYR B 198 -32.71 13.82 -27.03
CA TYR B 198 -32.88 15.18 -26.57
C TYR B 198 -31.52 15.88 -26.61
N ARG B 199 -31.49 17.12 -27.15
CA ARG B 199 -30.29 17.92 -27.13
C ARG B 199 -30.43 18.77 -25.86
N ILE B 200 -29.43 18.70 -24.98
CA ILE B 200 -29.48 19.37 -23.69
C ILE B 200 -28.60 20.62 -23.61
N VAL B 201 -29.01 21.53 -22.72
CA VAL B 201 -28.33 22.78 -22.51
C VAL B 201 -28.01 22.98 -21.00
N LEU B 202 -26.80 23.51 -20.73
CA LEU B 202 -26.24 23.77 -19.40
C LEU B 202 -26.43 25.22 -19.05
N GLN B 203 -26.84 25.51 -17.80
CA GLN B 203 -27.07 26.90 -17.39
C GLN B 203 -26.16 27.38 -16.25
N ASP B 204 -25.60 28.59 -16.46
CA ASP B 204 -24.73 29.37 -15.57
C ASP B 204 -25.61 29.94 -14.49
N ALA B 205 -25.04 30.37 -13.35
CA ALA B 205 -25.83 31.01 -12.29
C ALA B 205 -26.35 32.35 -12.80
N ASP B 206 -25.61 32.94 -13.78
CA ASP B 206 -25.91 34.20 -14.46
C ASP B 206 -26.97 33.96 -15.54
N GLY B 207 -27.27 32.70 -15.81
CA GLY B 207 -28.30 32.34 -16.78
C GLY B 207 -27.78 32.00 -18.16
N ASN B 208 -26.47 32.15 -18.39
CA ASN B 208 -25.90 31.82 -19.68
C ASN B 208 -26.13 30.34 -20.01
N GLN B 209 -26.55 30.07 -21.24
CA GLN B 209 -26.83 28.72 -21.70
C GLN B 209 -25.69 28.15 -22.57
N TYR B 210 -25.42 26.82 -22.47
CA TYR B 210 -24.29 26.17 -23.16
C TYR B 210 -24.62 24.82 -23.77
N GLY B 211 -23.97 24.52 -24.90
CA GLY B 211 -24.15 23.27 -25.64
C GLY B 211 -23.57 22.04 -24.98
N ALA B 212 -24.45 21.08 -24.65
CA ALA B 212 -24.07 19.82 -24.01
C ALA B 212 -24.35 18.61 -24.91
N ASP B 213 -24.72 18.86 -26.19
CA ASP B 213 -25.07 17.86 -27.21
C ASP B 213 -26.27 16.98 -26.78
N MET B 214 -26.28 15.69 -27.18
CA MET B 214 -27.38 14.76 -27.00
C MET B 214 -27.44 14.02 -25.68
N VAL B 215 -28.63 13.49 -25.33
CA VAL B 215 -28.92 12.65 -24.16
C VAL B 215 -30.21 11.83 -24.45
N LYS B 216 -30.06 10.49 -24.58
CA LYS B 216 -31.16 9.58 -24.93
C LYS B 216 -31.92 9.02 -23.72
N VAL B 217 -33.19 9.40 -23.56
CA VAL B 217 -34.02 8.87 -22.47
C VAL B 217 -34.54 7.48 -22.91
N THR B 218 -34.97 6.64 -21.91
CA THR B 218 -35.56 5.30 -22.11
C THR B 218 -36.02 4.62 -20.80
N ASN B 219 -37.16 3.89 -20.87
CA ASN B 219 -37.71 3.07 -19.79
C ASN B 219 -37.34 1.61 -20.15
N ALA B 220 -36.89 1.45 -21.42
CA ALA B 220 -36.46 0.18 -22.02
C ALA B 220 -35.27 -0.37 -21.25
N SER B 221 -35.24 -1.70 -21.11
CA SER B 221 -34.14 -2.35 -20.42
C SER B 221 -33.02 -2.69 -21.43
N LEU B 222 -32.23 -1.66 -21.81
CA LEU B 222 -31.11 -1.84 -22.72
C LEU B 222 -29.90 -2.37 -21.96
N VAL B 223 -29.19 -3.32 -22.57
CA VAL B 223 -27.97 -3.95 -22.09
C VAL B 223 -26.86 -3.34 -22.95
N ILE B 224 -25.85 -2.77 -22.29
CA ILE B 224 -24.79 -2.06 -23.03
C ILE B 224 -23.52 -2.89 -23.19
N SER B 225 -23.23 -3.82 -22.23
CA SER B 225 -22.08 -4.73 -22.26
C SER B 225 -22.18 -5.89 -21.23
N GLY B 226 -21.31 -6.90 -21.39
CA GLY B 226 -21.26 -8.09 -20.55
C GLY B 226 -22.09 -9.24 -21.11
N ALA B 227 -22.62 -9.05 -22.33
CA ALA B 227 -23.46 -9.97 -23.09
C ALA B 227 -22.69 -10.64 -24.22
N ASN B 228 -21.80 -9.89 -24.89
CA ASN B 228 -20.96 -10.28 -26.02
C ASN B 228 -20.17 -11.63 -25.81
N ARG B 229 -19.77 -11.94 -24.55
CA ARG B 229 -18.99 -13.13 -24.16
C ARG B 229 -19.45 -13.75 -22.82
N ALA B 230 -19.27 -15.07 -22.67
CA ALA B 230 -19.64 -15.85 -21.47
C ALA B 230 -18.67 -17.02 -21.26
N THR B 231 -18.83 -17.72 -20.11
CA THR B 231 -18.01 -18.86 -19.69
C THR B 231 -18.84 -19.85 -18.88
N ALA B 232 -18.64 -21.15 -19.18
CA ALA B 232 -19.22 -22.37 -18.57
C ALA B 232 -20.42 -22.17 -17.59
N ASN B 233 -20.29 -22.63 -16.32
CA ASN B 233 -21.34 -22.52 -15.29
C ASN B 233 -20.98 -21.47 -14.20
N VAL B 234 -19.93 -20.65 -14.45
CA VAL B 234 -19.45 -19.59 -13.56
C VAL B 234 -20.46 -18.40 -13.44
N ASP B 235 -20.19 -17.48 -12.49
CA ASP B 235 -20.98 -16.26 -12.27
C ASP B 235 -20.78 -15.32 -13.46
N TRP B 236 -21.82 -14.58 -13.82
CA TRP B 236 -21.81 -13.67 -14.97
C TRP B 236 -22.58 -12.36 -14.66
N THR B 237 -21.89 -11.21 -14.81
CA THR B 237 -22.47 -9.91 -14.54
C THR B 237 -22.56 -9.12 -15.84
N ILE B 238 -23.75 -8.55 -16.03
CA ILE B 238 -24.13 -7.78 -17.21
C ILE B 238 -24.43 -6.33 -16.84
N SER B 239 -23.93 -5.39 -17.66
CA SER B 239 -24.12 -3.96 -17.42
C SER B 239 -24.98 -3.30 -18.48
N GLY B 240 -26.14 -2.87 -18.04
CA GLY B 240 -27.15 -2.22 -18.85
C GLY B 240 -27.67 -0.95 -18.21
N ILE B 241 -28.96 -0.64 -18.45
CA ILE B 241 -29.52 0.59 -17.91
C ILE B 241 -30.79 0.36 -17.07
N ASN B 242 -31.88 -0.17 -17.61
CA ASN B 242 -33.06 -0.29 -16.76
C ASN B 242 -33.31 -1.73 -16.36
N LEU B 243 -32.23 -2.43 -16.06
CA LEU B 243 -32.21 -3.85 -15.76
C LEU B 243 -32.90 -4.25 -14.46
N GLU B 244 -33.14 -3.33 -13.51
CA GLU B 244 -33.79 -3.68 -12.25
C GLU B 244 -35.27 -4.14 -12.44
N ASN B 245 -35.77 -4.01 -13.69
CA ASN B 245 -37.12 -4.39 -14.14
C ASN B 245 -37.18 -5.84 -14.63
N ILE B 246 -36.15 -6.28 -15.40
CA ILE B 246 -35.99 -7.61 -16.00
C ILE B 246 -36.33 -8.76 -15.03
N ALA B 247 -36.93 -9.86 -15.57
CA ALA B 247 -37.30 -11.07 -14.82
C ALA B 247 -36.68 -12.36 -15.39
N SER B 248 -36.30 -12.36 -16.69
CA SER B 248 -35.75 -13.52 -17.41
C SER B 248 -34.59 -13.23 -18.36
N LEU B 249 -33.84 -14.29 -18.68
CA LEU B 249 -32.73 -14.29 -19.64
C LEU B 249 -32.66 -15.68 -20.24
N THR B 250 -32.63 -15.77 -21.59
CA THR B 250 -32.65 -17.03 -22.34
C THR B 250 -31.55 -17.05 -23.40
N ILE B 251 -30.69 -18.10 -23.39
CA ILE B 251 -29.53 -18.26 -24.30
C ILE B 251 -29.68 -19.43 -25.31
N GLY B 252 -30.33 -20.50 -24.84
CA GLY B 252 -30.61 -21.72 -25.57
C GLY B 252 -31.69 -22.49 -24.86
N GLY B 253 -32.83 -21.80 -24.65
CA GLY B 253 -34.01 -22.31 -23.96
C GLY B 253 -33.92 -22.30 -22.45
N GLN B 254 -33.17 -21.32 -21.88
CA GLN B 254 -32.95 -21.25 -20.45
C GLN B 254 -33.91 -20.35 -19.70
N THR B 255 -34.64 -20.95 -18.73
CA THR B 255 -35.62 -20.29 -17.85
C THR B 255 -34.87 -19.77 -16.62
N VAL B 256 -34.27 -18.57 -16.73
CA VAL B 256 -33.47 -17.93 -15.68
C VAL B 256 -34.25 -16.81 -14.97
N SER B 257 -34.54 -17.00 -13.67
CA SER B 257 -35.27 -16.05 -12.82
C SER B 257 -34.53 -15.76 -11.50
N GLN B 258 -33.66 -16.70 -11.06
CA GLN B 258 -32.84 -16.57 -9.86
C GLN B 258 -31.62 -15.69 -10.20
N PHE B 259 -31.62 -14.45 -9.69
CA PHE B 259 -30.55 -13.49 -9.93
C PHE B 259 -29.80 -13.16 -8.66
N SER B 260 -28.45 -13.25 -8.72
CA SER B 260 -27.54 -13.01 -7.59
C SER B 260 -27.67 -11.58 -7.06
N ASN B 261 -27.57 -10.58 -7.96
CA ASN B 261 -27.67 -9.17 -7.58
C ASN B 261 -28.42 -8.34 -8.62
N GLN B 262 -29.51 -7.70 -8.18
CA GLN B 262 -30.34 -6.86 -9.04
C GLN B 262 -30.14 -5.36 -8.77
N SER B 263 -29.58 -4.64 -9.77
CA SER B 263 -29.32 -3.19 -9.79
C SER B 263 -29.90 -2.59 -11.07
N SER B 264 -30.11 -1.28 -11.13
CA SER B 264 -30.63 -0.64 -12.35
C SER B 264 -29.62 -0.85 -13.49
N THR B 265 -28.38 -0.45 -13.26
CA THR B 265 -27.29 -0.54 -14.21
C THR B 265 -26.63 -1.92 -14.28
N GLU B 266 -27.00 -2.85 -13.38
CA GLU B 266 -26.35 -4.17 -13.33
C GLU B 266 -27.21 -5.37 -12.95
N ILE B 267 -26.91 -6.53 -13.57
CA ILE B 267 -27.55 -7.82 -13.27
C ILE B 267 -26.47 -8.92 -13.18
N THR B 268 -26.34 -9.52 -11.98
CA THR B 268 -25.39 -10.61 -11.66
C THR B 268 -26.15 -11.95 -11.63
N LEU B 269 -25.70 -12.93 -12.44
CA LEU B 269 -26.36 -14.23 -12.54
C LEU B 269 -25.40 -15.33 -12.97
N THR B 270 -25.65 -16.56 -12.46
CA THR B 270 -24.87 -17.76 -12.79
C THR B 270 -25.14 -18.15 -14.26
N CYS B 271 -24.10 -18.03 -15.12
CA CYS B 271 -24.14 -18.39 -16.54
C CYS B 271 -24.55 -19.87 -16.63
N PRO B 272 -25.71 -20.21 -17.24
CA PRO B 272 -26.16 -21.62 -17.26
C PRO B 272 -25.21 -22.62 -17.93
N ASP B 273 -25.34 -23.89 -17.50
CA ASP B 273 -24.58 -25.06 -17.92
C ASP B 273 -24.68 -25.27 -19.42
N LEU B 274 -23.70 -24.79 -20.20
CA LEU B 274 -23.73 -24.92 -21.65
C LEU B 274 -22.36 -25.11 -22.30
N SER B 275 -22.35 -25.82 -23.44
CA SER B 275 -21.19 -26.12 -24.30
C SER B 275 -20.54 -24.83 -24.84
N ASP B 276 -19.26 -24.88 -25.24
CA ASP B 276 -18.59 -23.68 -25.76
C ASP B 276 -18.88 -23.44 -27.29
N GLY B 277 -19.30 -22.21 -27.61
CA GLY B 277 -19.65 -21.73 -28.96
C GLY B 277 -20.54 -20.50 -28.94
N SER B 278 -21.08 -20.09 -30.12
CA SER B 278 -21.99 -18.92 -30.27
C SER B 278 -23.47 -19.33 -30.01
N TYR B 279 -24.28 -18.45 -29.36
CA TYR B 279 -25.70 -18.70 -29.03
C TYR B 279 -26.57 -17.42 -29.21
N THR B 280 -27.84 -17.43 -28.75
CA THR B 280 -28.72 -16.25 -28.92
C THR B 280 -29.49 -15.94 -27.62
N MET B 281 -29.19 -14.75 -27.04
CA MET B 281 -29.79 -14.31 -25.79
C MET B 281 -30.83 -13.23 -25.96
N THR B 282 -31.91 -13.31 -25.13
CA THR B 282 -33.03 -12.36 -24.97
C THR B 282 -33.78 -12.72 -23.67
N GLY B 283 -34.48 -11.74 -23.11
CA GLY B 283 -35.26 -11.89 -21.89
C GLY B 283 -36.49 -11.00 -21.85
N LYS B 284 -37.12 -10.91 -20.67
CA LYS B 284 -38.35 -10.12 -20.47
C LYS B 284 -38.49 -9.57 -19.06
N THR B 285 -39.08 -8.36 -18.96
CA THR B 285 -39.34 -7.58 -17.74
C THR B 285 -40.33 -8.23 -16.75
N ARG B 286 -40.52 -7.59 -15.57
CA ARG B 286 -41.48 -8.04 -14.56
C ARG B 286 -42.87 -7.46 -14.86
N SER B 287 -43.16 -7.28 -16.16
CA SER B 287 -44.41 -6.74 -16.69
C SER B 287 -44.82 -7.47 -17.98
N GLY B 288 -43.87 -8.20 -18.56
CA GLY B 288 -44.07 -8.96 -19.80
C GLY B 288 -43.33 -8.41 -20.98
N GLU B 289 -42.89 -7.13 -20.92
CA GLU B 289 -42.15 -6.44 -21.98
C GLU B 289 -40.79 -7.11 -22.26
N ALA B 290 -40.30 -7.03 -23.52
CA ALA B 290 -39.03 -7.62 -24.00
C ALA B 290 -37.73 -7.09 -23.30
N VAL B 291 -36.53 -7.35 -23.90
CA VAL B 291 -35.20 -6.89 -23.44
C VAL B 291 -34.31 -6.54 -24.67
N GLN B 292 -33.73 -5.32 -24.71
CA GLN B 292 -32.89 -4.78 -25.80
C GLN B 292 -31.38 -5.01 -25.63
N PHE B 293 -30.60 -5.00 -26.73
CA PHE B 293 -29.16 -5.30 -26.75
C PHE B 293 -28.32 -4.45 -27.71
N LEU B 294 -27.67 -3.39 -27.19
CA LEU B 294 -26.81 -2.55 -28.01
C LEU B 294 -25.47 -3.28 -28.15
N ASN B 295 -25.10 -3.63 -29.39
CA ASN B 295 -23.84 -4.37 -29.64
C ASN B 295 -22.75 -3.53 -30.28
N ASP B 296 -23.08 -2.68 -31.27
CA ASP B 296 -22.06 -1.83 -31.90
C ASP B 296 -22.64 -0.51 -32.40
N ASN B 297 -23.11 0.33 -31.44
CA ASN B 297 -23.76 1.63 -31.66
C ASN B 297 -25.11 1.40 -32.39
N ILE B 298 -25.45 0.10 -32.56
CA ILE B 298 -26.62 -0.48 -33.22
C ILE B 298 -27.40 -1.38 -32.24
N THR B 299 -28.63 -0.96 -31.94
CA THR B 299 -29.57 -1.61 -31.02
C THR B 299 -30.20 -2.83 -31.66
N THR B 300 -30.30 -3.93 -30.86
CA THR B 300 -30.90 -5.21 -31.28
C THR B 300 -31.70 -5.84 -30.07
N THR B 301 -32.12 -7.11 -30.19
CA THR B 301 -32.82 -7.87 -29.16
C THR B 301 -32.31 -9.33 -29.17
N GLU B 302 -31.74 -9.79 -30.31
CA GLU B 302 -31.16 -11.13 -30.48
C GLU B 302 -29.65 -10.99 -30.22
N GLN B 303 -29.17 -11.55 -29.07
CA GLN B 303 -27.77 -11.38 -28.64
C GLN B 303 -26.84 -12.55 -28.96
N THR B 304 -25.71 -12.22 -29.60
CA THR B 304 -24.60 -13.11 -29.99
C THR B 304 -23.65 -13.32 -28.77
N VAL B 305 -23.80 -14.48 -28.08
CA VAL B 305 -23.07 -14.85 -26.85
C VAL B 305 -21.97 -15.92 -27.06
N THR B 306 -20.71 -15.50 -27.28
CA THR B 306 -19.58 -16.44 -27.47
C THR B 306 -19.14 -17.12 -26.15
N VAL B 307 -19.90 -18.16 -25.70
CA VAL B 307 -19.62 -18.97 -24.48
C VAL B 307 -18.30 -19.74 -24.67
N SER B 308 -17.41 -19.70 -23.65
CA SER B 308 -16.10 -20.37 -23.71
C SER B 308 -15.76 -21.16 -22.43
N THR B 309 -14.66 -21.96 -22.47
CA THR B 309 -14.19 -22.80 -21.35
C THR B 309 -12.69 -22.58 -21.10
N GLU B 310 -12.35 -22.07 -19.90
CA GLU B 310 -10.97 -21.77 -19.52
C GLU B 310 -10.24 -23.02 -19.08
N ILE B 311 -9.06 -23.22 -19.63
CA ILE B 311 -8.28 -24.42 -19.32
C ILE B 311 -7.04 -24.03 -18.54
N THR B 312 -7.07 -24.36 -17.23
CA THR B 312 -5.97 -24.07 -16.33
C THR B 312 -4.75 -24.86 -16.74
N LEU B 313 -3.73 -24.16 -17.23
CA LEU B 313 -2.46 -24.76 -17.66
C LEU B 313 -1.46 -24.89 -16.52
N TRP B 314 -1.60 -24.02 -15.49
CA TRP B 314 -0.72 -23.92 -14.31
C TRP B 314 -1.35 -23.10 -13.18
N SER B 315 -0.96 -23.40 -11.91
CA SER B 315 -1.44 -22.72 -10.71
C SER B 315 -0.40 -22.89 -9.60
N GLY B 316 -0.18 -21.81 -8.84
CA GLY B 316 0.78 -21.75 -7.75
C GLY B 316 1.08 -20.33 -7.32
N HIS B 317 2.38 -20.00 -7.11
CA HIS B 317 2.87 -18.67 -6.70
C HIS B 317 4.34 -18.58 -7.12
N HIS B 318 4.61 -18.53 -8.46
CA HIS B 318 5.97 -18.48 -8.98
C HIS B 318 6.50 -17.09 -9.07
N TYR B 319 7.49 -16.82 -8.23
CA TYR B 319 8.16 -15.53 -8.22
C TYR B 319 9.01 -15.44 -9.47
N VAL B 320 9.07 -14.24 -10.07
CA VAL B 320 9.88 -13.95 -11.25
C VAL B 320 10.75 -12.73 -10.91
N SER B 321 12.08 -12.84 -11.13
CA SER B 321 13.08 -11.77 -10.94
C SER B 321 14.30 -12.03 -11.80
N TRP B 322 14.47 -11.20 -12.83
CA TRP B 322 15.61 -11.33 -13.73
C TRP B 322 16.98 -11.11 -13.04
N ASP B 323 17.01 -10.41 -11.90
CA ASP B 323 18.22 -10.14 -11.12
C ASP B 323 18.93 -11.44 -10.63
N LYS B 324 18.17 -12.57 -10.53
CA LYS B 324 18.63 -13.90 -10.08
C LYS B 324 19.59 -14.52 -11.12
N PRO B 325 20.60 -15.34 -10.72
CA PRO B 325 21.54 -15.90 -11.73
C PRO B 325 20.95 -16.90 -12.73
N ASP B 326 21.68 -17.14 -13.86
CA ASP B 326 21.30 -18.11 -14.90
C ASP B 326 21.51 -19.52 -14.34
N GLY B 327 20.40 -20.20 -14.09
CA GLY B 327 20.33 -21.53 -13.49
C GLY B 327 19.19 -21.58 -12.50
N ASP B 328 19.07 -20.51 -11.67
CA ASP B 328 18.02 -20.31 -10.68
C ASP B 328 16.60 -20.47 -11.29
N PRO B 329 15.69 -21.22 -10.61
CA PRO B 329 14.34 -21.42 -11.18
C PRO B 329 13.44 -20.21 -11.10
N ASN B 330 13.53 -19.42 -10.00
CA ASN B 330 12.71 -18.22 -9.81
C ASN B 330 13.22 -16.98 -10.60
N LYS B 331 14.19 -17.17 -11.52
CA LYS B 331 14.72 -16.12 -12.39
C LYS B 331 13.63 -15.78 -13.41
N THR B 332 12.92 -16.82 -13.88
CA THR B 332 11.88 -16.76 -14.89
C THR B 332 10.74 -17.74 -14.59
N PHE B 333 9.57 -17.52 -15.19
CA PHE B 333 8.50 -18.49 -15.09
C PHE B 333 8.45 -19.24 -16.40
N GLY B 334 9.02 -20.45 -16.40
CA GLY B 334 8.98 -21.38 -17.52
C GLY B 334 7.75 -22.24 -17.33
N LEU B 335 7.94 -23.41 -16.69
CA LEU B 335 6.97 -24.38 -16.15
C LEU B 335 5.77 -24.81 -17.09
N ILE B 336 5.68 -24.32 -18.35
CA ILE B 336 4.69 -24.77 -19.32
C ILE B 336 5.47 -25.16 -20.58
N PRO B 337 5.79 -26.49 -20.73
CA PRO B 337 6.63 -26.95 -21.86
C PRO B 337 6.02 -26.81 -23.24
N MET B 338 6.89 -26.81 -24.26
CA MET B 338 6.52 -26.68 -25.66
C MET B 338 5.24 -27.47 -25.99
N ASP B 339 5.22 -28.80 -25.73
CA ASP B 339 4.12 -29.73 -26.01
C ASP B 339 2.73 -29.23 -25.63
N VAL B 340 2.62 -28.36 -24.60
CA VAL B 340 1.31 -27.83 -24.20
C VAL B 340 0.90 -26.69 -25.12
N PHE B 341 1.84 -25.76 -25.38
CA PHE B 341 1.64 -24.57 -26.21
C PHE B 341 1.45 -24.90 -27.69
N ALA B 342 2.02 -26.05 -28.15
CA ALA B 342 1.90 -26.54 -29.51
C ALA B 342 0.42 -26.79 -29.80
N GLY B 343 -0.26 -27.47 -28.86
CA GLY B 343 -1.68 -27.81 -28.94
C GLY B 343 -2.67 -26.69 -28.68
N ILE B 344 -2.20 -25.44 -28.70
CA ILE B 344 -3.07 -24.29 -28.50
C ILE B 344 -3.50 -23.76 -29.88
N THR B 345 -4.82 -23.52 -30.09
CA THR B 345 -5.38 -23.01 -31.35
C THR B 345 -4.89 -21.56 -31.62
N ALA B 346 -5.10 -21.05 -32.85
CA ALA B 346 -4.75 -19.68 -33.20
C ALA B 346 -5.91 -18.76 -32.77
N GLY B 347 -5.55 -17.64 -32.13
CA GLY B 347 -6.49 -16.65 -31.61
C GLY B 347 -6.94 -16.91 -30.18
N SER B 348 -6.45 -18.01 -29.58
CA SER B 348 -6.76 -18.40 -28.21
C SER B 348 -6.25 -17.33 -27.22
N THR B 349 -7.01 -17.14 -26.11
CA THR B 349 -6.74 -16.11 -25.10
C THR B 349 -6.09 -16.63 -23.78
N LEU B 350 -4.75 -16.48 -23.69
CA LEU B 350 -3.93 -16.84 -22.53
C LEU B 350 -4.19 -15.80 -21.47
N LYS B 351 -4.51 -16.25 -20.25
CA LYS B 351 -4.77 -15.39 -19.07
C LYS B 351 -3.64 -15.68 -18.11
N VAL B 352 -3.06 -14.67 -17.49
CA VAL B 352 -2.03 -14.88 -16.49
C VAL B 352 -2.42 -14.08 -15.26
N VAL B 353 -2.80 -14.76 -14.17
CA VAL B 353 -3.14 -14.11 -12.91
C VAL B 353 -1.82 -13.87 -12.13
N TYR B 354 -1.42 -12.59 -11.98
CA TYR B 354 -0.20 -12.20 -11.31
C TYR B 354 -0.50 -11.62 -9.93
N SER B 355 0.53 -11.47 -9.12
CA SER B 355 0.41 -10.85 -7.82
C SER B 355 1.73 -10.16 -7.47
N ILE B 356 1.63 -8.95 -6.87
CA ILE B 356 2.76 -8.10 -6.45
C ILE B 356 3.53 -8.74 -5.30
N GLU B 357 4.83 -8.44 -5.24
CA GLU B 357 5.71 -8.83 -4.15
C GLU B 357 6.13 -7.50 -3.46
N PRO B 358 5.47 -7.12 -2.35
CA PRO B 358 5.75 -5.80 -1.74
C PRO B 358 7.19 -5.53 -1.37
N THR B 359 7.94 -6.56 -0.91
CA THR B 359 9.38 -6.49 -0.57
C THR B 359 10.21 -5.90 -1.74
N ALA B 360 9.66 -5.96 -2.97
CA ALA B 360 10.30 -5.47 -4.18
C ALA B 360 10.10 -3.98 -4.44
N GLU B 361 10.99 -3.44 -5.26
CA GLU B 361 11.10 -2.04 -5.69
C GLU B 361 10.14 -1.70 -6.83
N TYR B 362 10.30 -2.37 -8.01
CA TYR B 362 9.49 -2.23 -9.24
C TYR B 362 8.75 -3.54 -9.58
N HIS B 363 7.51 -3.42 -10.07
CA HIS B 363 6.73 -4.58 -10.45
C HIS B 363 6.42 -4.50 -11.93
N LYS B 364 7.30 -5.14 -12.75
CA LYS B 364 7.29 -5.24 -14.23
C LYS B 364 7.18 -6.72 -14.68
N MET B 365 6.27 -7.01 -15.66
CA MET B 365 5.94 -8.35 -16.21
C MET B 365 5.76 -8.39 -17.74
N GLN B 366 6.46 -9.34 -18.44
CA GLN B 366 6.34 -9.55 -19.88
C GLN B 366 6.45 -11.03 -20.33
N LEU B 367 5.36 -11.50 -20.97
CA LEU B 367 5.18 -12.84 -21.57
C LEU B 367 5.99 -12.89 -22.87
N ALA B 368 7.08 -13.68 -22.89
CA ALA B 368 7.99 -13.80 -24.04
C ALA B 368 8.20 -15.27 -24.50
N THR B 369 9.41 -15.61 -25.03
CA THR B 369 9.83 -16.96 -25.48
C THR B 369 10.98 -17.45 -24.60
N GLY B 370 11.46 -18.67 -24.87
CA GLY B 370 12.61 -19.24 -24.20
C GLY B 370 13.85 -18.46 -24.58
N TYR B 371 13.83 -17.83 -25.78
CA TYR B 371 14.89 -16.98 -26.30
C TYR B 371 14.67 -15.48 -25.94
N TRP B 372 13.55 -15.17 -25.22
CA TRP B 372 13.10 -13.87 -24.66
C TRP B 372 12.35 -12.91 -25.63
N THR B 373 11.99 -13.34 -26.85
CA THR B 373 11.28 -12.43 -27.77
C THR B 373 9.89 -12.07 -27.23
N GLY B 374 9.79 -10.87 -26.68
CA GLY B 374 8.55 -10.36 -26.14
C GLY B 374 7.37 -10.61 -27.05
N LEU B 375 6.39 -11.39 -26.56
CA LEU B 375 5.19 -11.69 -27.35
C LEU B 375 4.24 -10.50 -27.34
N ALA B 376 4.45 -9.58 -26.38
CA ALA B 376 3.70 -8.33 -26.22
C ALA B 376 4.51 -7.31 -25.39
N SER B 377 3.94 -6.12 -25.14
CA SER B 377 4.57 -5.02 -24.40
C SER B 377 4.84 -5.40 -22.93
N GLU B 378 5.90 -4.82 -22.34
CA GLU B 378 6.23 -5.01 -20.92
C GLU B 378 5.08 -4.41 -20.10
N MET B 379 4.99 -4.73 -18.80
CA MET B 379 3.92 -4.20 -17.97
C MET B 379 4.38 -3.82 -16.59
N GLU B 380 4.10 -2.58 -16.19
CA GLU B 380 4.45 -2.07 -14.87
C GLU B 380 3.12 -1.95 -14.15
N PHE B 381 3.05 -2.49 -12.91
CA PHE B 381 1.84 -2.51 -12.08
C PHE B 381 2.18 -2.31 -10.59
N THR B 382 1.14 -2.05 -9.77
CA THR B 382 1.20 -1.75 -8.32
C THR B 382 0.13 -2.54 -7.50
N GLU B 383 -0.75 -3.25 -8.21
CA GLU B 383 -1.84 -4.05 -7.66
C GLU B 383 -1.79 -5.43 -8.32
N ASN B 384 -2.51 -6.41 -7.75
CA ASN B 384 -2.57 -7.74 -8.35
C ASN B 384 -3.68 -7.71 -9.39
N GLY B 385 -3.44 -8.39 -10.50
CA GLY B 385 -4.38 -8.50 -11.61
C GLY B 385 -4.13 -9.66 -12.53
N GLU B 386 -4.84 -9.65 -13.67
CA GLU B 386 -4.79 -10.64 -14.76
C GLU B 386 -4.19 -9.99 -16.00
N TYR B 387 -3.43 -10.75 -16.81
CA TYR B 387 -2.84 -10.26 -18.06
C TYR B 387 -3.45 -11.06 -19.20
N THR B 388 -4.45 -10.50 -19.86
CA THR B 388 -5.08 -11.14 -20.99
C THR B 388 -4.22 -10.89 -22.24
N LEU B 389 -4.03 -11.95 -23.07
CA LEU B 389 -3.26 -11.93 -24.31
C LEU B 389 -3.82 -12.92 -25.35
N ILE B 390 -4.09 -12.43 -26.57
CA ILE B 390 -4.54 -13.31 -27.67
C ILE B 390 -3.30 -13.82 -28.42
N LEU B 391 -3.05 -15.14 -28.29
CA LEU B 391 -1.92 -15.81 -28.90
C LEU B 391 -2.22 -16.11 -30.39
N THR B 392 -1.41 -15.52 -31.30
CA THR B 392 -1.54 -15.67 -32.76
C THR B 392 -0.54 -16.68 -33.27
N GLN B 393 -0.84 -17.29 -34.43
CA GLN B 393 0.02 -18.30 -35.06
C GLN B 393 1.50 -17.89 -35.04
N ASP B 394 1.81 -16.65 -35.45
CA ASP B 394 3.19 -16.12 -35.50
C ASP B 394 3.89 -16.17 -34.14
N MET B 395 3.11 -15.94 -33.05
CA MET B 395 3.61 -16.05 -31.68
C MET B 395 3.82 -17.56 -31.43
N LEU B 396 2.73 -18.38 -31.54
CA LEU B 396 2.69 -19.84 -31.33
C LEU B 396 3.89 -20.54 -31.96
N ASN B 397 4.20 -20.18 -33.23
CA ASN B 397 5.32 -20.69 -34.01
C ASN B 397 6.64 -20.22 -33.39
N LYS B 398 6.75 -18.93 -33.03
CA LYS B 398 7.95 -18.38 -32.41
C LYS B 398 8.22 -19.08 -31.08
N ILE B 399 7.14 -19.46 -30.34
CA ILE B 399 7.21 -20.16 -29.05
C ILE B 399 7.91 -21.50 -29.26
N GLN B 400 7.40 -22.31 -30.23
CA GLN B 400 7.93 -23.63 -30.59
C GLN B 400 9.38 -23.57 -31.07
N ALA B 401 9.69 -22.57 -31.91
CA ALA B 401 11.01 -22.33 -32.49
C ALA B 401 12.00 -21.86 -31.44
N GLU B 402 11.63 -20.78 -30.73
CA GLU B 402 12.44 -20.17 -29.68
C GLU B 402 12.08 -20.78 -28.34
N ALA B 403 12.79 -21.87 -28.00
CA ALA B 403 12.73 -22.75 -26.83
C ALA B 403 11.56 -22.53 -25.82
N GLY B 404 10.33 -22.63 -26.30
CA GLY B 404 9.13 -22.55 -25.44
C GLY B 404 8.69 -21.18 -24.96
N PHE B 405 7.69 -21.18 -24.05
CA PHE B 405 7.09 -19.98 -23.46
C PHE B 405 7.64 -19.64 -22.07
N LEU B 406 7.83 -18.34 -21.87
CA LEU B 406 8.29 -17.69 -20.65
C LEU B 406 7.35 -16.56 -20.27
N CYS B 407 7.35 -16.23 -18.98
CA CYS B 407 6.69 -15.11 -18.37
C CYS B 407 7.84 -14.53 -17.60
N VAL B 408 8.25 -13.28 -17.89
CA VAL B 408 9.40 -12.74 -17.18
C VAL B 408 9.12 -11.30 -16.63
N GLY B 409 10.06 -10.79 -15.84
CA GLY B 409 9.98 -9.49 -15.20
C GLY B 409 10.69 -9.51 -13.88
N HIS B 410 10.18 -8.69 -12.92
CA HIS B 410 10.69 -8.60 -11.56
C HIS B 410 9.65 -8.05 -10.60
N GLY B 411 9.58 -8.68 -9.42
CA GLY B 411 8.69 -8.31 -8.32
C GLY B 411 7.27 -8.79 -8.43
N TYR B 412 7.09 -9.98 -9.00
CA TYR B 412 5.75 -10.53 -9.13
C TYR B 412 5.73 -12.04 -9.10
N TYR B 413 4.54 -12.58 -8.84
CA TYR B 413 4.29 -14.01 -8.76
C TYR B 413 3.28 -14.34 -9.80
N VAL B 414 3.46 -15.50 -10.45
CA VAL B 414 2.52 -16.03 -11.43
C VAL B 414 1.65 -16.96 -10.59
N ASP B 415 0.36 -16.72 -10.58
CA ASP B 415 -0.55 -17.48 -9.75
C ASP B 415 -1.45 -18.44 -10.52
N LEU B 416 -1.64 -18.18 -11.81
CA LEU B 416 -2.53 -18.92 -12.70
C LEU B 416 -2.19 -18.61 -14.15
N VAL B 417 -2.33 -19.60 -15.04
CA VAL B 417 -2.09 -19.45 -16.48
C VAL B 417 -3.23 -20.20 -17.15
N THR B 418 -4.22 -19.50 -17.73
CA THR B 418 -5.35 -20.20 -18.34
C THR B 418 -5.43 -19.98 -19.84
N VAL B 419 -6.38 -20.66 -20.53
CA VAL B 419 -6.55 -20.53 -21.98
C VAL B 419 -7.99 -20.87 -22.43
N LYS B 420 -8.58 -20.01 -23.30
CA LYS B 420 -9.92 -20.17 -23.88
C LYS B 420 -10.02 -19.55 -25.28
N ASN C 33 17.56 -35.17 70.52
CA ASN C 33 18.29 -34.75 71.72
C ASN C 33 18.70 -33.27 71.68
N ASP C 34 19.47 -32.84 70.66
CA ASP C 34 19.94 -31.46 70.54
C ASP C 34 19.10 -30.67 69.47
N ASP C 35 19.49 -29.41 69.17
CA ASP C 35 18.80 -28.55 68.17
C ASP C 35 19.38 -28.71 66.75
N PRO C 36 18.57 -28.64 65.65
CA PRO C 36 19.13 -28.89 64.32
C PRO C 36 19.53 -27.68 63.47
N HIS C 37 20.38 -27.91 62.43
CA HIS C 37 20.84 -26.97 61.37
C HIS C 37 21.79 -27.63 60.33
N ILE C 38 21.74 -27.14 59.07
CA ILE C 38 22.55 -27.64 57.94
C ILE C 38 23.88 -26.90 57.86
N LEU C 39 24.99 -27.66 57.95
CA LEU C 39 26.36 -27.18 57.90
C LEU C 39 27.01 -27.49 56.56
N PRO C 41 26.12 -28.28 53.13
CA PRO C 41 25.97 -27.36 52.00
C PRO C 41 25.51 -25.99 52.44
N VAL C 42 26.17 -24.96 51.91
CA VAL C 42 25.91 -23.54 52.21
C VAL C 42 24.89 -23.00 51.20
N PHE C 43 23.67 -22.75 51.68
CA PHE C 43 22.57 -22.24 50.87
C PHE C 43 22.58 -20.71 50.81
N PRO C 44 22.21 -20.10 49.67
CA PRO C 44 22.19 -18.63 49.61
C PRO C 44 20.95 -18.07 50.27
N ASP C 45 21.08 -16.84 50.85
CA ASP C 45 19.99 -16.10 51.52
C ASP C 45 18.97 -15.60 50.48
N ARG C 46 17.77 -15.19 50.94
CA ARG C 46 16.70 -14.71 50.05
C ARG C 46 17.10 -13.45 49.26
N THR C 47 16.95 -13.50 47.90
CA THR C 47 17.25 -12.40 46.97
C THR C 47 16.18 -11.30 47.15
N ASN C 48 16.52 -10.31 48.03
CA ASN C 48 15.66 -9.19 48.46
C ASN C 48 14.43 -9.79 49.17
N GLY C 49 13.23 -9.53 48.65
CA GLY C 49 11.99 -10.07 49.20
C GLY C 49 11.48 -11.20 48.35
N GLN C 50 12.41 -12.04 47.82
CA GLN C 50 12.13 -13.19 46.94
C GLN C 50 13.04 -14.39 47.26
N LEU C 51 12.55 -15.63 46.97
CA LEU C 51 13.27 -16.88 47.17
C LEU C 51 14.58 -16.90 46.39
N ALA C 52 15.58 -17.56 46.96
CA ALA C 52 16.87 -17.72 46.29
C ALA C 52 16.85 -18.96 45.37
N THR C 53 17.71 -18.97 44.35
CA THR C 53 17.81 -20.10 43.44
C THR C 53 18.87 -21.05 44.00
N PHE C 54 18.42 -22.20 44.54
CA PHE C 54 19.30 -23.20 45.13
C PHE C 54 20.09 -23.96 44.07
N ALA C 55 19.47 -24.20 42.91
CA ALA C 55 20.09 -24.93 41.82
C ALA C 55 19.73 -24.37 40.44
N ASN C 56 20.68 -24.42 39.52
CA ASN C 56 20.45 -24.00 38.15
C ASN C 56 21.08 -24.99 37.18
N ILE C 57 20.34 -26.06 36.95
CA ILE C 57 20.80 -27.11 36.07
C ILE C 57 20.11 -27.08 34.73
N SER C 58 20.40 -28.09 33.91
CA SER C 58 19.80 -28.27 32.61
C SER C 58 19.04 -29.57 32.62
N ARG C 59 17.99 -29.61 31.77
CA ARG C 59 17.04 -30.71 31.55
C ARG C 59 17.70 -32.11 31.66
N ASP C 60 18.87 -32.29 30.99
CA ASP C 60 19.61 -33.54 30.89
C ASP C 60 20.24 -33.94 32.22
N ALA C 61 20.78 -32.98 32.99
CA ALA C 61 21.38 -33.20 34.33
C ALA C 61 20.27 -33.44 35.39
N ASN C 62 20.69 -33.95 36.56
CA ASN C 62 19.79 -34.22 37.70
C ASN C 62 20.10 -33.31 38.87
N LEU C 63 19.08 -33.03 39.69
CA LEU C 63 19.17 -32.21 40.90
C LEU C 63 19.91 -33.05 41.93
N SER C 64 21.11 -32.60 42.35
CA SER C 64 21.92 -33.33 43.34
C SER C 64 22.35 -32.46 44.51
N ILE C 65 21.79 -32.76 45.72
CA ILE C 65 22.14 -32.03 46.95
C ILE C 65 22.40 -33.02 48.08
N ALA C 66 23.60 -32.92 48.68
CA ALA C 66 24.06 -33.76 49.79
C ALA C 66 24.18 -32.86 51.02
N LEU C 67 23.46 -33.22 52.10
CA LEU C 67 23.39 -32.43 53.34
C LEU C 67 24.20 -32.95 54.51
N THR C 68 24.84 -32.01 55.22
CA THR C 68 25.57 -32.28 56.44
C THR C 68 24.72 -31.64 57.54
N VAL C 69 24.12 -32.47 58.41
CA VAL C 69 23.25 -32.03 59.51
C VAL C 69 23.98 -32.08 60.88
N THR C 70 23.84 -31.01 61.73
CA THR C 70 24.49 -30.89 63.06
C THR C 70 24.18 -32.11 63.97
N PRO C 71 22.90 -32.52 64.25
CA PRO C 71 22.70 -33.71 65.09
C PRO C 71 22.89 -34.99 64.26
N LYS C 72 24.17 -35.37 64.01
CA LYS C 72 24.54 -36.57 63.24
C LYS C 72 23.88 -37.78 63.87
N ASP C 73 23.15 -38.59 63.04
CA ASP C 73 22.37 -39.79 63.43
C ASP C 73 21.08 -39.44 64.23
N TYR C 74 20.92 -38.17 64.64
CA TYR C 74 19.79 -37.67 65.41
C TYR C 74 18.91 -36.65 64.64
N THR C 75 18.61 -36.94 63.35
CA THR C 75 17.78 -36.11 62.43
C THR C 75 17.17 -36.92 61.28
N THR C 76 16.06 -36.41 60.69
CA THR C 76 15.33 -37.03 59.58
C THR C 76 14.79 -35.96 58.60
N VAL C 77 15.43 -35.82 57.40
CA VAL C 77 15.11 -34.82 56.37
C VAL C 77 14.14 -35.31 55.26
N THR C 78 13.12 -34.46 54.99
CA THR C 78 12.04 -34.60 53.99
C THR C 78 12.28 -33.63 52.82
N TRP C 79 11.80 -34.02 51.62
CA TRP C 79 11.96 -33.24 50.40
C TRP C 79 10.62 -33.00 49.73
N PHE C 80 10.42 -31.76 49.25
CA PHE C 80 9.17 -31.36 48.60
C PHE C 80 9.36 -30.54 47.32
N ILE C 81 9.02 -31.15 46.18
CA ILE C 81 9.08 -30.49 44.88
C ILE C 81 7.67 -29.94 44.64
N ASP C 82 7.54 -28.60 44.73
CA ASP C 82 6.28 -27.85 44.58
C ASP C 82 5.19 -28.36 45.54
N GLY C 83 5.53 -28.34 46.82
CA GLY C 83 4.61 -28.78 47.86
C GLY C 83 4.48 -30.27 48.02
N GLN C 84 4.40 -31.05 46.92
CA GLN C 84 4.29 -32.50 47.01
C GLN C 84 5.59 -33.16 47.48
N GLU C 85 5.49 -34.13 48.40
CA GLU C 85 6.63 -34.83 48.95
C GLU C 85 7.06 -35.91 48.03
N VAL C 86 8.39 -36.14 47.95
CA VAL C 86 8.97 -37.22 47.16
C VAL C 86 10.37 -37.65 47.66
N GLU C 87 10.72 -38.91 47.36
CA GLU C 87 11.96 -39.59 47.69
C GLU C 87 13.20 -38.87 47.19
N SER C 88 14.27 -38.95 47.98
CA SER C 88 15.58 -38.45 47.59
C SER C 88 16.06 -39.51 46.63
N GLY C 89 16.75 -39.10 45.57
CA GLY C 89 17.20 -40.05 44.58
C GLY C 89 18.25 -41.06 45.02
N THR C 90 18.80 -40.86 46.24
CA THR C 90 19.85 -41.72 46.79
C THR C 90 19.35 -42.67 47.90
N ASP C 91 20.32 -43.21 48.67
CA ASP C 91 20.17 -44.14 49.79
C ASP C 91 19.85 -43.36 51.08
N SER C 92 20.71 -42.39 51.42
CA SER C 92 20.48 -41.55 52.58
C SER C 92 19.32 -40.60 52.28
N ASP C 93 18.58 -40.21 53.34
CA ASP C 93 17.51 -39.24 53.23
C ASP C 93 18.17 -37.85 53.11
N LYS C 94 19.45 -37.75 53.50
CA LYS C 94 20.27 -36.53 53.52
C LYS C 94 20.90 -36.16 52.16
N GLU C 95 20.60 -36.91 51.10
CA GLU C 95 21.12 -36.60 49.77
C GLU C 95 20.05 -36.84 48.70
N ILE C 96 19.66 -35.76 47.98
CA ILE C 96 18.67 -35.84 46.90
C ILE C 96 19.35 -36.00 45.55
N ASN C 97 18.68 -36.72 44.64
CA ASN C 97 19.07 -36.91 43.26
C ASN C 97 17.77 -37.09 42.44
N ARG C 98 17.31 -35.99 41.85
CA ARG C 98 16.06 -36.05 41.10
C ARG C 98 16.19 -35.62 39.64
N SER C 99 15.50 -36.33 38.72
CA SER C 99 15.45 -35.96 37.30
C SER C 99 14.20 -35.11 37.00
N LEU C 100 14.42 -33.82 36.77
CA LEU C 100 13.30 -32.94 36.53
C LEU C 100 13.27 -32.41 35.13
N LYS C 101 12.04 -32.30 34.55
CA LYS C 101 11.84 -31.70 33.23
C LYS C 101 12.08 -30.21 33.35
N ALA C 102 12.31 -29.54 32.22
CA ALA C 102 12.55 -28.10 32.20
C ALA C 102 11.47 -27.36 32.96
N GLY C 103 11.89 -26.39 33.76
CA GLY C 103 10.99 -25.56 34.56
C GLY C 103 11.60 -25.01 35.83
N THR C 104 10.92 -24.05 36.47
CA THR C 104 11.36 -23.50 37.75
C THR C 104 10.53 -24.19 38.80
N TYR C 105 11.18 -24.65 39.87
CA TYR C 105 10.52 -25.42 40.90
C TYR C 105 10.71 -24.87 42.31
N ASN C 106 9.84 -25.32 43.23
CA ASN C 106 9.87 -25.00 44.65
C ASN C 106 10.47 -26.20 45.40
N LEU C 107 11.63 -26.00 46.01
CA LEU C 107 12.28 -27.07 46.76
C LEU C 107 12.21 -26.72 48.23
N LYS C 108 11.53 -27.57 49.00
CA LYS C 108 11.40 -27.39 50.44
C LYS C 108 12.12 -28.56 51.14
N ILE C 109 13.19 -28.27 51.88
CA ILE C 109 13.98 -29.26 52.63
C ILE C 109 13.55 -29.19 54.11
N GLU C 110 12.78 -30.19 54.56
CA GLU C 110 12.27 -30.25 55.94
C GLU C 110 13.10 -31.17 56.84
N VAL C 111 14.04 -30.57 57.60
CA VAL C 111 14.93 -31.28 58.54
C VAL C 111 14.28 -31.24 59.92
N GLU C 112 14.04 -32.41 60.53
CA GLU C 112 13.42 -32.51 61.85
C GLU C 112 14.20 -33.44 62.77
N THR C 113 14.50 -32.96 64.00
CA THR C 113 15.20 -33.74 65.03
C THR C 113 14.30 -34.87 65.49
N VAL C 114 14.91 -36.00 65.89
CA VAL C 114 14.19 -37.19 66.33
C VAL C 114 13.17 -36.85 67.43
N LYS C 115 13.45 -35.82 68.26
CA LYS C 115 12.55 -35.33 69.29
C LYS C 115 11.29 -34.70 68.66
N GLY C 116 11.50 -33.68 67.83
CA GLY C 116 10.44 -32.96 67.13
C GLY C 116 10.84 -31.56 66.70
N LYS C 117 11.94 -31.01 67.28
CA LYS C 117 12.49 -29.68 66.98
C LYS C 117 13.03 -29.66 65.54
N LYS C 118 12.46 -28.79 64.68
CA LYS C 118 12.83 -28.77 63.27
C LYS C 118 13.52 -27.47 62.79
N THR C 119 13.96 -27.48 61.50
CA THR C 119 14.58 -26.41 60.69
C THR C 119 14.20 -26.70 59.23
N SER C 120 13.78 -25.67 58.48
CA SER C 120 13.35 -25.88 57.09
C SER C 120 13.88 -24.86 56.09
N ARG C 121 14.61 -25.37 55.06
CA ARG C 121 15.14 -24.56 53.96
C ARG C 121 14.19 -24.57 52.74
N GLU C 122 14.06 -23.41 52.05
CA GLU C 122 13.21 -23.25 50.87
C GLU C 122 13.89 -22.34 49.85
N GLY C 123 13.86 -22.79 48.60
CA GLY C 123 14.46 -22.11 47.46
C GLY C 123 13.93 -22.61 46.14
N LEU C 124 14.61 -22.22 45.05
CA LEU C 124 14.19 -22.63 43.71
C LEU C 124 15.20 -23.54 42.98
N VAL C 125 14.62 -24.44 42.16
CA VAL C 125 15.31 -25.41 41.31
C VAL C 125 14.95 -25.00 39.88
N VAL C 126 15.93 -24.42 39.15
CA VAL C 126 15.70 -23.96 37.80
C VAL C 126 16.36 -24.91 36.79
N VAL C 127 15.51 -25.68 36.10
CA VAL C 127 15.85 -26.68 35.09
C VAL C 127 15.70 -26.10 33.68
N ASN C 128 16.83 -25.82 33.05
CA ASN C 128 16.88 -25.18 31.74
C ASN C 128 16.72 -26.13 30.56
N PRO C 129 15.91 -25.75 29.55
CA PRO C 129 15.81 -26.61 28.37
C PRO C 129 17.00 -26.40 27.44
N LEU C 130 17.53 -27.51 26.92
CA LEU C 130 18.65 -27.44 25.98
C LEU C 130 18.11 -26.84 24.70
N ALA C 131 18.87 -25.93 24.03
CA ALA C 131 18.40 -25.39 22.75
C ALA C 131 18.24 -26.62 21.87
N ASP C 132 17.20 -26.68 21.06
CA ASP C 132 16.92 -27.87 20.25
C ASP C 132 15.70 -28.59 20.81
N ASP C 133 15.50 -28.47 22.15
CA ASP C 133 14.36 -29.07 22.82
C ASP C 133 13.18 -28.21 22.52
N PRO C 134 12.00 -28.77 22.19
CA PRO C 134 10.80 -27.94 22.15
C PRO C 134 10.58 -27.32 23.55
N GLN C 135 10.49 -26.00 23.61
CA GLN C 135 10.38 -25.27 24.86
C GLN C 135 9.38 -24.14 24.78
N SER C 136 8.77 -23.79 25.94
CA SER C 136 7.74 -22.76 26.05
C SER C 136 7.69 -22.20 27.45
N LYS C 137 7.69 -20.88 27.53
CA LYS C 137 7.65 -20.12 28.77
C LYS C 137 6.65 -18.99 28.52
N GLU C 138 5.80 -18.68 29.54
CA GLU C 138 4.76 -17.65 29.49
C GLU C 138 5.34 -16.33 28.99
N VAL C 139 4.81 -15.84 27.86
CA VAL C 139 5.24 -14.58 27.29
C VAL C 139 4.42 -13.47 27.95
N ALA C 140 3.07 -13.68 28.08
CA ALA C 140 2.12 -12.81 28.78
C ALA C 140 0.67 -13.26 28.65
N PHE C 141 0.09 -13.83 29.72
CA PHE C 141 -1.32 -14.25 29.84
C PHE C 141 -1.88 -15.34 28.87
N GLU C 142 -1.06 -15.89 27.96
CA GLU C 142 -1.55 -16.93 27.01
C GLU C 142 -1.75 -18.26 27.70
N ARG C 143 -1.10 -18.41 28.87
CA ARG C 143 -1.15 -19.56 29.75
C ARG C 143 -2.46 -19.61 30.56
N ILE C 144 -3.38 -18.66 30.33
CA ILE C 144 -4.68 -18.72 30.97
C ILE C 144 -5.58 -19.36 29.92
N VAL C 145 -6.01 -20.60 30.20
CA VAL C 145 -6.75 -21.40 29.23
C VAL C 145 -8.15 -21.79 29.71
N SER C 146 -9.08 -22.01 28.77
CA SER C 146 -10.42 -22.45 29.13
C SER C 146 -10.76 -23.79 28.49
N PRO C 147 -11.35 -24.74 29.28
CA PRO C 147 -11.74 -26.04 28.71
C PRO C 147 -12.59 -25.95 27.45
N GLY C 148 -12.33 -26.88 26.53
CA GLY C 148 -13.05 -26.97 25.27
C GLY C 148 -12.61 -25.94 24.27
N LYS C 149 -11.84 -24.92 24.71
CA LYS C 149 -11.39 -23.83 23.85
C LYS C 149 -9.96 -23.97 23.35
N THR C 150 -9.60 -23.10 22.39
CA THR C 150 -8.31 -23.07 21.70
C THR C 150 -7.28 -22.14 22.43
N ALA C 151 -5.95 -22.50 22.40
CA ALA C 151 -4.88 -21.77 23.07
C ALA C 151 -3.55 -21.79 22.34
N ARG C 152 -2.70 -20.81 22.66
CA ARG C 152 -1.38 -20.53 22.09
C ARG C 152 -0.31 -21.03 23.06
N LEU C 153 0.94 -21.18 22.55
CA LEU C 153 2.18 -21.52 23.27
C LEU C 153 3.31 -20.79 22.55
N TYR C 154 4.06 -19.93 23.26
CA TYR C 154 5.15 -19.18 22.66
C TYR C 154 6.45 -19.75 23.10
N GLY C 155 7.32 -19.99 22.14
CA GLY C 155 8.63 -20.55 22.45
C GLY C 155 9.34 -21.14 21.25
N SER C 156 10.37 -21.94 21.55
CA SER C 156 11.25 -22.53 20.56
C SER C 156 11.04 -24.00 20.26
N ASN C 157 11.46 -24.39 19.03
CA ASN C 157 11.42 -25.71 18.41
C ASN C 157 10.05 -26.35 18.50
N LEU C 158 8.99 -25.51 18.54
CA LEU C 158 7.63 -25.99 18.75
C LEU C 158 7.07 -26.76 17.56
N GLN C 159 7.48 -26.43 16.36
CA GLN C 159 7.02 -27.10 15.12
C GLN C 159 7.22 -28.62 15.15
N ASN C 160 8.04 -29.12 16.11
CA ASN C 160 8.40 -30.51 16.34
C ASN C 160 7.41 -31.28 17.23
N VAL C 161 6.68 -30.54 18.11
CA VAL C 161 5.71 -31.05 19.09
C VAL C 161 4.52 -31.65 18.38
N THR C 162 4.24 -32.93 18.61
CA THR C 162 3.12 -33.65 18.00
C THR C 162 1.93 -33.86 18.96
N ALA C 163 2.17 -33.68 20.30
CA ALA C 163 1.13 -33.78 21.33
C ALA C 163 1.52 -33.02 22.58
N ILE C 164 0.51 -32.44 23.25
CA ILE C 164 0.67 -31.67 24.49
C ILE C 164 0.02 -32.50 25.56
N LEU C 165 0.54 -32.44 26.78
CA LEU C 165 0.06 -33.27 27.84
C LEU C 165 -0.26 -32.38 28.96
N LEU C 166 -1.54 -32.25 29.22
CA LEU C 166 -2.09 -31.42 30.28
C LEU C 166 -2.75 -32.42 31.18
N GLY C 167 -2.49 -32.31 32.48
CA GLY C 167 -3.01 -33.22 33.50
C GLY C 167 -3.77 -34.42 33.01
N GLY C 168 -3.08 -35.54 32.85
CA GLY C 168 -3.68 -36.79 32.44
C GLY C 168 -4.18 -36.85 31.01
N ASN C 169 -4.45 -35.70 30.41
CA ASN C 169 -4.97 -35.65 29.06
C ASN C 169 -3.89 -35.45 28.01
N THR C 170 -3.89 -36.31 26.98
CA THR C 170 -2.98 -36.23 25.84
C THR C 170 -3.73 -35.47 24.76
N ILE C 171 -3.31 -34.21 24.50
CA ILE C 171 -3.86 -33.28 23.51
C ILE C 171 -3.11 -33.50 22.20
N THR C 172 -3.75 -34.11 21.20
CA THR C 172 -3.06 -34.27 19.91
C THR C 172 -3.39 -32.96 19.15
N ASP C 173 -3.47 -32.92 17.79
CA ASP C 173 -3.88 -31.71 17.01
C ASP C 173 -3.05 -30.39 17.19
N PRO C 174 -1.78 -30.30 17.69
CA PRO C 174 -1.16 -28.99 17.75
C PRO C 174 -0.88 -28.52 16.32
N THR C 175 -1.09 -27.22 16.11
CA THR C 175 -0.87 -26.60 14.83
C THR C 175 0.12 -25.49 15.11
N TYR C 176 1.29 -25.58 14.47
CA TYR C 176 2.32 -24.56 14.52
C TYR C 176 1.93 -23.49 13.50
N VAL C 177 1.67 -22.26 13.98
CA VAL C 177 1.26 -21.14 13.14
C VAL C 177 2.43 -20.26 12.79
N GLU C 178 2.84 -20.25 11.50
CA GLU C 178 3.89 -19.42 10.91
C GLU C 178 3.26 -18.02 10.76
N SER C 179 3.78 -17.04 11.53
CA SER C 179 3.19 -15.70 11.58
C SER C 179 4.17 -14.53 11.74
N ALA C 180 3.69 -13.37 11.25
CA ALA C 180 4.28 -12.05 11.23
C ALA C 180 4.76 -11.59 12.61
N ASP C 181 3.82 -11.50 13.59
CA ASP C 181 4.09 -10.98 14.95
C ASP C 181 5.01 -11.92 15.77
N GLU C 182 4.73 -13.25 15.77
CA GLU C 182 5.52 -14.32 16.38
C GLU C 182 4.83 -15.63 16.07
N ASN C 183 5.63 -16.69 15.87
CA ASN C 183 5.12 -18.03 15.59
C ASN C 183 4.71 -18.70 16.90
N TYR C 184 3.55 -19.36 16.89
CA TYR C 184 3.05 -20.01 18.08
C TYR C 184 2.48 -21.40 17.83
N LEU C 185 2.47 -22.23 18.89
CA LEU C 185 1.85 -23.54 18.81
C LEU C 185 0.45 -23.44 19.36
N GLU C 186 -0.51 -23.72 18.49
CA GLU C 186 -1.91 -23.67 18.83
C GLU C 186 -2.39 -25.06 19.08
N TYR C 187 -3.15 -25.23 20.16
CA TYR C 187 -3.74 -26.48 20.63
C TYR C 187 -5.10 -26.19 21.25
N THR C 188 -5.95 -27.24 21.42
CA THR C 188 -7.32 -27.14 22.00
C THR C 188 -7.48 -27.88 23.36
N ILE C 189 -7.64 -27.11 24.45
CA ILE C 189 -7.83 -27.61 25.84
C ILE C 189 -8.99 -28.60 25.91
N PRO C 190 -8.81 -29.84 26.40
CA PRO C 190 -9.94 -30.77 26.46
C PRO C 190 -11.09 -30.24 27.34
N THR C 191 -12.33 -30.66 27.06
CA THR C 191 -13.50 -30.18 27.80
C THR C 191 -13.55 -30.70 29.24
N GLY C 192 -13.15 -31.96 29.45
CA GLY C 192 -13.14 -32.58 30.75
C GLY C 192 -12.33 -31.86 31.81
N VAL C 193 -11.26 -31.18 31.40
CA VAL C 193 -10.30 -30.54 32.30
C VAL C 193 -10.96 -29.79 33.46
N SER C 194 -10.56 -30.17 34.68
CA SER C 194 -10.95 -29.56 35.95
C SER C 194 -10.19 -28.26 36.09
N GLU C 195 -10.63 -27.36 36.98
CA GLU C 195 -9.96 -26.06 37.15
C GLU C 195 -8.56 -26.26 37.74
N GLY C 196 -7.85 -25.17 38.00
CA GLY C 196 -6.51 -25.21 38.59
C GLY C 196 -5.35 -25.22 37.63
N ASP C 197 -4.12 -25.12 38.22
CA ASP C 197 -2.82 -25.08 37.56
C ASP C 197 -2.24 -26.48 37.31
N TYR C 198 -1.74 -26.68 36.08
CA TYR C 198 -1.11 -27.93 35.62
C TYR C 198 0.20 -27.61 34.88
N ARG C 199 1.24 -28.45 35.07
CA ARG C 199 2.53 -28.36 34.36
C ARG C 199 2.27 -29.04 33.04
N ILE C 200 2.50 -28.33 31.92
CA ILE C 200 2.29 -28.97 30.61
C ILE C 200 3.59 -29.64 30.12
N VAL C 201 3.41 -30.68 29.29
CA VAL C 201 4.55 -31.41 28.77
C VAL C 201 4.38 -31.60 27.29
N LEU C 202 5.39 -31.16 26.55
CA LEU C 202 5.45 -31.22 25.12
C LEU C 202 6.00 -32.58 24.74
N GLN C 203 5.35 -33.24 23.79
CA GLN C 203 5.84 -34.52 23.39
C GLN C 203 6.04 -34.52 21.90
N ASP C 204 7.23 -35.00 21.44
CA ASP C 204 7.54 -35.06 20.02
C ASP C 204 7.15 -36.39 19.38
N ALA C 205 7.37 -36.52 18.04
CA ALA C 205 7.05 -37.75 17.30
C ALA C 205 7.70 -39.01 17.89
N ASP C 206 8.96 -38.92 18.35
CA ASP C 206 9.66 -40.07 18.93
C ASP C 206 9.29 -40.30 20.39
N GLY C 207 8.27 -39.61 20.86
CA GLY C 207 7.82 -39.79 22.23
C GLY C 207 8.64 -39.10 23.30
N ASN C 208 9.63 -38.30 22.93
CA ASN C 208 10.41 -37.59 23.94
C ASN C 208 9.55 -36.55 24.65
N GLN C 209 9.81 -36.34 25.92
CA GLN C 209 9.01 -35.37 26.64
C GLN C 209 9.81 -34.15 27.00
N TYR C 210 9.15 -32.98 27.07
CA TYR C 210 9.81 -31.74 27.37
C TYR C 210 8.93 -30.84 28.20
N GLY C 211 9.47 -30.35 29.31
CA GLY C 211 8.80 -29.45 30.22
C GLY C 211 8.53 -28.11 29.59
N ALA C 212 7.29 -27.60 29.77
CA ALA C 212 6.85 -26.30 29.25
C ALA C 212 6.10 -25.51 30.33
N ASP C 213 6.57 -25.57 31.58
CA ASP C 213 5.99 -24.84 32.71
C ASP C 213 4.45 -24.98 32.89
N MET C 214 3.82 -24.01 33.59
CA MET C 214 2.41 -24.01 34.00
C MET C 214 1.37 -23.58 32.97
N VAL C 215 0.12 -23.91 33.27
CA VAL C 215 -1.08 -23.55 32.52
C VAL C 215 -2.24 -23.53 33.54
N LYS C 216 -3.08 -22.46 33.53
CA LYS C 216 -4.23 -22.23 34.41
C LYS C 216 -5.57 -22.49 33.64
N VAL C 217 -6.28 -23.58 33.99
CA VAL C 217 -7.50 -24.00 33.29
C VAL C 217 -8.83 -23.52 33.94
N THR C 218 -9.21 -22.22 33.74
CA THR C 218 -10.45 -21.66 34.30
C THR C 218 -11.67 -21.70 33.38
N ASN C 219 -12.87 -21.76 33.99
CA ASN C 219 -14.17 -21.71 33.30
C ASN C 219 -14.83 -20.38 33.66
N ALA C 220 -14.31 -19.74 34.74
CA ALA C 220 -14.75 -18.44 35.24
C ALA C 220 -14.62 -17.37 34.19
N SER C 221 -15.50 -16.36 34.24
CA SER C 221 -15.38 -15.24 33.31
C SER C 221 -14.42 -14.25 33.99
N LEU C 222 -13.13 -14.31 33.60
CA LEU C 222 -12.11 -13.51 34.25
C LEU C 222 -11.59 -12.39 33.33
N VAL C 223 -11.86 -11.15 33.71
CA VAL C 223 -11.42 -9.97 32.97
C VAL C 223 -9.93 -9.74 33.25
N ILE C 224 -9.11 -9.78 32.20
CA ILE C 224 -7.66 -9.69 32.36
C ILE C 224 -7.14 -8.24 32.19
N SER C 225 -7.42 -7.57 31.05
CA SER C 225 -6.97 -6.20 30.80
C SER C 225 -8.05 -5.26 30.24
N GLY C 226 -7.82 -3.95 30.41
CA GLY C 226 -8.70 -2.90 29.91
C GLY C 226 -9.61 -2.18 30.87
N ALA C 227 -10.01 -2.84 31.98
CA ALA C 227 -10.96 -2.34 33.00
C ALA C 227 -10.39 -1.31 33.98
N ASN C 228 -9.06 -1.15 34.05
CA ASN C 228 -8.42 -0.22 34.97
C ASN C 228 -8.74 1.27 34.73
N ARG C 229 -8.93 1.64 33.46
CA ARG C 229 -9.17 3.00 33.01
C ARG C 229 -10.42 3.06 32.12
N ALA C 230 -11.34 3.99 32.37
CA ALA C 230 -12.55 4.17 31.56
C ALA C 230 -12.83 5.65 31.19
N THR C 231 -13.83 5.88 30.30
CA THR C 231 -14.23 7.22 29.84
C THR C 231 -15.76 7.27 29.66
N ALA C 232 -16.40 8.29 30.28
CA ALA C 232 -17.84 8.60 30.36
C ALA C 232 -18.62 8.54 29.02
N ASN C 233 -19.73 7.78 29.04
CA ASN C 233 -20.72 7.48 28.00
C ASN C 233 -20.12 7.27 26.58
N VAL C 234 -18.96 6.61 26.50
CA VAL C 234 -18.29 6.26 25.24
C VAL C 234 -18.22 4.72 25.11
N ASP C 235 -17.25 4.22 24.32
CA ASP C 235 -17.02 2.80 24.17
C ASP C 235 -15.93 2.38 25.18
N TRP C 236 -15.95 1.09 25.56
CA TRP C 236 -15.04 0.48 26.53
C TRP C 236 -14.80 -0.96 26.13
N THR C 237 -13.61 -1.27 25.62
CA THR C 237 -13.27 -2.63 25.19
C THR C 237 -12.57 -3.34 26.33
N ILE C 238 -13.17 -4.46 26.77
CA ILE C 238 -12.65 -5.24 27.89
C ILE C 238 -12.19 -6.61 27.40
N SER C 239 -10.93 -6.92 27.70
CA SER C 239 -10.27 -8.15 27.28
C SER C 239 -10.14 -9.14 28.44
N GLY C 240 -10.41 -10.42 28.15
CA GLY C 240 -10.38 -11.51 29.13
C GLY C 240 -10.46 -12.93 28.59
N ILE C 241 -11.01 -13.85 29.41
CA ILE C 241 -11.06 -15.25 29.05
C ILE C 241 -12.46 -15.80 28.75
N ASN C 242 -13.41 -15.84 29.70
CA ASN C 242 -14.70 -16.47 29.35
C ASN C 242 -15.84 -15.47 29.23
N LEU C 243 -15.50 -14.21 28.91
CA LEU C 243 -16.34 -13.00 28.79
C LEU C 243 -17.66 -13.20 28.06
N GLU C 244 -17.74 -14.23 27.21
CA GLU C 244 -18.94 -14.64 26.48
C GLU C 244 -20.12 -14.93 27.43
N ASN C 245 -19.84 -15.36 28.66
CA ASN C 245 -20.82 -15.74 29.69
C ASN C 245 -21.24 -14.56 30.60
N ILE C 246 -20.46 -13.44 30.57
CA ILE C 246 -20.78 -12.23 31.32
C ILE C 246 -22.20 -11.77 30.92
N ALA C 247 -23.15 -11.84 31.88
CA ALA C 247 -24.54 -11.42 31.69
C ALA C 247 -24.72 -9.93 32.03
N SER C 248 -24.27 -9.52 33.23
CA SER C 248 -24.35 -8.14 33.69
C SER C 248 -23.05 -7.74 34.36
N LEU C 249 -22.62 -6.50 34.16
CA LEU C 249 -21.41 -5.92 34.77
C LEU C 249 -21.84 -4.56 35.36
N THR C 250 -21.56 -4.29 36.68
CA THR C 250 -22.02 -3.09 37.39
C THR C 250 -20.90 -2.10 37.74
N ILE C 251 -20.73 -1.05 36.90
CA ILE C 251 -19.69 -0.01 36.94
C ILE C 251 -19.78 1.03 38.07
N GLY C 252 -20.96 1.17 38.67
CA GLY C 252 -21.22 2.09 39.78
C GLY C 252 -22.40 1.60 40.58
N GLY C 253 -23.55 1.59 39.90
CA GLY C 253 -24.84 1.09 40.35
C GLY C 253 -25.61 0.61 39.14
N GLN C 254 -25.01 0.88 37.96
CA GLN C 254 -25.50 0.56 36.63
C GLN C 254 -25.40 -0.92 36.33
N THR C 255 -26.54 -1.61 36.16
CA THR C 255 -26.63 -3.05 35.86
C THR C 255 -26.87 -3.27 34.33
N VAL C 256 -25.80 -3.02 33.53
CA VAL C 256 -25.72 -3.14 32.05
C VAL C 256 -25.85 -4.62 31.63
N SER C 257 -26.60 -4.89 30.55
CA SER C 257 -26.77 -6.22 29.95
C SER C 257 -26.71 -6.10 28.42
N GLN C 258 -26.41 -4.87 27.95
CA GLN C 258 -26.29 -4.51 26.53
C GLN C 258 -24.86 -4.05 26.19
N PHE C 259 -24.14 -4.90 25.42
CA PHE C 259 -22.75 -4.69 24.98
C PHE C 259 -22.67 -4.80 23.47
N SER C 260 -21.77 -4.02 22.81
CA SER C 260 -21.65 -3.99 21.34
C SER C 260 -21.06 -5.29 20.73
N ASN C 261 -19.95 -5.81 21.30
CA ASN C 261 -19.32 -7.05 20.81
C ASN C 261 -19.25 -8.12 21.90
N GLN C 262 -19.74 -9.34 21.62
CA GLN C 262 -19.70 -10.45 22.59
C GLN C 262 -18.85 -11.62 22.08
N SER C 263 -17.68 -11.80 22.71
CA SER C 263 -16.70 -12.83 22.43
C SER C 263 -16.14 -13.32 23.77
N SER C 264 -15.50 -14.51 23.78
CA SER C 264 -14.90 -15.02 24.99
C SER C 264 -13.70 -14.16 25.37
N THR C 265 -12.96 -13.67 24.38
CA THR C 265 -11.80 -12.82 24.59
C THR C 265 -12.17 -11.39 24.90
N GLU C 266 -13.32 -10.91 24.35
CA GLU C 266 -13.76 -9.52 24.52
C GLU C 266 -15.29 -9.27 24.66
N ILE C 267 -15.64 -8.28 25.51
CA ILE C 267 -16.99 -7.75 25.74
C ILE C 267 -16.81 -6.23 25.75
N THR C 268 -17.35 -5.53 24.70
CA THR C 268 -17.26 -4.06 24.52
C THR C 268 -18.55 -3.42 25.02
N LEU C 269 -18.42 -2.43 25.93
CA LEU C 269 -19.52 -1.76 26.62
C LEU C 269 -19.61 -0.24 26.37
N THR C 270 -20.80 0.34 26.70
CA THR C 270 -21.09 1.78 26.69
C THR C 270 -20.99 2.25 28.16
N CYS C 271 -19.80 2.79 28.51
CA CYS C 271 -19.44 3.28 29.83
C CYS C 271 -20.55 4.14 30.40
N PRO C 272 -21.09 3.82 31.59
CA PRO C 272 -22.19 4.64 32.14
C PRO C 272 -21.70 6.03 32.58
N ASP C 273 -22.57 7.08 32.48
CA ASP C 273 -22.17 8.45 32.81
C ASP C 273 -21.89 8.66 34.30
N LEU C 274 -20.62 8.98 34.58
CA LEU C 274 -20.10 9.20 35.92
C LEU C 274 -19.08 10.30 35.94
N SER C 275 -18.82 10.81 37.15
CA SER C 275 -17.89 11.90 37.40
C SER C 275 -16.46 11.40 37.59
N ASP C 276 -15.48 12.23 37.20
CA ASP C 276 -14.04 11.97 37.29
C ASP C 276 -13.57 11.54 38.70
N GLY C 277 -13.42 10.23 38.86
CA GLY C 277 -12.99 9.57 40.09
C GLY C 277 -13.17 8.06 40.04
N SER C 278 -12.57 7.34 41.01
CA SER C 278 -12.62 5.88 41.13
C SER C 278 -14.00 5.34 41.45
N TYR C 279 -14.31 4.12 40.99
CA TYR C 279 -15.58 3.42 41.22
C TYR C 279 -15.32 1.91 41.44
N THR C 280 -16.39 1.14 41.70
CA THR C 280 -16.22 -0.28 41.94
C THR C 280 -17.19 -1.09 41.08
N MET C 281 -16.59 -1.80 40.11
CA MET C 281 -17.28 -2.65 39.17
C MET C 281 -17.26 -4.09 39.62
N THR C 282 -18.44 -4.69 39.62
CA THR C 282 -18.66 -6.10 39.88
C THR C 282 -19.21 -6.63 38.55
N GLY C 283 -19.65 -7.89 38.55
CA GLY C 283 -20.21 -8.54 37.38
C GLY C 283 -20.81 -9.86 37.76
N LYS C 284 -21.74 -10.37 36.94
CA LYS C 284 -22.41 -11.64 37.19
C LYS C 284 -22.68 -12.36 35.88
N THR C 285 -22.78 -13.70 35.95
CA THR C 285 -22.94 -14.57 34.77
C THR C 285 -24.27 -15.30 34.64
N ARG C 286 -24.49 -15.89 33.45
CA ARG C 286 -25.64 -16.71 33.10
C ARG C 286 -25.84 -17.87 34.12
N SER C 287 -24.73 -18.39 34.70
CA SER C 287 -24.76 -19.46 35.70
C SER C 287 -25.22 -18.93 37.06
N GLY C 288 -25.02 -17.63 37.25
CA GLY C 288 -25.29 -16.95 38.51
C GLY C 288 -24.04 -17.06 39.35
N GLU C 289 -22.91 -16.60 38.78
CA GLU C 289 -21.60 -16.64 39.40
C GLU C 289 -20.87 -15.31 39.17
N ALA C 290 -20.15 -14.81 40.19
CA ALA C 290 -19.41 -13.54 40.14
C ALA C 290 -18.32 -13.54 39.08
N VAL C 291 -18.24 -12.44 38.32
CA VAL C 291 -17.23 -12.26 37.29
C VAL C 291 -15.95 -11.86 38.01
N GLN C 292 -14.88 -12.65 37.80
CA GLN C 292 -13.55 -12.45 38.37
C GLN C 292 -12.82 -11.40 37.57
N PHE C 293 -11.88 -10.70 38.22
CA PHE C 293 -11.09 -9.67 37.58
C PHE C 293 -9.65 -9.78 38.04
N LEU C 294 -8.70 -10.03 37.09
CA LEU C 294 -7.26 -10.11 37.40
C LEU C 294 -6.73 -8.69 37.47
N ASN C 295 -5.68 -8.46 38.27
CA ASN C 295 -5.05 -7.16 38.50
C ASN C 295 -3.72 -7.45 39.17
N ASP C 296 -2.58 -7.31 38.44
CA ASP C 296 -1.22 -7.62 38.91
C ASP C 296 -1.16 -9.01 39.58
N ASN C 297 -1.83 -10.01 38.92
CA ASN C 297 -2.02 -11.41 39.32
C ASN C 297 -3.11 -11.65 40.37
N ILE C 298 -3.55 -10.59 41.06
CA ILE C 298 -4.56 -10.68 42.10
C ILE C 298 -5.96 -10.82 41.50
N THR C 299 -6.56 -11.99 41.70
CA THR C 299 -7.87 -12.36 41.18
C THR C 299 -8.96 -12.03 42.19
N THR C 300 -9.48 -10.80 42.12
CA THR C 300 -10.56 -10.30 42.98
C THR C 300 -11.90 -10.46 42.25
N THR C 301 -12.93 -9.74 42.71
CA THR C 301 -14.26 -9.72 42.10
C THR C 301 -14.81 -8.28 42.18
N GLU C 302 -14.00 -7.39 42.83
CA GLU C 302 -14.20 -5.97 43.07
C GLU C 302 -13.19 -5.18 42.20
N GLN C 303 -13.61 -4.84 40.95
CA GLN C 303 -12.78 -4.11 39.99
C GLN C 303 -12.82 -2.58 40.16
N THR C 304 -11.70 -2.00 40.58
CA THR C 304 -11.52 -0.56 40.80
C THR C 304 -11.22 0.16 39.43
N VAL C 305 -12.27 0.81 38.90
CA VAL C 305 -12.31 1.55 37.62
C VAL C 305 -12.02 3.08 37.81
N THR C 306 -11.56 3.78 36.76
CA THR C 306 -11.28 5.22 36.81
C THR C 306 -11.97 5.93 35.63
N VAL C 307 -13.25 6.35 35.80
CA VAL C 307 -14.06 7.07 34.79
C VAL C 307 -13.46 8.47 34.54
N SER C 308 -13.38 8.88 33.27
CA SER C 308 -12.84 10.18 32.87
C SER C 308 -13.79 10.84 31.85
N THR C 309 -13.70 12.17 31.70
CA THR C 309 -14.55 12.93 30.79
C THR C 309 -13.68 13.51 29.65
N GLU C 310 -14.03 13.15 28.41
CA GLU C 310 -13.23 13.52 27.25
C GLU C 310 -13.80 14.68 26.43
N ILE C 311 -13.22 15.85 26.68
CA ILE C 311 -13.49 17.13 26.04
C ILE C 311 -12.69 17.21 24.75
N THR C 312 -13.34 17.55 23.64
CA THR C 312 -12.61 17.71 22.39
C THR C 312 -12.03 19.11 22.35
N LEU C 313 -10.85 19.29 21.75
CA LEU C 313 -10.15 20.58 21.69
C LEU C 313 -9.93 21.08 20.28
N TRP C 314 -10.07 20.16 19.31
CA TRP C 314 -9.95 20.40 17.88
C TRP C 314 -10.44 19.19 17.10
N SER C 315 -11.03 19.43 15.94
CA SER C 315 -11.53 18.42 15.01
C SER C 315 -11.36 19.00 13.62
N GLY C 316 -11.05 18.13 12.66
CA GLY C 316 -10.78 18.51 11.27
C GLY C 316 -9.89 17.50 10.57
N HIS C 317 -9.02 17.95 9.66
CA HIS C 317 -8.16 17.05 8.90
C HIS C 317 -7.03 17.96 8.40
N HIS C 318 -6.08 18.26 9.31
CA HIS C 318 -4.96 19.20 9.12
C HIS C 318 -3.66 18.53 8.72
N TYR C 319 -3.16 18.86 7.53
CA TYR C 319 -1.90 18.28 7.08
C TYR C 319 -0.66 18.90 7.74
N VAL C 320 0.27 18.04 8.18
CA VAL C 320 1.54 18.47 8.83
C VAL C 320 2.68 18.09 7.91
N SER C 321 3.58 19.02 7.60
CA SER C 321 4.78 18.75 6.80
C SER C 321 5.90 19.77 6.98
N TRP C 322 6.97 19.34 7.70
CA TRP C 322 8.17 20.18 7.96
C TRP C 322 8.94 20.60 6.69
N ASP C 323 8.78 19.87 5.56
CA ASP C 323 9.42 20.20 4.29
C ASP C 323 8.98 21.60 3.85
N LYS C 324 7.67 21.91 3.98
CA LYS C 324 6.96 23.16 3.62
C LYS C 324 7.63 24.48 4.14
N PRO C 325 7.46 25.66 3.44
CA PRO C 325 8.08 26.91 3.91
C PRO C 325 7.76 27.29 5.35
N ASP C 326 8.61 28.15 5.95
CA ASP C 326 8.49 28.59 7.34
C ASP C 326 7.19 29.33 7.68
N GLY C 327 6.49 29.83 6.65
CA GLY C 327 5.23 30.54 6.80
C GLY C 327 3.97 29.81 6.37
N ASP C 328 4.11 28.54 5.92
CA ASP C 328 2.94 27.76 5.48
C ASP C 328 2.06 27.33 6.67
N PRO C 329 0.71 27.45 6.54
CA PRO C 329 -0.17 27.05 7.66
C PRO C 329 -0.21 25.54 7.88
N ASN C 330 0.31 24.78 6.91
CA ASN C 330 0.42 23.33 7.00
C ASN C 330 1.84 22.85 7.40
N LYS C 331 2.78 23.81 7.72
CA LYS C 331 4.13 23.49 8.20
C LYS C 331 4.07 22.78 9.60
N THR C 332 3.07 23.15 10.42
CA THR C 332 2.78 22.55 11.73
C THR C 332 1.29 22.66 11.98
N PHE C 333 0.81 21.96 13.03
CA PHE C 333 -0.56 22.09 13.48
C PHE C 333 -0.42 22.96 14.72
N GLY C 334 -0.98 24.18 14.67
CA GLY C 334 -0.91 25.10 15.81
C GLY C 334 -2.23 25.51 16.44
N LEU C 335 -3.31 25.34 15.68
CA LEU C 335 -4.72 25.72 15.85
C LEU C 335 -5.39 25.59 17.28
N ILE C 336 -4.66 25.16 18.33
CA ILE C 336 -5.13 25.16 19.72
C ILE C 336 -4.31 26.23 20.46
N PRO C 337 -4.94 27.38 20.86
CA PRO C 337 -4.19 28.46 21.51
C PRO C 337 -3.61 28.15 22.90
N MET C 338 -2.58 28.94 23.29
CA MET C 338 -1.83 28.82 24.53
C MET C 338 -2.71 28.80 25.76
N ASP C 339 -3.77 29.62 25.75
CA ASP C 339 -4.71 29.76 26.88
C ASP C 339 -5.56 28.52 27.12
N VAL C 340 -5.65 27.64 26.12
CA VAL C 340 -6.42 26.40 26.22
C VAL C 340 -5.64 25.41 27.07
N PHE C 341 -4.31 25.31 26.83
CA PHE C 341 -3.44 24.43 27.60
C PHE C 341 -3.27 24.92 29.02
N ALA C 342 -3.32 26.27 29.23
CA ALA C 342 -3.27 26.89 30.56
C ALA C 342 -4.38 26.29 31.44
N GLY C 343 -5.49 25.91 30.84
CA GLY C 343 -6.61 25.29 31.52
C GLY C 343 -6.45 23.80 31.79
N ILE C 344 -5.63 23.10 30.96
CA ILE C 344 -5.37 21.66 31.09
C ILE C 344 -4.49 21.41 32.33
N THR C 345 -5.05 20.66 33.33
CA THR C 345 -4.41 20.35 34.63
C THR C 345 -3.28 19.30 34.51
N ALA C 346 -2.48 19.09 35.58
CA ALA C 346 -1.46 18.04 35.56
C ALA C 346 -2.13 16.67 35.73
N GLY C 347 -1.68 15.68 34.97
CA GLY C 347 -2.23 14.34 34.99
C GLY C 347 -3.20 14.07 33.84
N SER C 348 -3.70 15.15 33.21
CA SER C 348 -4.61 15.04 32.09
C SER C 348 -3.91 14.42 30.86
N THR C 349 -4.61 13.49 30.19
CA THR C 349 -4.13 12.73 29.04
C THR C 349 -4.56 13.36 27.70
N LEU C 350 -3.59 13.93 26.97
CA LEU C 350 -3.83 14.55 25.66
C LEU C 350 -3.91 13.47 24.57
N LYS C 351 -5.00 13.45 23.78
CA LYS C 351 -5.17 12.50 22.68
C LYS C 351 -5.04 13.26 21.37
N VAL C 352 -4.46 12.63 20.34
CA VAL C 352 -4.32 13.24 19.02
C VAL C 352 -4.65 12.18 18.03
N VAL C 353 -5.83 12.25 17.43
CA VAL C 353 -6.22 11.26 16.43
C VAL C 353 -5.57 11.69 15.09
N TYR C 354 -4.93 10.74 14.41
CA TYR C 354 -4.26 11.04 13.15
C TYR C 354 -4.73 10.09 12.05
N SER C 355 -4.52 10.55 10.83
CA SER C 355 -4.79 9.81 9.62
C SER C 355 -3.59 10.03 8.74
N ILE C 356 -3.17 8.95 8.05
CA ILE C 356 -2.02 8.97 7.13
C ILE C 356 -2.34 9.70 5.85
N GLU C 357 -1.33 10.23 5.22
CA GLU C 357 -1.48 10.85 3.92
C GLU C 357 -0.86 9.82 2.95
N PRO C 358 -1.62 9.25 2.00
CA PRO C 358 -1.06 8.18 1.15
C PRO C 358 0.06 8.60 0.17
N THR C 359 -0.12 9.65 -0.66
CA THR C 359 0.94 10.08 -1.60
C THR C 359 2.30 10.32 -0.93
N ALA C 360 2.29 10.50 0.41
CA ALA C 360 3.47 10.73 1.23
C ALA C 360 4.21 9.44 1.53
N GLU C 361 5.54 9.47 1.24
CA GLU C 361 6.53 8.41 1.39
C GLU C 361 6.73 7.96 2.87
N TYR C 362 6.69 8.88 3.85
CA TYR C 362 6.82 8.50 5.27
C TYR C 362 5.75 9.16 6.15
N HIS C 363 5.53 8.61 7.37
CA HIS C 363 4.54 9.15 8.32
C HIS C 363 5.09 9.26 9.73
N LYS C 364 5.69 10.43 10.07
CA LYS C 364 6.32 10.72 11.36
C LYS C 364 5.66 11.90 12.07
N MET C 365 5.35 11.73 13.38
CA MET C 365 4.67 12.73 14.20
C MET C 365 5.28 12.96 15.57
N GLN C 366 5.36 14.25 15.99
CA GLN C 366 5.84 14.63 17.32
C GLN C 366 5.10 15.80 17.93
N LEU C 367 4.66 15.58 19.17
CA LEU C 367 3.99 16.56 20.01
C LEU C 367 5.12 17.41 20.63
N ALA C 368 5.15 18.70 20.30
CA ALA C 368 6.19 19.62 20.75
C ALA C 368 5.63 20.93 21.32
N THR C 369 6.52 21.87 21.66
CA THR C 369 6.20 23.22 22.12
C THR C 369 6.34 24.12 20.89
N GLY C 370 5.94 25.38 20.99
CA GLY C 370 6.07 26.34 19.91
C GLY C 370 7.51 26.54 19.47
N TYR C 371 8.46 26.10 20.34
CA TYR C 371 9.91 26.17 20.12
C TYR C 371 10.46 24.83 19.55
N TRP C 372 9.53 23.97 19.08
CA TRP C 372 9.75 22.65 18.45
C TRP C 372 10.34 21.60 19.44
N THR C 373 10.33 21.93 20.74
CA THR C 373 10.84 21.12 21.85
C THR C 373 9.89 19.96 22.11
N GLY C 374 10.29 18.74 21.72
CA GLY C 374 9.49 17.54 21.91
C GLY C 374 9.06 17.29 23.35
N LEU C 375 7.83 16.82 23.56
CA LEU C 375 7.29 16.53 24.89
C LEU C 375 7.37 15.02 25.13
N ALA C 376 7.76 14.30 24.09
CA ALA C 376 7.95 12.85 23.99
C ALA C 376 8.59 12.56 22.62
N SER C 377 8.75 11.26 22.28
CA SER C 377 9.42 10.80 21.05
C SER C 377 8.72 11.14 19.76
N GLU C 378 9.55 11.48 18.75
CA GLU C 378 9.12 11.63 17.37
C GLU C 378 8.70 10.17 17.07
N MET C 379 7.53 9.93 16.43
CA MET C 379 7.06 8.57 16.17
C MET C 379 6.74 8.31 14.68
N GLU C 380 6.88 7.04 14.23
CA GLU C 380 6.59 6.63 12.86
C GLU C 380 5.50 5.60 12.86
N PHE C 381 4.64 5.70 11.85
CA PHE C 381 3.45 4.86 11.71
C PHE C 381 3.15 4.72 10.23
N THR C 382 2.29 3.76 9.87
CA THR C 382 1.88 3.54 8.47
C THR C 382 0.35 3.45 8.31
N GLU C 383 -0.35 3.26 9.45
CA GLU C 383 -1.81 3.13 9.56
C GLU C 383 -2.39 4.22 10.51
N ASN C 384 -3.65 4.62 10.26
CA ASN C 384 -4.38 5.62 11.05
C ASN C 384 -4.65 5.15 12.47
N GLY C 385 -4.55 6.07 13.42
CA GLY C 385 -4.74 5.76 14.83
C GLY C 385 -4.63 6.98 15.71
N GLU C 386 -4.59 6.75 17.03
CA GLU C 386 -4.53 7.81 18.03
C GLU C 386 -3.31 7.74 18.94
N TYR C 387 -2.57 8.87 19.05
CA TYR C 387 -1.38 9.00 19.90
C TYR C 387 -1.70 9.65 21.25
N THR C 388 -1.65 8.91 22.37
CA THR C 388 -1.91 9.54 23.68
C THR C 388 -0.64 10.14 24.29
N LEU C 389 -0.80 11.07 25.25
CA LEU C 389 0.29 11.71 26.01
C LEU C 389 -0.18 12.30 27.34
N ILE C 390 0.26 11.71 28.45
CA ILE C 390 -0.08 12.25 29.75
C ILE C 390 0.81 13.48 29.91
N LEU C 391 0.17 14.63 30.15
CA LEU C 391 0.88 15.89 30.28
C LEU C 391 1.25 16.11 31.72
N THR C 392 2.55 16.25 31.97
CA THR C 392 3.12 16.49 33.30
C THR C 392 3.05 17.98 33.58
N GLN C 393 3.42 18.37 34.81
CA GLN C 393 3.46 19.77 35.19
C GLN C 393 4.56 20.50 34.43
N ASP C 394 5.72 19.84 34.22
CA ASP C 394 6.82 20.41 33.45
C ASP C 394 6.41 20.62 32.00
N MET C 395 5.67 19.62 31.43
CA MET C 395 5.14 19.63 30.07
C MET C 395 4.29 20.90 29.86
N LEU C 396 3.20 21.05 30.67
CA LEU C 396 2.26 22.17 30.67
C LEU C 396 2.99 23.52 30.71
N ASN C 397 4.05 23.66 31.55
CA ASN C 397 4.87 24.87 31.71
C ASN C 397 5.67 25.16 30.44
N LYS C 398 6.39 24.13 29.92
CA LYS C 398 7.22 24.26 28.72
C LYS C 398 6.35 24.68 27.52
N ILE C 399 5.03 24.36 27.56
CA ILE C 399 4.06 24.76 26.53
C ILE C 399 3.88 26.28 26.57
N GLN C 400 3.54 26.83 27.75
CA GLN C 400 3.29 28.26 27.99
C GLN C 400 4.52 29.15 27.77
N ALA C 401 5.67 28.75 28.35
CA ALA C 401 6.92 29.47 28.23
C ALA C 401 7.36 29.53 26.76
N GLU C 402 7.23 28.40 26.06
CA GLU C 402 7.67 28.26 24.67
C GLU C 402 6.54 28.27 23.60
N ALA C 403 6.03 29.48 23.27
CA ALA C 403 5.01 29.80 22.25
C ALA C 403 3.93 28.73 21.98
N GLY C 404 3.33 28.19 23.03
CA GLY C 404 2.24 27.22 22.92
C GLY C 404 2.58 25.79 22.52
N PHE C 405 1.54 25.04 22.07
CA PHE C 405 1.60 23.62 21.65
C PHE C 405 1.54 23.43 20.17
N LEU C 406 2.42 22.56 19.69
CA LEU C 406 2.51 22.18 18.30
C LEU C 406 2.38 20.69 18.16
N CYS C 407 2.17 20.26 16.91
CA CYS C 407 2.11 18.89 16.43
C CYS C 407 2.95 19.02 15.20
N VAL C 408 4.02 18.24 15.17
CA VAL C 408 5.01 18.35 14.11
C VAL C 408 5.27 17.02 13.43
N GLY C 409 5.84 17.08 12.22
CA GLY C 409 6.14 15.86 11.49
C GLY C 409 5.97 15.91 9.99
N HIS C 410 5.69 14.73 9.42
CA HIS C 410 5.50 14.57 7.99
C HIS C 410 4.50 13.50 7.63
N GLY C 411 3.80 13.75 6.50
CA GLY C 411 2.87 12.88 5.82
C GLY C 411 1.67 12.40 6.60
N TYR C 412 1.02 13.32 7.36
CA TYR C 412 -0.17 12.99 8.15
C TYR C 412 -1.07 14.18 8.45
N TYR C 413 -2.27 13.87 8.94
CA TYR C 413 -3.28 14.83 9.31
C TYR C 413 -3.67 14.68 10.75
N VAL C 414 -3.85 15.81 11.41
CA VAL C 414 -4.35 15.84 12.76
C VAL C 414 -5.87 15.92 12.54
N ASP C 415 -6.60 15.03 13.18
CA ASP C 415 -8.03 14.94 12.94
C ASP C 415 -8.91 15.28 14.10
N LEU C 416 -8.40 15.09 15.32
CA LEU C 416 -9.14 15.28 16.55
C LEU C 416 -8.14 15.32 17.66
N VAL C 417 -8.39 16.18 18.65
CA VAL C 417 -7.51 16.35 19.80
C VAL C 417 -8.39 16.38 21.04
N THR C 418 -8.23 15.41 21.95
CA THR C 418 -9.04 15.41 23.16
C THR C 418 -8.17 15.42 24.44
N VAL C 419 -8.85 15.54 25.59
CA VAL C 419 -8.23 15.61 26.92
C VAL C 419 -9.20 15.08 28.04
N LYS C 420 -8.68 14.23 28.95
CA LYS C 420 -9.47 13.64 30.03
C LYS C 420 -8.68 13.51 31.31
N ASN D 33 47.32 -10.30 58.86
CA ASN D 33 48.12 -11.36 59.48
C ASN D 33 47.51 -12.76 59.29
N ASP D 34 46.18 -12.91 59.51
CA ASP D 34 45.45 -14.18 59.37
C ASP D 34 44.70 -14.29 58.01
N ASP D 35 44.06 -15.45 57.74
CA ASP D 35 43.33 -15.77 56.50
C ASP D 35 42.11 -14.82 56.23
N PRO D 36 42.01 -14.24 55.00
CA PRO D 36 40.89 -13.34 54.70
C PRO D 36 39.67 -14.01 54.03
N HIS D 37 38.64 -14.36 54.85
CA HIS D 37 37.37 -14.97 54.41
C HIS D 37 36.27 -14.78 55.47
N ILE D 38 35.70 -13.56 55.52
CA ILE D 38 34.64 -13.18 56.47
C ILE D 38 33.45 -14.16 56.46
N LEU D 39 32.92 -14.48 55.25
CA LEU D 39 31.80 -15.39 55.00
C LEU D 39 30.48 -14.97 55.70
N ALA D 40 30.25 -13.63 55.85
CA ALA D 40 29.04 -13.07 56.46
C ALA D 40 27.79 -13.20 55.53
N PRO D 41 27.80 -12.70 54.25
CA PRO D 41 26.62 -12.91 53.40
C PRO D 41 26.74 -14.16 52.52
N VAL D 42 25.71 -15.05 52.56
CA VAL D 42 25.69 -16.30 51.79
C VAL D 42 25.52 -16.04 50.28
N PHE D 43 26.62 -15.65 49.62
CA PHE D 43 26.68 -15.33 48.19
C PHE D 43 26.63 -16.60 47.33
N PRO D 44 25.82 -16.62 46.23
CA PRO D 44 25.76 -17.83 45.40
C PRO D 44 26.97 -18.03 44.48
N ASP D 45 27.48 -19.28 44.39
CA ASP D 45 28.61 -19.64 43.54
C ASP D 45 28.16 -19.64 42.08
N ARG D 46 29.07 -19.28 41.14
CA ARG D 46 28.78 -19.22 39.70
C ARG D 46 28.40 -20.59 39.13
N THR D 47 27.17 -20.69 38.61
CA THR D 47 26.63 -21.92 38.02
C THR D 47 26.55 -21.80 36.51
N ASN D 48 27.05 -22.84 35.80
CA ASN D 48 27.13 -23.03 34.34
C ASN D 48 27.75 -21.81 33.60
N GLY D 49 28.99 -21.47 33.99
CA GLY D 49 29.77 -20.39 33.40
C GLY D 49 29.39 -18.98 33.81
N GLN D 50 28.09 -18.62 33.66
CA GLN D 50 27.50 -17.31 33.98
C GLN D 50 27.69 -16.92 35.46
N LEU D 51 28.02 -15.63 35.69
CA LEU D 51 28.26 -15.04 37.01
C LEU D 51 26.95 -14.82 37.75
N ALA D 52 26.86 -15.36 38.99
CA ALA D 52 25.67 -15.31 39.84
C ALA D 52 25.23 -13.91 40.24
N THR D 53 23.91 -13.71 40.34
CA THR D 53 23.27 -12.45 40.72
C THR D 53 23.23 -12.29 42.24
N PHE D 54 24.00 -11.30 42.75
CA PHE D 54 24.10 -11.03 44.18
C PHE D 54 23.05 -10.00 44.58
N ALA D 55 23.12 -8.79 43.99
CA ALA D 55 22.22 -7.66 44.25
C ALA D 55 21.10 -7.53 43.22
N ASN D 56 19.89 -7.98 43.61
CA ASN D 56 18.68 -7.92 42.79
C ASN D 56 17.62 -7.09 43.50
N ILE D 57 17.54 -5.81 43.11
CA ILE D 57 16.62 -4.81 43.66
C ILE D 57 16.08 -3.90 42.53
N SER D 58 15.29 -2.86 42.91
CA SER D 58 14.68 -1.90 41.97
C SER D 58 15.45 -0.58 41.90
N ARG D 59 15.28 0.16 40.77
CA ARG D 59 15.91 1.43 40.40
C ARG D 59 16.14 2.42 41.55
N ASP D 60 15.16 2.58 42.48
CA ASP D 60 15.29 3.49 43.61
C ASP D 60 16.22 2.98 44.71
N ALA D 61 16.12 1.68 45.06
CA ALA D 61 16.90 1.02 46.11
C ALA D 61 18.42 1.27 45.97
N ASN D 62 19.03 1.84 47.03
CA ASN D 62 20.45 2.18 47.13
C ASN D 62 21.26 1.05 47.78
N THR D 75 40.89 -5.78 58.23
CA THR D 75 40.76 -5.84 56.77
C THR D 75 40.02 -4.60 56.24
N THR D 76 40.78 -3.71 55.58
CA THR D 76 40.29 -2.46 54.97
C THR D 76 39.54 -2.75 53.64
N VAL D 77 38.18 -2.81 53.73
CA VAL D 77 37.26 -3.12 52.63
C VAL D 77 37.31 -2.05 51.52
N ILE D 81 33.83 1.52 38.63
CA ILE D 81 34.91 0.54 38.55
C ILE D 81 35.88 0.91 37.37
N ASP D 82 36.28 2.22 37.32
CA ASP D 82 37.17 2.79 36.30
C ASP D 82 38.04 3.99 36.80
N GLY D 83 37.90 4.35 38.09
CA GLY D 83 38.67 5.41 38.74
C GLY D 83 37.94 6.69 39.10
N GLN D 84 37.67 6.91 40.42
CA GLN D 84 36.98 8.11 40.95
C GLN D 84 37.38 8.49 42.41
N GLU D 85 36.68 9.50 42.99
CA GLU D 85 36.86 10.08 44.34
C GLU D 85 36.38 9.12 45.49
N VAL D 86 35.80 9.67 46.60
CA VAL D 86 35.27 8.89 47.73
C VAL D 86 34.05 8.15 47.18
N GLU D 87 34.24 6.87 46.83
CA GLU D 87 33.19 6.10 46.20
C GLU D 87 32.84 4.82 46.95
N SER D 88 31.99 4.97 47.96
CA SER D 88 31.44 3.88 48.78
C SER D 88 29.94 4.20 48.94
N GLY D 89 29.32 3.73 50.03
CA GLY D 89 27.91 3.96 50.30
C GLY D 89 27.66 4.59 51.66
N THR D 90 28.06 3.88 52.73
CA THR D 90 27.92 4.31 54.13
C THR D 90 29.20 5.03 54.62
N ASP D 91 29.34 5.26 55.95
CA ASP D 91 30.51 5.90 56.57
C ASP D 91 31.79 5.06 56.37
N SER D 92 31.67 3.72 56.55
CA SER D 92 32.73 2.72 56.38
C SER D 92 32.70 2.05 54.98
N ASP D 93 33.66 1.13 54.71
CA ASP D 93 33.76 0.43 53.42
C ASP D 93 33.15 -0.98 53.41
N LYS D 94 32.70 -1.48 54.58
CA LYS D 94 32.03 -2.79 54.71
C LYS D 94 30.59 -2.78 54.13
N GLU D 95 30.01 -1.58 53.88
CA GLU D 95 28.68 -1.35 53.29
C GLU D 95 28.76 -0.19 52.25
N ILE D 96 28.64 -0.53 50.95
CA ILE D 96 28.72 0.43 49.84
C ILE D 96 27.36 0.55 49.10
N ASN D 97 26.28 0.86 49.86
CA ASN D 97 24.90 1.01 49.38
C ASN D 97 24.59 2.37 48.72
N ARG D 98 24.89 2.47 47.41
CA ARG D 98 24.66 3.65 46.56
C ARG D 98 23.51 3.39 45.57
N SER D 99 22.73 4.45 45.20
CA SER D 99 21.58 4.30 44.27
C SER D 99 22.00 4.36 42.80
N LEU D 100 21.51 3.40 41.98
CA LEU D 100 21.85 3.30 40.56
C LEU D 100 20.65 3.16 39.61
N LYS D 101 20.87 3.52 38.31
CA LYS D 101 19.92 3.46 37.20
C LYS D 101 19.62 1.99 36.86
N ALA D 102 18.45 1.70 36.23
CA ALA D 102 18.05 0.36 35.84
C ALA D 102 18.88 -0.20 34.67
N GLY D 103 19.26 -1.47 34.78
CA GLY D 103 20.06 -2.18 33.78
C GLY D 103 20.79 -3.38 34.35
N THR D 104 22.09 -3.55 34.00
CA THR D 104 22.95 -4.64 34.47
C THR D 104 24.35 -4.11 34.81
N TYR D 105 24.83 -4.41 36.02
CA TYR D 105 26.14 -3.96 36.54
C TYR D 105 26.91 -5.06 37.27
N ASN D 106 28.28 -5.00 37.22
CA ASN D 106 29.23 -5.95 37.85
C ASN D 106 29.65 -5.52 39.25
N LEU D 107 29.86 -6.51 40.14
CA LEU D 107 30.29 -6.31 41.52
C LEU D 107 31.45 -7.26 41.83
N LYS D 108 32.67 -6.71 42.00
CA LYS D 108 33.90 -7.47 42.31
C LYS D 108 34.46 -7.10 43.67
N GLU D 112 41.35 -7.76 51.48
CA GLU D 112 42.54 -6.90 51.40
C GLU D 112 42.74 -6.10 52.69
N THR D 113 43.78 -6.43 53.47
CA THR D 113 44.08 -5.78 54.76
C THR D 113 45.23 -4.76 54.68
N VAL D 114 45.49 -4.02 55.79
CA VAL D 114 46.57 -3.04 55.92
C VAL D 114 47.98 -3.72 55.93
N LYS D 115 48.01 -5.06 55.72
CA LYS D 115 49.20 -5.90 55.62
C LYS D 115 49.36 -6.46 54.21
N GLY D 116 48.24 -6.83 53.57
CA GLY D 116 48.21 -7.35 52.21
C GLY D 116 47.64 -8.75 52.07
N LYS D 117 46.37 -8.93 52.49
CA LYS D 117 45.67 -10.22 52.39
C LYS D 117 44.30 -10.08 51.69
N LYS D 118 44.29 -10.23 50.35
CA LYS D 118 43.14 -10.07 49.46
C LYS D 118 42.17 -11.27 49.39
N THR D 119 40.96 -11.04 48.82
CA THR D 119 39.87 -12.01 48.61
C THR D 119 39.07 -11.67 47.33
N SER D 120 38.18 -12.58 46.85
CA SER D 120 37.37 -12.40 45.61
C SER D 120 35.99 -13.11 45.58
N ARG D 121 34.98 -12.43 44.97
CA ARG D 121 33.59 -12.88 44.76
C ARG D 121 32.92 -11.93 43.73
N GLU D 122 32.84 -12.35 42.44
CA GLU D 122 32.33 -11.55 41.31
C GLU D 122 30.86 -11.83 40.88
N GLY D 123 30.05 -10.77 40.89
CA GLY D 123 28.64 -10.80 40.50
C GLY D 123 28.12 -9.45 40.03
N VAL D 126 22.45 -6.07 39.50
CA VAL D 126 21.28 -6.04 38.60
C VAL D 126 20.19 -5.11 39.15
N VAL D 127 19.87 -4.05 38.39
CA VAL D 127 18.87 -3.02 38.73
C VAL D 127 17.66 -3.10 37.79
N ASN D 128 16.45 -3.19 38.38
CA ASN D 128 15.20 -3.33 37.65
C ASN D 128 14.33 -2.04 37.63
N PRO D 129 13.53 -1.80 36.56
CA PRO D 129 12.76 -0.54 36.48
C PRO D 129 11.30 -0.58 36.94
N LEU D 130 10.66 0.62 36.95
CA LEU D 130 9.25 0.83 37.30
C LEU D 130 8.36 0.29 36.16
N ALA D 131 7.05 0.10 36.45
CA ALA D 131 6.06 -0.43 35.48
C ALA D 131 5.88 0.48 34.24
N ASP D 132 5.43 1.73 34.45
CA ASP D 132 5.24 2.73 33.40
C ASP D 132 6.49 3.62 33.35
N ASP D 133 7.65 2.96 33.08
CA ASP D 133 9.01 3.53 33.01
C ASP D 133 9.65 3.16 31.66
N PRO D 134 10.42 4.07 31.00
CA PRO D 134 11.07 3.68 29.73
C PRO D 134 12.33 2.85 29.99
N GLN D 135 12.39 1.66 29.38
CA GLN D 135 13.51 0.71 29.52
C GLN D 135 13.78 -0.12 28.27
N SER D 136 15.07 -0.48 28.06
CA SER D 136 15.54 -1.28 26.92
C SER D 136 16.59 -2.33 27.34
N LYS D 137 16.37 -3.59 26.91
CA LYS D 137 17.24 -4.74 27.12
C LYS D 137 17.74 -5.21 25.75
N GLU D 138 19.06 -5.51 25.64
CA GLU D 138 19.68 -6.03 24.40
C GLU D 138 18.97 -7.37 24.09
N VAL D 139 18.04 -7.37 23.11
CA VAL D 139 17.31 -8.59 22.79
C VAL D 139 18.16 -9.50 21.87
N ALA D 140 18.93 -8.92 20.89
CA ALA D 140 19.82 -9.65 19.95
C ALA D 140 20.57 -8.76 18.93
N PHE D 141 21.88 -8.53 19.15
CA PHE D 141 22.84 -7.81 18.30
C PHE D 141 22.46 -6.36 17.88
N GLU D 142 21.29 -5.84 18.28
CA GLU D 142 20.85 -4.49 17.95
C GLU D 142 21.80 -3.39 18.42
N ARG D 143 22.57 -3.69 19.51
CA ARG D 143 23.52 -2.76 20.13
C ARG D 143 24.82 -2.60 19.36
N ILE D 144 25.09 -3.46 18.36
CA ILE D 144 26.30 -3.33 17.54
C ILE D 144 25.95 -2.17 16.60
N VAL D 145 26.49 -0.97 16.90
CA VAL D 145 26.15 0.24 16.16
C VAL D 145 27.35 0.85 15.35
N SER D 146 27.04 1.76 14.41
CA SER D 146 28.02 2.41 13.53
C SER D 146 27.73 3.90 13.31
N PRO D 147 28.77 4.77 13.17
CA PRO D 147 28.52 6.20 12.91
C PRO D 147 27.66 6.52 11.68
N GLY D 148 26.72 7.47 11.85
CA GLY D 148 25.80 7.93 10.82
C GLY D 148 24.64 7.00 10.57
N LYS D 149 24.91 5.69 10.58
CA LYS D 149 23.96 4.61 10.34
C LYS D 149 22.97 4.48 11.52
N THR D 150 21.68 4.50 11.21
CA THR D 150 20.57 4.44 12.17
C THR D 150 20.56 3.11 12.93
N ALA D 151 20.20 3.14 14.22
CA ALA D 151 20.17 1.94 15.05
C ALA D 151 19.01 1.84 16.03
N ARG D 152 18.33 0.69 16.06
CA ARG D 152 17.19 0.39 16.94
C ARG D 152 17.56 0.29 18.44
N LEU D 153 16.52 0.18 19.30
CA LEU D 153 16.59 -0.05 20.75
C LEU D 153 15.24 -0.64 21.19
N TYR D 154 15.14 -1.99 21.26
CA TYR D 154 13.93 -2.70 21.67
C TYR D 154 13.79 -2.64 23.17
N GLY D 155 12.56 -2.47 23.61
CA GLY D 155 12.18 -2.35 25.01
C GLY D 155 10.71 -1.98 25.14
N SER D 156 10.37 -1.15 26.16
CA SER D 156 8.99 -0.72 26.38
C SER D 156 8.90 0.73 26.87
N ASN D 157 7.72 1.36 26.65
CA ASN D 157 7.32 2.72 27.06
C ASN D 157 8.34 3.85 26.69
N LEU D 158 9.29 3.52 25.80
CA LEU D 158 10.34 4.40 25.27
C LEU D 158 9.76 5.57 24.45
N GLN D 159 8.42 5.63 24.31
CA GLN D 159 7.70 6.67 23.55
C GLN D 159 7.89 8.07 24.13
N ASN D 160 8.31 8.17 25.41
CA ASN D 160 8.53 9.44 26.10
C ASN D 160 10.00 9.89 26.14
N VAL D 161 10.87 9.26 25.30
CA VAL D 161 12.33 9.54 25.25
C VAL D 161 12.67 10.48 24.11
N THR D 162 13.11 11.71 24.43
CA THR D 162 13.45 12.76 23.45
C THR D 162 14.91 12.80 23.05
N ALA D 163 15.77 12.18 23.87
CA ALA D 163 17.21 12.15 23.65
C ALA D 163 17.89 10.87 24.14
N ILE D 164 18.96 10.49 23.44
CA ILE D 164 19.77 9.35 23.78
C ILE D 164 21.16 9.86 24.11
N LEU D 165 21.73 9.33 25.20
CA LEU D 165 23.06 9.68 25.69
C LEU D 165 24.04 8.50 25.68
N LEU D 166 24.77 8.40 24.54
CA LEU D 166 25.81 7.41 24.28
C LEU D 166 27.15 8.09 24.55
N GLY D 167 27.63 7.93 25.78
CA GLY D 167 28.89 8.49 26.28
C GLY D 167 28.94 10.00 26.24
N GLY D 168 28.07 10.63 27.05
CA GLY D 168 27.98 12.08 27.12
C GLY D 168 27.38 12.76 25.89
N ASN D 169 27.48 12.11 24.70
CA ASN D 169 26.95 12.61 23.42
C ASN D 169 25.45 12.68 23.43
N THR D 170 24.89 13.83 22.98
CA THR D 170 23.45 14.07 22.92
C THR D 170 22.90 13.76 21.53
N ILE D 171 21.92 12.84 21.45
CA ILE D 171 21.26 12.50 20.20
C ILE D 171 19.81 12.99 20.31
N THR D 172 19.33 13.78 19.33
CA THR D 172 17.98 14.35 19.36
C THR D 172 17.12 14.00 18.12
N ASP D 173 17.29 12.78 17.61
CA ASP D 173 16.52 12.23 16.51
C ASP D 173 15.84 10.89 16.90
N PRO D 174 15.45 10.62 18.18
CA PRO D 174 14.78 9.32 18.47
C PRO D 174 13.45 9.23 17.74
N THR D 175 13.08 8.02 17.32
CA THR D 175 11.86 7.79 16.55
C THR D 175 11.24 6.48 16.99
N TYR D 176 10.18 6.52 17.82
CA TYR D 176 9.49 5.27 18.19
C TYR D 176 8.85 4.72 16.88
N VAL D 177 9.20 3.49 16.46
CA VAL D 177 8.63 2.96 15.23
C VAL D 177 7.63 1.87 15.54
N GLU D 178 6.43 2.06 14.98
CA GLU D 178 5.25 1.21 15.05
C GLU D 178 5.19 0.31 13.82
N SER D 179 4.90 -1.00 14.03
CA SER D 179 4.80 -2.07 13.01
C SER D 179 4.03 -3.29 13.58
N ALA D 180 4.25 -4.46 12.95
CA ALA D 180 3.73 -5.75 13.41
C ALA D 180 4.76 -6.24 14.47
N ASP D 181 5.17 -7.53 14.39
CA ASP D 181 6.13 -8.27 15.26
C ASP D 181 6.51 -7.55 16.58
N GLU D 182 7.46 -6.58 16.50
CA GLU D 182 7.93 -5.79 17.63
C GLU D 182 8.11 -4.35 17.17
N ASN D 183 8.23 -3.43 18.15
CA ASN D 183 8.41 -1.99 17.93
C ASN D 183 9.79 -1.54 18.44
N TYR D 184 10.42 -0.59 17.75
CA TYR D 184 11.75 -0.13 18.13
C TYR D 184 11.88 1.39 18.32
N LEU D 185 12.79 1.83 19.23
CA LEU D 185 12.99 3.26 19.52
C LEU D 185 14.18 3.88 18.74
N GLU D 186 14.30 3.52 17.45
CA GLU D 186 15.31 3.98 16.47
C GLU D 186 15.96 5.35 16.75
N TYR D 187 17.30 5.37 16.81
CA TYR D 187 18.15 6.55 16.99
C TYR D 187 19.18 6.56 15.87
N THR D 188 19.95 7.64 15.76
CA THR D 188 20.96 7.73 14.71
C THR D 188 22.29 8.23 15.35
N ILE D 189 23.39 7.47 15.11
CA ILE D 189 24.74 7.64 15.68
C ILE D 189 25.54 8.85 15.12
N PRO D 190 26.26 9.64 15.97
CA PRO D 190 27.02 10.78 15.46
C PRO D 190 28.35 10.38 14.81
N THR D 191 28.62 10.92 13.59
CA THR D 191 29.78 10.62 12.75
C THR D 191 31.13 10.63 13.52
N GLY D 192 31.32 11.60 14.41
CA GLY D 192 32.55 11.71 15.19
C GLY D 192 32.60 10.90 16.48
N VAL D 193 32.37 9.58 16.41
CA VAL D 193 32.45 8.71 17.60
C VAL D 193 33.28 7.45 17.25
N SER D 194 34.36 7.16 18.04
CA SER D 194 35.20 5.95 17.86
C SER D 194 34.69 4.81 18.73
N GLU D 195 35.15 3.57 18.45
CA GLU D 195 34.74 2.30 19.09
C GLU D 195 34.62 2.34 20.63
N GLY D 196 33.78 1.46 21.17
CA GLY D 196 33.55 1.33 22.61
C GLY D 196 32.69 0.15 23.03
N ASP D 197 32.12 0.26 24.24
CA ASP D 197 31.21 -0.69 24.90
C ASP D 197 30.42 0.13 25.95
N TYR D 198 30.07 1.36 25.53
CA TYR D 198 29.37 2.44 26.23
C TYR D 198 28.07 2.04 26.85
N ARG D 199 27.75 2.64 27.99
CA ARG D 199 26.44 2.46 28.62
C ARG D 199 25.64 3.61 27.99
N ILE D 200 24.32 3.40 27.78
CA ILE D 200 23.49 4.44 27.16
C ILE D 200 22.41 4.91 28.11
N VAL D 201 22.13 6.23 28.05
CA VAL D 201 21.11 6.91 28.86
C VAL D 201 19.93 7.40 28.00
N LEU D 202 18.73 6.98 28.39
CA LEU D 202 17.48 7.36 27.75
C LEU D 202 16.89 8.56 28.55
N GLN D 203 17.19 9.79 28.09
CA GLN D 203 16.73 11.03 28.73
C GLN D 203 15.29 11.41 28.32
N ASP D 204 14.49 11.77 29.32
CA ASP D 204 13.09 12.17 29.25
C ASP D 204 12.96 13.59 28.70
N ALA D 205 11.71 13.96 28.35
CA ALA D 205 11.33 15.26 27.82
C ALA D 205 11.58 16.39 28.82
N ASP D 206 11.21 16.13 30.09
CA ASP D 206 11.35 17.02 31.25
C ASP D 206 12.85 17.34 31.47
N GLY D 207 13.65 16.28 31.46
CA GLY D 207 15.08 16.27 31.67
C GLY D 207 15.52 15.06 32.46
N ASN D 208 14.53 14.21 32.90
CA ASN D 208 14.70 12.99 33.69
C ASN D 208 15.64 11.98 33.05
N GLN D 209 16.36 11.20 33.88
CA GLN D 209 17.33 10.20 33.43
C GLN D 209 16.89 8.75 33.65
N TYR D 210 17.29 7.88 32.72
CA TYR D 210 17.05 6.43 32.68
C TYR D 210 18.24 5.81 31.93
N GLY D 211 18.57 4.56 32.28
CA GLY D 211 19.66 3.80 31.67
C GLY D 211 19.16 2.53 31.03
N ALA D 212 19.92 1.99 30.07
CA ALA D 212 19.50 0.76 29.39
C ALA D 212 20.67 -0.03 28.78
N ASP D 213 21.33 -0.86 29.61
CA ASP D 213 22.48 -1.71 29.25
C ASP D 213 23.60 -0.94 28.51
N MET D 214 24.43 -1.68 27.75
CA MET D 214 25.56 -1.15 26.99
C MET D 214 25.27 -1.12 25.48
N VAL D 215 26.17 -0.50 24.69
CA VAL D 215 26.10 -0.34 23.24
C VAL D 215 27.54 -0.35 22.70
N LYS D 216 27.83 -1.36 21.86
CA LYS D 216 29.14 -1.57 21.21
C LYS D 216 29.21 -0.79 19.88
N VAL D 217 30.39 -0.26 19.53
CA VAL D 217 30.59 0.50 18.30
C VAL D 217 31.79 -0.08 17.54
N THR D 218 31.73 -0.08 16.18
CA THR D 218 32.81 -0.49 15.26
C THR D 218 32.47 -0.18 13.81
N ASN D 219 33.39 0.54 13.12
CA ASN D 219 33.32 0.92 11.69
C ASN D 219 33.78 -0.28 10.80
N ALA D 220 34.28 -1.35 11.47
CA ALA D 220 34.75 -2.62 10.89
C ALA D 220 33.58 -3.57 10.71
N SER D 221 33.60 -4.30 9.59
CA SER D 221 32.61 -5.27 9.17
C SER D 221 32.58 -6.53 10.08
N LEU D 222 31.43 -6.80 10.74
CA LEU D 222 31.25 -7.94 11.64
C LEU D 222 30.04 -8.84 11.24
N VAL D 223 30.29 -10.13 10.98
CA VAL D 223 29.26 -11.12 10.65
C VAL D 223 28.54 -11.48 11.94
N ILE D 224 27.31 -10.96 12.12
CA ILE D 224 26.53 -11.21 13.33
C ILE D 224 25.76 -12.56 13.31
N SER D 225 25.37 -13.08 12.09
CA SER D 225 24.58 -14.32 11.98
C SER D 225 24.63 -15.05 10.60
N GLY D 226 24.23 -16.33 10.62
CA GLY D 226 24.04 -17.21 9.48
C GLY D 226 25.23 -17.82 8.75
N ALA D 227 26.46 -17.62 9.28
CA ALA D 227 27.69 -18.16 8.66
C ALA D 227 28.17 -19.51 9.24
N ASN D 228 27.37 -20.08 10.19
CA ASN D 228 27.62 -21.35 10.89
C ASN D 228 27.51 -22.55 9.92
N ARG D 229 26.52 -22.50 9.02
CA ARG D 229 26.29 -23.53 8.02
C ARG D 229 26.13 -22.88 6.65
N ALA D 230 26.63 -23.56 5.62
CA ALA D 230 26.50 -23.20 4.21
C ALA D 230 26.16 -24.45 3.40
N THR D 231 25.63 -24.30 2.16
CA THR D 231 25.25 -25.49 1.37
C THR D 231 26.18 -25.69 0.13
N ALA D 232 25.81 -25.16 -1.06
CA ALA D 232 26.62 -25.35 -2.28
C ALA D 232 26.54 -24.09 -3.13
N ASN D 233 26.26 -24.21 -4.45
CA ASN D 233 26.13 -23.05 -5.37
C ASN D 233 24.93 -22.13 -4.98
N VAL D 234 24.35 -22.42 -3.79
CA VAL D 234 23.26 -21.75 -3.09
C VAL D 234 23.54 -20.27 -2.85
N ASP D 235 22.48 -19.46 -2.76
CA ASP D 235 22.63 -18.05 -2.43
C ASP D 235 22.57 -17.92 -0.90
N TRP D 236 23.74 -18.19 -0.26
CA TRP D 236 23.99 -18.17 1.19
C TRP D 236 23.86 -16.77 1.77
N THR D 237 22.84 -16.55 2.61
CA THR D 237 22.57 -15.26 3.25
C THR D 237 23.28 -15.16 4.58
N ILE D 238 23.90 -13.98 4.84
CA ILE D 238 24.67 -13.68 6.05
C ILE D 238 24.34 -12.28 6.59
N SER D 239 23.98 -12.22 7.88
CA SER D 239 23.66 -10.99 8.60
C SER D 239 24.97 -10.40 9.14
N GLY D 240 25.04 -9.06 9.19
CA GLY D 240 26.21 -8.36 9.69
C GLY D 240 25.96 -6.94 10.21
N ILE D 241 26.87 -6.03 9.84
CA ILE D 241 26.97 -4.59 10.16
C ILE D 241 28.25 -4.11 9.50
N ASN D 242 28.19 -3.01 8.73
CA ASN D 242 29.34 -2.45 7.98
C ASN D 242 29.82 -3.38 6.85
N LEU D 243 28.91 -4.22 6.35
CA LEU D 243 29.12 -5.23 5.30
C LEU D 243 29.49 -4.66 3.92
N GLU D 244 29.02 -3.44 3.62
CA GLU D 244 29.31 -2.72 2.37
C GLU D 244 30.83 -2.44 2.18
N ASN D 245 31.64 -2.64 3.25
CA ASN D 245 33.10 -2.48 3.32
C ASN D 245 33.90 -3.78 3.07
N ILE D 246 33.23 -4.97 3.16
CA ILE D 246 33.83 -6.29 2.95
C ILE D 246 34.18 -6.51 1.48
N ALA D 247 35.42 -7.02 1.21
CA ALA D 247 35.98 -7.25 -0.13
C ALA D 247 36.02 -8.73 -0.58
N SER D 248 36.36 -9.67 0.34
CA SER D 248 36.48 -11.10 0.03
C SER D 248 36.16 -12.04 1.20
N LEU D 249 35.97 -13.36 0.89
CA LEU D 249 35.72 -14.43 1.86
C LEU D 249 36.47 -15.72 1.52
N THR D 250 37.27 -16.20 2.47
CA THR D 250 38.13 -17.38 2.40
C THR D 250 37.49 -18.57 3.12
N ILE D 251 36.35 -19.04 2.58
CA ILE D 251 35.62 -20.21 3.10
C ILE D 251 36.25 -21.47 2.47
N GLY D 252 36.79 -22.36 3.30
CA GLY D 252 37.43 -23.56 2.82
C GLY D 252 38.77 -23.28 2.16
N GLY D 253 38.91 -23.72 0.91
CA GLY D 253 40.12 -23.54 0.11
C GLY D 253 40.03 -22.38 -0.85
N GLN D 254 38.87 -22.26 -1.53
CA GLN D 254 38.58 -21.22 -2.51
C GLN D 254 38.30 -19.89 -1.80
N THR D 255 38.59 -18.77 -2.47
CA THR D 255 38.35 -17.42 -1.95
C THR D 255 37.44 -16.66 -2.89
N VAL D 256 36.27 -16.23 -2.39
CA VAL D 256 35.28 -15.53 -3.19
C VAL D 256 35.54 -14.02 -3.21
N SER D 257 35.65 -13.46 -4.43
CA SER D 257 35.88 -12.03 -4.66
C SER D 257 34.56 -11.26 -4.65
N GLN D 258 33.61 -11.63 -5.53
CA GLN D 258 32.31 -10.98 -5.65
C GLN D 258 31.17 -11.91 -5.25
N PHE D 259 30.26 -11.40 -4.39
CA PHE D 259 29.08 -12.11 -3.88
C PHE D 259 27.90 -12.00 -4.90
N SER D 260 26.64 -11.89 -4.41
CA SER D 260 25.45 -11.72 -5.26
C SER D 260 24.62 -10.50 -4.81
N ASN D 261 24.42 -10.33 -3.48
CA ASN D 261 23.72 -9.19 -2.88
C ASN D 261 24.53 -8.62 -1.70
N GLN D 262 24.50 -7.27 -1.54
CA GLN D 262 25.21 -6.56 -0.46
C GLN D 262 24.50 -5.28 -0.04
N SER D 263 24.41 -5.08 1.29
CA SER D 263 23.79 -3.92 1.94
C SER D 263 24.60 -3.54 3.18
N SER D 264 24.10 -2.59 4.00
CA SER D 264 24.76 -2.16 5.21
C SER D 264 24.71 -3.26 6.29
N THR D 265 23.72 -4.18 6.18
CA THR D 265 23.49 -5.28 7.13
C THR D 265 23.27 -6.67 6.51
N GLU D 266 22.99 -6.76 5.20
CA GLU D 266 22.74 -8.07 4.59
C GLU D 266 23.60 -8.35 3.36
N ILE D 267 24.12 -9.59 3.28
CA ILE D 267 24.91 -10.13 2.16
C ILE D 267 24.43 -11.54 1.79
N THR D 268 24.30 -11.82 0.48
CA THR D 268 23.82 -13.11 -0.03
C THR D 268 24.83 -13.71 -1.02
N LEU D 269 25.98 -14.23 -0.52
CA LEU D 269 27.03 -14.77 -1.37
C LEU D 269 26.67 -16.09 -2.07
N THR D 270 27.49 -16.49 -3.08
CA THR D 270 27.36 -17.74 -3.84
C THR D 270 28.50 -18.71 -3.44
N CYS D 271 28.25 -19.49 -2.37
CA CYS D 271 29.11 -20.50 -1.72
C CYS D 271 29.79 -21.42 -2.78
N PRO D 272 31.15 -21.58 -2.81
CA PRO D 272 31.77 -22.45 -3.83
C PRO D 272 31.74 -23.95 -3.52
N ASP D 273 31.97 -24.80 -4.56
CA ASP D 273 31.96 -26.25 -4.42
C ASP D 273 33.09 -26.77 -3.55
N LEU D 274 32.71 -27.38 -2.43
CA LEU D 274 33.58 -28.01 -1.43
C LEU D 274 32.84 -29.23 -0.91
N SER D 275 33.59 -30.28 -0.53
CA SER D 275 33.00 -31.53 -0.02
C SER D 275 32.29 -31.33 1.33
N ASP D 276 31.54 -32.35 1.77
CA ASP D 276 30.80 -32.27 3.04
C ASP D 276 31.77 -32.31 4.24
N GLY D 277 32.22 -31.11 4.60
CA GLY D 277 33.13 -30.89 5.70
C GLY D 277 33.02 -29.51 6.31
N SER D 278 33.40 -29.41 7.60
CA SER D 278 33.42 -28.18 8.39
C SER D 278 34.75 -27.45 8.14
N TYR D 279 34.74 -26.50 7.19
CA TYR D 279 35.93 -25.73 6.82
C TYR D 279 36.06 -24.46 7.62
N THR D 280 37.20 -23.76 7.49
CA THR D 280 37.51 -22.50 8.18
C THR D 280 37.16 -21.30 7.31
N MET D 281 36.64 -20.22 7.90
CA MET D 281 36.29 -19.03 7.12
C MET D 281 36.76 -17.71 7.70
N THR D 282 37.24 -16.83 6.82
CA THR D 282 37.70 -15.47 7.10
C THR D 282 37.50 -14.63 5.85
N GLY D 283 37.95 -13.38 5.87
CA GLY D 283 37.83 -12.50 4.72
C GLY D 283 38.40 -11.11 4.90
N LYS D 284 38.78 -10.49 3.77
CA LYS D 284 39.37 -9.15 3.71
C LYS D 284 38.35 -8.09 3.36
N THR D 285 38.61 -6.87 3.83
CA THR D 285 37.81 -5.65 3.65
C THR D 285 38.59 -4.66 2.75
N ARG D 286 38.04 -3.45 2.51
CA ARG D 286 38.71 -2.42 1.72
C ARG D 286 39.83 -1.76 2.54
N SER D 287 39.54 -1.47 3.83
CA SER D 287 40.48 -0.90 4.81
C SER D 287 41.67 -1.84 5.10
N GLY D 288 41.69 -2.97 4.40
CA GLY D 288 42.71 -4.02 4.52
C GLY D 288 42.67 -4.79 5.83
N GLU D 289 41.51 -4.78 6.53
CA GLU D 289 41.31 -5.47 7.81
C GLU D 289 40.54 -6.76 7.62
N ALA D 290 40.69 -7.71 8.56
CA ALA D 290 39.96 -8.97 8.46
C ALA D 290 38.57 -8.80 9.07
N VAL D 291 37.54 -9.33 8.38
CA VAL D 291 36.13 -9.30 8.82
C VAL D 291 36.06 -10.06 10.16
N GLN D 292 35.20 -9.59 11.10
CA GLN D 292 35.05 -10.23 12.42
C GLN D 292 33.86 -11.17 12.50
N PHE D 293 33.93 -12.17 13.39
CA PHE D 293 32.85 -13.14 13.51
C PHE D 293 32.44 -13.40 14.95
N LEU D 294 31.21 -12.99 15.28
CA LEU D 294 30.63 -13.26 16.59
C LEU D 294 29.95 -14.62 16.47
N ASN D 295 30.75 -15.71 16.59
CA ASN D 295 30.23 -17.08 16.45
C ASN D 295 29.41 -17.49 17.67
N ASP D 296 29.70 -16.90 18.87
CA ASP D 296 28.98 -17.13 20.13
C ASP D 296 29.36 -16.10 21.19
N ASN D 297 28.86 -14.85 21.03
CA ASN D 297 29.13 -13.68 21.90
C ASN D 297 30.60 -13.22 21.84
N ILE D 298 31.49 -14.15 21.44
CA ILE D 298 32.92 -13.93 21.32
C ILE D 298 33.22 -13.55 19.91
N THR D 299 33.85 -12.37 19.79
CA THR D 299 34.31 -11.80 18.53
C THR D 299 35.64 -12.46 18.22
N THR D 300 35.81 -12.86 16.98
CA THR D 300 37.02 -13.52 16.47
C THR D 300 37.24 -12.96 15.07
N THR D 301 37.96 -13.71 14.22
CA THR D 301 38.21 -13.35 12.84
C THR D 301 38.13 -14.63 11.97
N GLU D 302 37.82 -15.73 12.64
CA GLU D 302 37.68 -17.05 12.04
C GLU D 302 36.27 -17.51 12.27
N GLN D 303 35.72 -18.25 11.32
CA GLN D 303 34.38 -18.79 11.44
C GLN D 303 34.40 -20.24 11.01
N THR D 304 33.84 -21.12 11.88
CA THR D 304 33.74 -22.56 11.64
C THR D 304 32.42 -22.81 10.89
N VAL D 305 32.52 -23.12 9.57
CA VAL D 305 31.41 -23.28 8.63
C VAL D 305 31.13 -24.74 8.28
N THR D 306 30.05 -25.29 8.82
CA THR D 306 29.68 -26.68 8.58
C THR D 306 29.00 -26.83 7.19
N VAL D 307 29.84 -26.91 6.15
CA VAL D 307 29.41 -27.03 4.74
C VAL D 307 28.92 -28.49 4.47
N SER D 308 27.77 -28.58 3.75
CA SER D 308 27.08 -29.83 3.35
C SER D 308 26.39 -29.68 1.99
N THR D 309 26.30 -30.79 1.23
CA THR D 309 25.64 -30.80 -0.09
C THR D 309 24.32 -31.59 -0.02
N GLU D 310 23.22 -30.93 -0.45
CA GLU D 310 21.87 -31.45 -0.47
C GLU D 310 21.63 -32.36 -1.65
N ILE D 311 21.10 -33.56 -1.38
CA ILE D 311 20.73 -34.51 -2.43
C ILE D 311 19.24 -34.33 -2.74
N THR D 312 18.91 -34.03 -4.01
CA THR D 312 17.52 -33.91 -4.44
C THR D 312 16.89 -35.33 -4.48
N LEU D 313 15.78 -35.49 -3.75
CA LEU D 313 15.02 -36.72 -3.70
C LEU D 313 13.88 -36.67 -4.69
N TRP D 314 13.35 -35.45 -4.95
CA TRP D 314 12.23 -35.22 -5.86
C TRP D 314 12.14 -33.73 -6.19
N SER D 315 11.63 -33.43 -7.40
CA SER D 315 11.40 -32.09 -7.93
C SER D 315 10.13 -32.10 -8.85
N GLY D 316 9.32 -31.05 -8.75
CA GLY D 316 8.10 -30.91 -9.53
C GLY D 316 7.18 -29.83 -8.99
N HIS D 317 5.87 -30.07 -9.03
CA HIS D 317 4.87 -29.10 -8.55
C HIS D 317 3.58 -29.85 -8.16
N HIS D 318 3.69 -30.64 -7.07
CA HIS D 318 2.60 -31.50 -6.61
C HIS D 318 1.63 -30.82 -5.64
N TYR D 319 0.41 -30.51 -6.09
CA TYR D 319 -0.61 -29.97 -5.19
C TYR D 319 -1.02 -31.01 -4.15
N VAL D 320 -1.32 -30.59 -2.93
CA VAL D 320 -1.75 -31.43 -1.80
C VAL D 320 -3.09 -30.88 -1.27
N SER D 321 -4.14 -31.74 -1.21
CA SER D 321 -5.47 -31.40 -0.66
C SER D 321 -6.17 -32.59 -0.04
N TRP D 322 -6.25 -32.65 1.28
CA TRP D 322 -6.88 -33.76 1.96
C TRP D 322 -8.41 -33.82 1.77
N ASP D 323 -8.94 -32.85 1.03
CA ASP D 323 -10.35 -32.79 0.65
C ASP D 323 -10.58 -33.69 -0.59
N LYS D 324 -9.54 -33.88 -1.47
CA LYS D 324 -9.68 -34.75 -2.63
C LYS D 324 -10.05 -36.22 -2.17
N PRO D 325 -10.74 -37.07 -3.00
CA PRO D 325 -11.04 -38.43 -2.54
C PRO D 325 -9.80 -39.31 -2.52
N ASP D 326 -9.85 -40.38 -1.71
CA ASP D 326 -8.74 -41.34 -1.55
C ASP D 326 -8.62 -41.99 -2.88
N GLY D 327 -7.41 -41.98 -3.40
CA GLY D 327 -7.14 -42.46 -4.74
C GLY D 327 -6.60 -41.34 -5.57
N ASP D 328 -7.14 -40.10 -5.37
CA ASP D 328 -6.66 -38.93 -6.08
C ASP D 328 -5.19 -38.78 -5.76
N PRO D 329 -4.32 -38.63 -6.79
CA PRO D 329 -2.87 -38.55 -6.53
C PRO D 329 -2.48 -37.28 -5.81
N ASN D 330 -3.26 -36.18 -6.02
CA ASN D 330 -3.02 -34.84 -5.44
C ASN D 330 -3.73 -34.66 -4.07
N LYS D 331 -4.24 -35.78 -3.53
CA LYS D 331 -4.84 -35.86 -2.21
C LYS D 331 -3.72 -35.73 -1.18
N THR D 332 -2.49 -36.16 -1.56
CA THR D 332 -1.26 -36.15 -0.75
C THR D 332 -0.03 -36.15 -1.65
N PHE D 333 1.17 -35.98 -1.05
CA PHE D 333 2.44 -36.14 -1.77
C PHE D 333 3.08 -37.41 -1.23
N GLY D 334 3.22 -38.40 -2.09
CA GLY D 334 3.80 -39.68 -1.74
C GLY D 334 4.69 -40.21 -2.84
N LEU D 335 5.25 -39.29 -3.65
CA LEU D 335 6.09 -39.58 -4.80
C LEU D 335 7.55 -39.89 -4.48
N ILE D 336 7.87 -40.18 -3.21
CA ILE D 336 9.22 -40.64 -2.86
C ILE D 336 9.12 -42.08 -2.27
N PRO D 337 9.58 -43.08 -3.06
CA PRO D 337 9.50 -44.48 -2.63
C PRO D 337 10.18 -44.81 -1.32
N MET D 338 9.61 -45.80 -0.61
CA MET D 338 10.08 -46.29 0.68
C MET D 338 11.54 -46.59 0.70
N ASP D 339 12.05 -47.29 -0.36
CA ASP D 339 13.46 -47.67 -0.51
C ASP D 339 14.42 -46.45 -0.50
N VAL D 340 13.98 -45.29 -1.06
CA VAL D 340 14.75 -44.04 -1.05
C VAL D 340 14.94 -43.63 0.39
N PHE D 341 13.88 -43.80 1.19
CA PHE D 341 13.93 -43.40 2.58
C PHE D 341 14.81 -44.30 3.40
N ALA D 342 14.98 -45.58 3.00
CA ALA D 342 15.85 -46.50 3.75
C ALA D 342 17.31 -46.06 3.55
N GLY D 343 17.61 -45.48 2.40
CA GLY D 343 18.92 -44.92 2.06
C GLY D 343 19.30 -43.73 2.94
N ILE D 344 18.29 -43.02 3.49
CA ILE D 344 18.52 -41.88 4.36
C ILE D 344 18.95 -42.44 5.71
N THR D 345 20.06 -41.93 6.22
CA THR D 345 20.61 -42.35 7.50
C THR D 345 19.98 -41.44 8.53
N ALA D 346 19.96 -41.88 9.80
CA ALA D 346 19.44 -41.04 10.86
C ALA D 346 20.26 -39.76 10.96
N GLY D 347 19.64 -38.70 11.45
CA GLY D 347 20.26 -37.41 11.63
C GLY D 347 20.27 -36.59 10.37
N SER D 348 19.87 -37.18 9.22
CA SER D 348 19.85 -36.42 7.97
C SER D 348 18.81 -35.30 8.03
N THR D 349 18.87 -34.33 7.11
CA THR D 349 17.95 -33.21 7.21
C THR D 349 17.07 -33.07 5.96
N LEU D 350 15.83 -33.50 6.10
CA LEU D 350 14.87 -33.44 5.01
C LEU D 350 14.27 -32.04 4.90
N LYS D 351 14.42 -31.43 3.72
CA LYS D 351 13.86 -30.12 3.42
C LYS D 351 12.70 -30.35 2.42
N VAL D 352 11.58 -29.69 2.64
CA VAL D 352 10.43 -29.81 1.73
C VAL D 352 10.09 -28.39 1.20
N VAL D 353 10.47 -28.09 -0.05
CA VAL D 353 10.23 -26.77 -0.64
C VAL D 353 8.78 -26.70 -1.11
N TYR D 354 7.97 -25.78 -0.53
CA TYR D 354 6.54 -25.65 -0.84
C TYR D 354 6.13 -24.29 -1.31
N SER D 355 5.01 -24.22 -2.05
CA SER D 355 4.42 -22.96 -2.55
C SER D 355 2.94 -22.91 -2.23
N ILE D 356 2.39 -21.70 -2.07
CA ILE D 356 0.96 -21.56 -1.74
C ILE D 356 0.08 -21.75 -2.96
N GLU D 357 -1.20 -22.03 -2.72
CA GLU D 357 -2.22 -22.06 -3.75
C GLU D 357 -3.13 -20.85 -3.47
N PRO D 358 -2.89 -19.73 -4.17
CA PRO D 358 -3.62 -18.50 -3.86
C PRO D 358 -5.14 -18.63 -3.72
N THR D 359 -5.80 -19.42 -4.58
CA THR D 359 -7.25 -19.62 -4.50
C THR D 359 -7.70 -20.35 -3.23
N ALA D 360 -6.73 -20.87 -2.41
CA ALA D 360 -7.08 -21.61 -1.19
C ALA D 360 -7.38 -20.72 -0.01
N GLU D 361 -8.44 -21.09 0.67
CA GLU D 361 -9.01 -20.42 1.82
C GLU D 361 -8.12 -20.55 3.07
N TYR D 362 -7.10 -21.46 3.03
CA TYR D 362 -6.13 -21.75 4.11
C TYR D 362 -4.96 -22.55 3.60
N HIS D 363 -3.89 -22.67 4.41
CA HIS D 363 -2.67 -23.41 4.04
C HIS D 363 -2.08 -24.16 5.24
N LYS D 364 -2.28 -25.47 5.27
CA LYS D 364 -1.82 -26.40 6.32
C LYS D 364 -0.95 -27.48 5.67
N MET D 365 0.02 -28.02 6.42
CA MET D 365 0.88 -29.09 5.90
C MET D 365 1.40 -29.95 7.02
N GLN D 366 1.73 -31.20 6.70
CA GLN D 366 2.33 -32.08 7.67
C GLN D 366 3.15 -33.15 7.04
N LEU D 367 4.30 -33.39 7.66
CA LEU D 367 5.18 -34.44 7.26
C LEU D 367 4.75 -35.64 8.09
N ALA D 368 4.35 -36.70 7.40
CA ALA D 368 3.85 -37.88 8.10
C ALA D 368 4.20 -39.10 7.33
N THR D 369 4.06 -40.27 7.98
CA THR D 369 4.27 -41.60 7.40
C THR D 369 3.04 -41.97 6.52
N GLY D 370 3.09 -43.09 5.82
CA GLY D 370 1.96 -43.50 4.98
C GLY D 370 0.67 -43.85 5.71
N TYR D 371 0.74 -44.08 7.04
CA TYR D 371 -0.44 -44.37 7.87
C TYR D 371 -0.92 -43.07 8.52
N TRP D 372 -0.36 -41.90 7.99
CA TRP D 372 -0.70 -40.52 8.32
C TRP D 372 -0.20 -40.08 9.69
N THR D 373 0.78 -40.82 10.28
CA THR D 373 1.34 -40.48 11.61
C THR D 373 2.26 -39.30 11.51
N GLY D 374 2.01 -38.28 12.31
CA GLY D 374 2.81 -37.07 12.26
C GLY D 374 4.27 -37.26 12.64
N LEU D 375 5.17 -36.63 11.87
CA LEU D 375 6.61 -36.67 12.12
C LEU D 375 7.00 -35.42 12.89
N ALA D 376 6.09 -34.45 12.93
CA ALA D 376 6.22 -33.21 13.68
C ALA D 376 4.85 -32.53 13.63
N SER D 377 4.70 -31.42 14.31
CA SER D 377 3.48 -30.63 14.32
C SER D 377 2.93 -30.37 12.92
N GLU D 378 1.62 -30.13 12.82
CA GLU D 378 0.98 -29.70 11.58
C GLU D 378 1.37 -28.24 11.46
N MET D 379 1.61 -27.74 10.26
CA MET D 379 2.01 -26.35 10.13
C MET D 379 1.11 -25.47 9.29
N GLU D 380 0.55 -24.40 9.91
CA GLU D 380 -0.26 -23.42 9.20
C GLU D 380 0.64 -22.25 8.79
N PHE D 381 0.58 -21.94 7.51
CA PHE D 381 1.37 -20.91 6.90
C PHE D 381 0.51 -20.06 5.96
N THR D 382 1.13 -19.04 5.36
CA THR D 382 0.41 -18.08 4.53
C THR D 382 1.22 -17.60 3.27
N GLU D 383 2.55 -17.73 3.30
CA GLU D 383 3.41 -17.41 2.15
C GLU D 383 4.30 -18.64 1.86
N ASN D 384 4.97 -18.69 0.66
CA ASN D 384 5.80 -19.86 0.26
C ASN D 384 6.91 -20.14 1.25
N GLY D 385 7.61 -21.27 1.11
CA GLY D 385 8.70 -21.55 2.04
C GLY D 385 9.44 -22.85 1.87
N GLU D 386 10.28 -23.15 2.88
CA GLU D 386 11.02 -24.39 2.99
C GLU D 386 10.85 -24.89 4.42
N TYR D 387 10.43 -26.16 4.59
CA TYR D 387 10.22 -26.78 5.89
C TYR D 387 11.35 -27.78 6.10
N THR D 388 12.06 -27.74 7.25
CA THR D 388 13.09 -28.76 7.45
C THR D 388 12.81 -29.67 8.65
N LEU D 389 13.20 -30.92 8.52
CA LEU D 389 12.99 -31.93 9.51
C LEU D 389 14.15 -32.90 9.57
N ILE D 390 14.74 -33.02 10.77
CA ILE D 390 15.79 -33.98 10.97
C ILE D 390 15.12 -35.34 11.13
N LEU D 391 15.51 -36.26 10.26
CA LEU D 391 14.91 -37.57 10.29
C LEU D 391 15.62 -38.45 11.29
N THR D 392 14.94 -38.81 12.38
CA THR D 392 15.55 -39.64 13.41
C THR D 392 15.43 -41.13 13.06
N GLN D 393 16.20 -41.99 13.76
CA GLN D 393 16.11 -43.43 13.48
C GLN D 393 14.68 -43.94 13.73
N ASP D 394 13.92 -43.37 14.74
CA ASP D 394 12.50 -43.72 15.00
C ASP D 394 11.67 -43.34 13.79
N MET D 395 11.88 -42.13 13.27
CA MET D 395 11.19 -41.61 12.10
C MET D 395 11.44 -42.46 10.87
N LEU D 396 12.69 -42.85 10.68
CA LEU D 396 13.08 -43.64 9.53
C LEU D 396 12.43 -45.03 9.53
N ASN D 397 12.27 -45.54 10.75
CA ASN D 397 11.69 -46.82 11.03
C ASN D 397 10.21 -46.73 10.88
N LYS D 398 9.57 -45.67 11.48
CA LYS D 398 8.12 -45.45 11.39
C LYS D 398 7.75 -45.37 9.94
N ILE D 399 8.51 -44.60 9.15
CA ILE D 399 8.35 -44.51 7.69
C ILE D 399 8.38 -45.90 7.05
N GLN D 400 9.37 -46.77 7.41
CA GLN D 400 9.48 -48.14 6.86
C GLN D 400 8.35 -49.07 7.28
N ALA D 401 7.83 -48.88 8.49
CA ALA D 401 6.77 -49.70 9.04
C ALA D 401 5.39 -49.26 8.56
N GLU D 402 5.19 -47.96 8.41
CA GLU D 402 3.91 -47.35 8.08
C GLU D 402 3.79 -46.92 6.62
N ALA D 403 4.21 -47.81 5.70
CA ALA D 403 4.11 -47.62 4.25
C ALA D 403 4.59 -46.26 3.72
N GLY D 404 5.86 -45.97 3.92
CA GLY D 404 6.50 -44.78 3.36
C GLY D 404 6.31 -43.45 4.04
N PHE D 405 6.37 -42.40 3.20
CA PHE D 405 6.38 -40.98 3.54
C PHE D 405 5.32 -40.16 2.80
N LEU D 406 4.78 -39.20 3.49
CA LEU D 406 3.75 -38.37 2.94
C LEU D 406 3.88 -36.94 3.34
N CYS D 407 3.47 -36.09 2.41
CA CYS D 407 3.28 -34.68 2.69
C CYS D 407 1.81 -34.55 2.51
N VAL D 408 1.15 -34.16 3.59
CA VAL D 408 -0.28 -34.11 3.78
C VAL D 408 -0.72 -32.64 4.05
N GLY D 409 -2.00 -32.33 3.88
CA GLY D 409 -2.46 -30.99 4.15
C GLY D 409 -3.40 -30.42 3.10
N HIS D 410 -3.36 -29.10 2.92
CA HIS D 410 -4.24 -28.41 1.99
C HIS D 410 -3.66 -27.07 1.49
N GLY D 411 -4.13 -26.69 0.30
CA GLY D 411 -3.81 -25.46 -0.41
C GLY D 411 -2.35 -25.13 -0.57
N TYR D 412 -1.52 -26.14 -0.84
CA TYR D 412 -0.09 -25.93 -1.04
C TYR D 412 0.45 -26.88 -2.08
N TYR D 413 1.69 -26.68 -2.54
CA TYR D 413 2.34 -27.49 -3.56
C TYR D 413 3.68 -27.94 -3.05
N VAL D 414 4.13 -29.16 -3.40
CA VAL D 414 5.47 -29.64 -3.02
C VAL D 414 6.26 -29.47 -4.29
N ASP D 415 7.29 -28.63 -4.24
CA ASP D 415 8.08 -28.25 -5.38
C ASP D 415 9.38 -29.02 -5.45
N LEU D 416 9.98 -29.29 -4.28
CA LEU D 416 11.25 -30.00 -4.16
C LEU D 416 11.37 -30.66 -2.82
N VAL D 417 12.03 -31.80 -2.77
CA VAL D 417 12.31 -32.49 -1.52
C VAL D 417 13.80 -32.88 -1.59
N THR D 418 14.61 -32.37 -0.64
CA THR D 418 16.07 -32.64 -0.55
C THR D 418 16.48 -33.22 0.80
N VAL D 419 17.70 -33.79 0.87
CA VAL D 419 18.24 -34.41 2.10
C VAL D 419 19.77 -34.14 2.29
N LYS D 420 20.19 -33.72 3.50
CA LYS D 420 21.61 -33.46 3.80
C LYS D 420 21.95 -33.73 5.26
#